data_1HHU
# 
_entry.id   1HHU 
# 
_audit_conform.dict_name       mmcif_pdbx.dic 
_audit_conform.dict_version    5.381 
_audit_conform.dict_location   http://mmcif.pdb.org/dictionaries/ascii/mmcif_pdbx.dic 
# 
loop_
_database_2.database_id 
_database_2.database_code 
_database_2.pdbx_database_accession 
_database_2.pdbx_DOI 
PDB   1HHU         pdb_00001hhu 10.2210/pdb1hhu/pdb 
PDBE  EBI-5732     ?            ?                   
WWPDB D_1290005732 ?            ?                   
# 
loop_
_pdbx_database_related.db_name 
_pdbx_database_related.db_id 
_pdbx_database_related.content_type 
_pdbx_database_related.details 
PDB 1GO6 unspecified 'CRYSTAL STRUCTURE OF BALHIMYCIN COMPLEXED WITH THE PEPTIDE LYS-DAL-DAL'       
PDB 1HHY unspecified 'CRYSTAL STRUCURE OF DEGLUCOBALHIMYCIN COMPLEXED WITH DAL-DAL'                 
PDB 1HHZ unspecified 'CRYSTAL STRUCTURE OF DEGLUCOBALHIMYCIN COPMLEXED WITH CELL WALL PENTAPEPTIDE' 
# 
_pdbx_database_status.status_code                     REL 
_pdbx_database_status.entry_id                        1HHU 
_pdbx_database_status.deposit_site                    PDBE 
_pdbx_database_status.process_site                    PDBE 
_pdbx_database_status.SG_entry                        . 
_pdbx_database_status.recvd_initial_deposition_date   2000-12-28 
_pdbx_database_status.pdb_format_compatible           Y 
_pdbx_database_status.status_code_sf                  REL 
_pdbx_database_status.status_code_mr                  ? 
_pdbx_database_status.status_code_cs                  ? 
_pdbx_database_status.methods_development_category    ? 
_pdbx_database_status.status_code_nmr_data            ? 
# 
loop_
_audit_author.name 
_audit_author.pdbx_ordinal 
'Lehmann, C.'     1 
'Bunkoczi, G.'    2 
'Sheldrick, G.M.' 3 
'Vertessy, L.'    4 
# 
_citation.id                        primary 
_citation.title                     
'Structures of Glycopeptide Antibiotics with Peptides that Model Bacterial Cell-Wall Precursors' 
_citation.journal_abbrev            J.Mol.Biol. 
_citation.journal_volume            318 
_citation.page_first                723 
_citation.page_last                 ? 
_citation.year                      2002 
_citation.journal_id_ASTM           JMOBAK 
_citation.country                   UK 
_citation.journal_id_ISSN           0022-2836 
_citation.journal_id_CSD            0070 
_citation.book_publisher            ? 
_citation.pdbx_database_id_PubMed   12054818 
_citation.pdbx_database_id_DOI      '10.1016/S0022-2836(02)00146-8' 
# 
loop_
_citation_author.citation_id 
_citation_author.name 
_citation_author.ordinal 
_citation_author.identifier_ORCID 
primary 'Lehmann, C.'     1 ? 
primary 'Bunkoczi, G.'    2 ? 
primary 'Vertesy, L.'     3 ? 
primary 'Sheldrick, G.M.' 4 ? 
# 
_cell.entry_id           1HHU 
_cell.length_a           22.705 
_cell.length_b           27.986 
_cell.length_c           44.490 
_cell.angle_alpha        90.00 
_cell.angle_beta         93.18 
_cell.angle_gamma        90.00 
_cell.Z_PDB              8 
_cell.pdbx_unique_axis   ? 
# 
_symmetry.entry_id                         1HHU 
_symmetry.space_group_name_H-M             'P 1 21 1' 
_symmetry.pdbx_full_space_group_name_H-M   ? 
_symmetry.cell_setting                     ? 
_symmetry.Int_Tables_number                4 
# 
loop_
_entity.id 
_entity.type 
_entity.src_method 
_entity.pdbx_description 
_entity.formula_weight 
_entity.pdbx_number_of_molecules 
_entity.pdbx_ec 
_entity.pdbx_mutation 
_entity.pdbx_fragment 
_entity.details 
1 polymer     nat BALHIMYCIN                                           1149.977 4   ? ? ? ? 
2 non-polymer man beta-D-glucopyranose                                 180.156  4   ? ? ? ? 
3 non-polymer man '(2R,4S,6S)-4-azanyl-4,6-dimethyl-oxane-2,5,5-triol' 177.198  4   ? ? ? ? 
4 non-polymer syn D-ALANINE                                            89.093   8   ? ? ? ? 
5 non-polymer syn 'CITRIC ACID'                                        192.124  5   ? ? ? ? 
6 non-polymer syn '(4S)-2-METHYL-2,4-PENTANEDIOL'                      118.174  2   ? ? ? ? 
7 water       nat water                                                18.015   125 ? ? ? ? 
# 
_entity_poly.entity_id                      1 
_entity_poly.type                           'polypeptide(L)' 
_entity_poly.nstd_linkage                   no 
_entity_poly.nstd_monomer                   yes 
_entity_poly.pdbx_seq_one_letter_code       '(MLU)(OMZ)N(GHP)(GHP)(OMY)(3FG)' 
_entity_poly.pdbx_seq_one_letter_code_can   XXNGGYX 
_entity_poly.pdbx_strand_id                 A,B,C,D 
_entity_poly.pdbx_target_identifier         ? 
# 
loop_
_entity_poly_seq.entity_id 
_entity_poly_seq.num 
_entity_poly_seq.mon_id 
_entity_poly_seq.hetero 
1 1 MLU n 
1 2 OMZ n 
1 3 ASN n 
1 4 GHP n 
1 5 GHP n 
1 6 OMY n 
1 7 3FG n 
# 
_entity_src_nat.entity_id                  1 
_entity_src_nat.pdbx_src_id                1 
_entity_src_nat.pdbx_alt_source_flag       sample 
_entity_src_nat.pdbx_beg_seq_num           ? 
_entity_src_nat.pdbx_end_seq_num           ? 
_entity_src_nat.common_name                ? 
_entity_src_nat.pdbx_organism_scientific   'AMYCOLATOPSIS SP.' 
_entity_src_nat.pdbx_ncbi_taxonomy_id      37632 
_entity_src_nat.genus                      ? 
_entity_src_nat.species                    ? 
_entity_src_nat.strain                     ? 
_entity_src_nat.tissue                     ? 
_entity_src_nat.tissue_fraction            ? 
_entity_src_nat.pdbx_secretion             ? 
_entity_src_nat.pdbx_fragment              ? 
_entity_src_nat.pdbx_variant               ? 
_entity_src_nat.pdbx_cell_line             ? 
_entity_src_nat.pdbx_atcc                  ? 
_entity_src_nat.pdbx_cellular_location     ? 
_entity_src_nat.pdbx_organ                 ? 
_entity_src_nat.pdbx_organelle             ? 
_entity_src_nat.pdbx_cell                  ? 
_entity_src_nat.pdbx_plasmid_name          ? 
_entity_src_nat.pdbx_plasmid_details       ? 
_entity_src_nat.details                    ? 
# 
_struct_ref.id                         1 
_struct_ref.db_name                    NOR 
_struct_ref.db_code                    NOR00709 
_struct_ref.entity_id                  1 
_struct_ref.pdbx_seq_one_letter_code   ? 
_struct_ref.pdbx_align_begin           ? 
_struct_ref.pdbx_db_accession          NOR00709 
_struct_ref.pdbx_db_isoform            ? 
# 
loop_
_struct_ref_seq.align_id 
_struct_ref_seq.ref_id 
_struct_ref_seq.pdbx_PDB_id_code 
_struct_ref_seq.pdbx_strand_id 
_struct_ref_seq.seq_align_beg 
_struct_ref_seq.pdbx_seq_align_beg_ins_code 
_struct_ref_seq.seq_align_end 
_struct_ref_seq.pdbx_seq_align_end_ins_code 
_struct_ref_seq.pdbx_db_accession 
_struct_ref_seq.db_align_beg 
_struct_ref_seq.pdbx_db_align_beg_ins_code 
_struct_ref_seq.db_align_end 
_struct_ref_seq.pdbx_db_align_end_ins_code 
_struct_ref_seq.pdbx_auth_seq_align_beg 
_struct_ref_seq.pdbx_auth_seq_align_end 
1 1 1HHU A 1 ? 7 ? NOR00709 1 ? 7 ? 1 7 
2 1 1HHU B 1 ? 7 ? NOR00709 1 ? 7 ? 1 7 
3 1 1HHU C 1 ? 7 ? NOR00709 1 ? 7 ? 1 7 
4 1 1HHU D 1 ? 7 ? NOR00709 1 ? 7 ? 1 7 
# 
loop_
_chem_comp.id 
_chem_comp.type 
_chem_comp.mon_nstd_flag 
_chem_comp.name 
_chem_comp.pdbx_synonyms 
_chem_comp.formula 
_chem_comp.formula_weight 
3FG 'L-peptide linking'           . '(2S)-amino(3,5-dihydroxyphenyl)ethanoic acid'       ?                                    
'C8 H9 N O4'     183.161 
ASN 'L-peptide linking'           y ASPARAGINE                                           ?                                    
'C4 H8 N2 O3'    132.118 
BGC 'D-saccharide, beta linking'  . beta-D-glucopyranose                                 'beta-D-glucose; D-glucose; glucose' 
'C6 H12 O6'      180.156 
CIT non-polymer                   . 'CITRIC ACID'                                        ?                                    
'C6 H8 O7'       192.124 
DAL 'D-peptide linking'           . D-ALANINE                                            ?                                    
'C3 H7 N O2'     89.093  
DVC 'L-saccharide, alpha linking' . '(2R,4S,6S)-4-azanyl-4,6-dimethyl-oxane-2,5,5-triol' ?                                    
'C7 H15 N O4'    177.198 
GHP 'D-peptide linking'           . '(2R)-amino(4-hydroxyphenyl)ethanoic acid'           ?                                    
'C8 H9 N O3'     167.162 
HOH non-polymer                   . WATER                                                ?                                    
'H2 O'           18.015  
MLU 'D-peptide linking'           . N-methyl-D-leucine                                   ?                                    
'C7 H15 N O2'    145.199 
MPD non-polymer                   . '(4S)-2-METHYL-2,4-PENTANEDIOL'                      ?                                    
'C6 H14 O2'      118.174 
OMY 'L-peptide linking'           n '(betaR)-3-chloro-beta-hydroxy-L-tyrosine'           ?                                    
'C9 H10 Cl N O4' 231.633 
OMZ 'D-peptide linking'           . '(betaR)-3-CHLORO-BETA-HYDROXY-D-TYROSINE'           ?                                    
'C9 H10 Cl N O4' 231.633 
# 
_exptl.entry_id          1HHU 
_exptl.method            'X-RAY DIFFRACTION' 
_exptl.crystals_number   1 
# 
_exptl_crystal.id                    1 
_exptl_crystal.density_meas          ? 
_exptl_crystal.density_Matthews      2.14 
_exptl_crystal.density_percent_sol   22.4 
_exptl_crystal.description           ? 
# 
_exptl_crystal_grow.crystal_id      1 
_exptl_crystal_grow.method          ? 
_exptl_crystal_grow.temp            ? 
_exptl_crystal_grow.temp_details    ? 
_exptl_crystal_grow.pH              7.00 
_exptl_crystal_grow.pdbx_pH_range   ? 
_exptl_crystal_grow.pdbx_details    '1M CIT, PH =7, 25% MPD' 
# 
_diffrn.id                     1 
_diffrn.ambient_temp           100.0 
_diffrn.ambient_temp_details   ? 
_diffrn.crystal_id             1 
# 
_diffrn_detector.diffrn_id              1 
_diffrn_detector.detector               'IMAGE PLATE' 
_diffrn_detector.type                   MARRESEARCH 
_diffrn_detector.pdbx_collection_date   1998-09-15 
_diffrn_detector.details                ? 
# 
_diffrn_radiation.diffrn_id                        1 
_diffrn_radiation.wavelength_id                    1 
_diffrn_radiation.pdbx_monochromatic_or_laue_m_l   M 
_diffrn_radiation.monochromator                    ? 
_diffrn_radiation.pdbx_diffrn_protocol             'SINGLE WAVELENGTH' 
_diffrn_radiation.pdbx_scattering_type             x-ray 
# 
_diffrn_radiation_wavelength.id           1 
_diffrn_radiation_wavelength.wavelength   0.9076 
_diffrn_radiation_wavelength.wt           1.0 
# 
_diffrn_source.diffrn_id                   1 
_diffrn_source.source                      SYNCHROTRON 
_diffrn_source.type                        'EMBL/DESY, HAMBURG BEAMLINE X11' 
_diffrn_source.pdbx_synchrotron_site       'EMBL/DESY, HAMBURG' 
_diffrn_source.pdbx_synchrotron_beamline   X11 
_diffrn_source.pdbx_wavelength             0.9076 
_diffrn_source.pdbx_wavelength_list        ? 
# 
_reflns.pdbx_diffrn_id               1 
_reflns.pdbx_ordinal                 1 
_reflns.entry_id                     1HHU 
_reflns.observed_criterion_sigma_I   ? 
_reflns.observed_criterion_sigma_F   ? 
_reflns.d_resolution_low             27.990 
_reflns.d_resolution_high            0.890 
_reflns.number_obs                   42306 
_reflns.number_all                   ? 
_reflns.percent_possible_obs         99.4 
_reflns.pdbx_Rmerge_I_obs            0.01690 
_reflns.pdbx_Rsym_value              ? 
_reflns.pdbx_netI_over_sigmaI        38.7600 
_reflns.B_iso_Wilson_estimate        ? 
_reflns.pdbx_redundancy              3.660 
# 
_reflns_shell.pdbx_diffrn_id         1 
_reflns_shell.pdbx_ordinal           1 
_reflns_shell.d_res_high             0.89 
_reflns_shell.d_res_low              1.00 
_reflns_shell.percent_possible_all   98.1 
_reflns_shell.Rmerge_I_obs           0.03390 
_reflns_shell.pdbx_Rsym_value        ? 
_reflns_shell.meanI_over_sigI_obs    24.670 
_reflns_shell.pdbx_redundancy        3.35 
# 
_refine.pdbx_refine_id                           'X-RAY DIFFRACTION' 
_refine.entry_id                                 1HHU 
_refine.pdbx_diffrn_id                           1 
_refine.pdbx_TLS_residual_ADP_flag               ? 
_refine.ls_number_reflns_obs                     ? 
_refine.ls_number_reflns_all                     82360 
_refine.pdbx_ls_sigma_I                          ? 
_refine.pdbx_ls_sigma_F                          0.0 
_refine.pdbx_data_cutoff_high_absF               ? 
_refine.pdbx_data_cutoff_low_absF                ? 
_refine.pdbx_data_cutoff_high_rms_absF           ? 
_refine.ls_d_res_low                             27.99 
_refine.ls_d_res_high                            0.89 
_refine.ls_percent_reflns_obs                    99.4 
_refine.ls_R_factor_obs                          0.0835 
_refine.ls_R_factor_all                          0.0837 
_refine.ls_R_factor_R_work                       ? 
_refine.ls_R_factor_R_free                       0.1004 
_refine.ls_R_factor_R_free_error                 ? 
_refine.ls_R_factor_R_free_error_details         ? 
_refine.ls_percent_reflns_R_free                 5.2 
_refine.ls_number_reflns_R_free                  4260 
_refine.ls_number_parameters                     6200 
_refine.ls_number_restraints                     9467 
_refine.occupancy_min                            ? 
_refine.occupancy_max                            ? 
_refine.correlation_coeff_Fo_to_Fc               ? 
_refine.correlation_coeff_Fo_to_Fc_free          ? 
_refine.B_iso_mean                               ? 
_refine.aniso_B[1][1]                            ? 
_refine.aniso_B[2][2]                            ? 
_refine.aniso_B[3][3]                            ? 
_refine.aniso_B[1][2]                            ? 
_refine.aniso_B[1][3]                            ? 
_refine.aniso_B[2][3]                            ? 
_refine.solvent_model_details                    'METHOD USED: MOEWS & KRETSINGER, J.MOL.BIOL.91(1973)201-228' 
_refine.solvent_model_param_ksol                 ? 
_refine.solvent_model_param_bsol                 ? 
_refine.pdbx_solvent_vdw_probe_radii             ? 
_refine.pdbx_solvent_ion_probe_radii             ? 
_refine.pdbx_solvent_shrinkage_radii             ? 
_refine.pdbx_ls_cross_valid_method               THROUGHOUT 
_refine.details                                  'FRIDEL OPPOSITES DURING REFINEMENT NOT MERGED' 
_refine.pdbx_starting_model                      ? 
_refine.pdbx_method_to_determine_struct          'DIRECT METHODS' 
_refine.pdbx_isotropic_thermal_model             ? 
_refine.pdbx_stereochemistry_target_values       'ENGH AND HUBER' 
_refine.pdbx_stereochem_target_val_spec_case     ? 
_refine.pdbx_R_Free_selection_details            SHELLS 
_refine.pdbx_overall_ESU_R                       ? 
_refine.pdbx_overall_ESU_R_Free                  ? 
_refine.overall_SU_ML                            ? 
_refine.pdbx_overall_phase_error                 ? 
_refine.overall_SU_B                             ? 
_refine.overall_SU_R_Cruickshank_DPI             ? 
_refine.pdbx_overall_SU_R_free_Cruickshank_DPI   ? 
_refine.pdbx_overall_SU_R_Blow_DPI               ? 
_refine.pdbx_overall_SU_R_free_Blow_DPI          ? 
# 
_refine_analyze.pdbx_refine_id                  'X-RAY DIFFRACTION' 
_refine_analyze.entry_id                        1HHU 
_refine_analyze.Luzzati_coordinate_error_obs    ? 
_refine_analyze.Luzzati_sigma_a_obs             ? 
_refine_analyze.Luzzati_d_res_low_obs           ? 
_refine_analyze.Luzzati_coordinate_error_free   ? 
_refine_analyze.Luzzati_sigma_a_free            ? 
_refine_analyze.Luzzati_d_res_low_free          ? 
_refine_analyze.number_disordered_residues      28 
_refine_analyze.occupancy_sum_hydrogen          354.50 
_refine_analyze.occupancy_sum_non_hydrogen      630.50 
# 
_refine_hist.pdbx_refine_id                   'X-RAY DIFFRACTION' 
_refine_hist.cycle_id                         LAST 
_refine_hist.pdbx_number_atoms_protein        320 
_refine_hist.pdbx_number_atoms_nucleic_acid   0 
_refine_hist.pdbx_number_atoms_ligand         210 
_refine_hist.number_atoms_solvent             125 
_refine_hist.number_atoms_total               655 
_refine_hist.d_res_high                       0.89 
_refine_hist.d_res_low                        27.99 
# 
loop_
_refine_ls_restr.type 
_refine_ls_restr.dev_ideal 
_refine_ls_restr.dev_ideal_target 
_refine_ls_restr.weight 
_refine_ls_restr.number 
_refine_ls_restr.pdbx_refine_id 
_refine_ls_restr.pdbx_restraint_function 
s_bond_d               0.027 ? ? ? 'X-RAY DIFFRACTION' ? 
s_angle_d              0.042 ? ? ? 'X-RAY DIFFRACTION' ? 
s_similar_dist         0.017 ? ? ? 'X-RAY DIFFRACTION' ? 
s_from_restr_planes    0.107 ? ? ? 'X-RAY DIFFRACTION' ? 
s_zero_chiral_vol      0.128 ? ? ? 'X-RAY DIFFRACTION' ? 
s_non_zero_chiral_vol  ?     ? ? ? 'X-RAY DIFFRACTION' ? 
s_anti_bump_dis_restr  0.082 ? ? ? 'X-RAY DIFFRACTION' ? 
s_rigid_bond_adp_cmpnt 0.006 ? ? ? 'X-RAY DIFFRACTION' ? 
s_similar_adp_cmpnt    0.029 ? ? ? 'X-RAY DIFFRACTION' ? 
s_approx_iso_adps      0.065 ? ? ? 'X-RAY DIFFRACTION' ? 
# 
_pdbx_refine.pdbx_refine_id                              'X-RAY DIFFRACTION' 
_pdbx_refine.entry_id                                    1HHU 
_pdbx_refine.R_factor_all_no_cutoff                      0.0837 
_pdbx_refine.R_factor_obs_no_cutoff                      0.0835 
_pdbx_refine.free_R_factor_no_cutoff                     0.1004 
_pdbx_refine.free_R_error_no_cutoff                      ? 
_pdbx_refine.free_R_val_test_set_size_perc_no_cutoff     5.2 
_pdbx_refine.free_R_val_test_set_ct_no_cutoff            4260 
_pdbx_refine.R_factor_all_4sig_cutoff                    0.0824 
_pdbx_refine.R_factor_obs_4sig_cutoff                    0.0822 
_pdbx_refine.free_R_factor_4sig_cutoff                   0.0985 
_pdbx_refine.free_R_val_test_set_size_perc_4sig_cutoff   5.2 
_pdbx_refine.free_R_val_test_set_ct_4sig_cutoff          4152 
_pdbx_refine.number_reflns_obs_4sig_cutoff               80430 
# 
loop_
_struct_ncs_oper.id 
_struct_ncs_oper.code 
_struct_ncs_oper.details 
_struct_ncs_oper.matrix[1][1] 
_struct_ncs_oper.matrix[1][2] 
_struct_ncs_oper.matrix[1][3] 
_struct_ncs_oper.matrix[2][1] 
_struct_ncs_oper.matrix[2][2] 
_struct_ncs_oper.matrix[2][3] 
_struct_ncs_oper.matrix[3][1] 
_struct_ncs_oper.matrix[3][2] 
_struct_ncs_oper.matrix[3][3] 
_struct_ncs_oper.vector[1] 
_struct_ncs_oper.vector[2] 
_struct_ncs_oper.vector[3] 
1 given ? -0.94643018 -0.28788312 0.14627529  -0.03511873 0.54205947  0.83960830  -0.32100199 0.78948890  -0.52312929 -0.67566 0.50687  -1.11384 
2 given ? 0.91096735  0.01172480  0.41231071  0.01055228  -0.99993125 0.00511868  0.41234021  -0.00031320 -0.91103610 0.09773  -0.02819 -0.01396 
3 given ? -0.99522635 0.06677603  -0.07113824 0.02348297  -0.54368786 -0.83896510 -0.09470339 -0.83662408 0.53952422  -1.18907 -0.54750 0.73215  
# 
_struct.entry_id                  1HHU 
_struct.title                     'Balhimycin in complex with D-Ala-D-Ala' 
_struct.pdbx_model_details        ? 
_struct.pdbx_CASP_flag            ? 
_struct.pdbx_model_type_details   ? 
# 
_struct_keywords.entry_id        1HHU 
_struct_keywords.pdbx_keywords   ANTIBIOTIC 
_struct_keywords.text            'ANTIBIOTIC, GLYCOPEPTIDE, CELL WALL PEPTIDES' 
# 
loop_
_struct_asym.id 
_struct_asym.pdbx_blank_PDB_chainid_flag 
_struct_asym.pdbx_modified 
_struct_asym.entity_id 
_struct_asym.details 
A  N N 1 ? 
B  N N 1 ? 
C  N N 1 ? 
D  N N 1 ? 
E  N N 2 ? 
F  N N 3 ? 
G  N N 4 ? 
H  N N 4 ? 
I  N N 5 ? 
J  N N 5 ? 
K  N N 5 ? 
L  N N 5 ? 
M  N N 6 ? 
N  N N 2 ? 
O  N N 3 ? 
P  N N 4 ? 
Q  N N 4 ? 
R  N N 5 ? 
S  N N 6 ? 
T  N N 2 ? 
U  N N 3 ? 
V  N N 4 ? 
W  N N 4 ? 
X  N N 2 ? 
Y  N N 3 ? 
Z  N N 4 ? 
AA N N 4 ? 
BA N N 7 ? 
CA N N 7 ? 
DA N N 7 ? 
EA N N 7 ? 
# 
_struct_biol.id   1 
# 
loop_
_struct_conn.id 
_struct_conn.conn_type_id 
_struct_conn.pdbx_leaving_atom_flag 
_struct_conn.pdbx_PDB_id 
_struct_conn.ptnr1_label_asym_id 
_struct_conn.ptnr1_label_comp_id 
_struct_conn.ptnr1_label_seq_id 
_struct_conn.ptnr1_label_atom_id 
_struct_conn.pdbx_ptnr1_label_alt_id 
_struct_conn.pdbx_ptnr1_PDB_ins_code 
_struct_conn.pdbx_ptnr1_standard_comp_id 
_struct_conn.ptnr1_symmetry 
_struct_conn.ptnr2_label_asym_id 
_struct_conn.ptnr2_label_comp_id 
_struct_conn.ptnr2_label_seq_id 
_struct_conn.ptnr2_label_atom_id 
_struct_conn.pdbx_ptnr2_label_alt_id 
_struct_conn.pdbx_ptnr2_PDB_ins_code 
_struct_conn.ptnr1_auth_asym_id 
_struct_conn.ptnr1_auth_comp_id 
_struct_conn.ptnr1_auth_seq_id 
_struct_conn.ptnr2_auth_asym_id 
_struct_conn.ptnr2_auth_comp_id 
_struct_conn.ptnr2_auth_seq_id 
_struct_conn.ptnr2_symmetry 
_struct_conn.pdbx_ptnr3_label_atom_id 
_struct_conn.pdbx_ptnr3_label_seq_id 
_struct_conn.pdbx_ptnr3_label_comp_id 
_struct_conn.pdbx_ptnr3_label_asym_id 
_struct_conn.pdbx_ptnr3_label_alt_id 
_struct_conn.pdbx_ptnr3_PDB_ins_code 
_struct_conn.details 
_struct_conn.pdbx_dist_value 
_struct_conn.pdbx_value_order 
_struct_conn.pdbx_role 
covale1  covale both ? A MLU 1 C   ? ? ? 1_555 A  OMZ 2 N   ? ? A MLU 1  A OMZ 2  1_555 ? ? ? ? ? ? ? 1.330 ? ? 
covale2  covale both ? A OMZ 2 C   ? ? ? 1_555 A  ASN 3 N   ? ? A OMZ 2  A ASN 3  1_555 ? ? ? ? ? ? ? 1.330 ? ? 
covale3  covale none ? A OMZ 2 OH  ? ? ? 1_555 A  GHP 4 C3  ? ? A OMZ 2  A GHP 4  1_555 ? ? ? ? ? ? ? 1.373 ? ? 
covale4  covale both ? A ASN 3 C   ? ? ? 1_555 A  GHP 4 N   ? ? A ASN 3  A GHP 4  1_555 ? ? ? ? ? ? ? 1.359 ? ? 
covale5  covale both ? A GHP 4 C   ? ? ? 1_555 A  GHP 5 N   ? ? A GHP 4  A GHP 5  1_555 ? ? ? ? ? ? ? 1.335 ? ? 
covale6  covale none ? A GHP 4 C5  ? ? ? 1_555 A  OMY 6 OCZ ? ? A GHP 4  A OMY 6  1_555 ? ? ? ? ? ? ? 1.397 ? ? 
covale7  covale one  ? A GHP 4 O4  ? ? ? 1_555 E  BGC . C1  ? ? A GHP 4  A BGC 8  1_555 ? ? ? ? ? ? ? 1.423 ? ? 
covale8  covale both ? A GHP 5 C   ? ? ? 1_555 A  OMY 6 N   ? ? A GHP 5  A OMY 6  1_555 ? ? ? ? ? ? ? 1.331 ? ? 
covale9  covale one  ? A GHP 5 C5  ? ? ? 1_555 A  3FG 7 CG1 ? ? A GHP 5  A 3FG 7  1_555 ? ? ? ? ? ? ? 1.502 ? ? 
covale10 covale both ? A OMY 6 C   ? ? ? 1_555 A  3FG 7 N   ? ? A OMY 6  A 3FG 7  1_555 ? ? ? ? ? ? ? 1.334 ? ? 
covale11 covale one  ? A OMY 6 ODE ? ? ? 1_555 F  DVC . C1  ? ? A OMY 6  A DVC 9  1_555 ? ? ? ? ? ? ? 1.417 ? ? 
covale12 covale both ? G DAL . C   ? ? ? 1_555 H  DAL . N   ? ? A DAL 11 A DAL 12 1_555 ? ? ? ? ? ? ? 1.327 ? ? 
covale13 covale both ? B MLU 1 C   ? ? ? 1_555 B  OMZ 2 N   ? ? B MLU 1  B OMZ 2  1_555 ? ? ? ? ? ? ? 1.327 ? ? 
covale14 covale both ? B OMZ 2 C   ? ? ? 1_555 B  ASN 3 N   ? ? B OMZ 2  B ASN 3  1_555 ? ? ? ? ? ? ? 1.333 ? ? 
covale15 covale none ? B OMZ 2 OH  ? ? ? 1_555 B  GHP 4 C3  ? ? B OMZ 2  B GHP 4  1_555 ? ? ? ? ? ? ? 1.392 ? ? 
covale16 covale both ? B ASN 3 C   ? ? ? 1_555 B  GHP 4 N   ? ? B ASN 3  B GHP 4  1_555 ? ? ? ? ? ? ? 1.353 ? ? 
covale17 covale both ? B GHP 4 C   ? ? ? 1_555 B  GHP 5 N   ? ? B GHP 4  B GHP 5  1_555 ? ? ? ? ? ? ? 1.332 ? ? 
covale18 covale none ? B GHP 4 C5  ? ? ? 1_555 B  OMY 6 OCZ ? ? B GHP 4  B OMY 6  1_555 ? ? ? ? ? ? ? 1.387 ? ? 
covale19 covale one  ? B GHP 4 O4  ? ? ? 1_555 N  BGC . C1  ? ? B GHP 4  B BGC 8  1_555 ? ? ? ? ? ? ? 1.409 ? ? 
covale20 covale both ? B GHP 5 C   ? ? ? 1_555 B  OMY 6 N   ? ? B GHP 5  B OMY 6  1_555 ? ? ? ? ? ? ? 1.319 ? ? 
covale21 covale one  ? B GHP 5 C5  ? ? ? 1_555 B  3FG 7 CG1 ? ? B GHP 5  B 3FG 7  1_555 ? ? ? ? ? ? ? 1.497 ? ? 
covale22 covale both ? B OMY 6 C   ? ? ? 1_555 B  3FG 7 N   ? ? B OMY 6  B 3FG 7  1_555 ? ? ? ? ? ? ? 1.334 ? ? 
covale23 covale one  ? B OMY 6 ODE ? ? ? 1_555 O  DVC . C1  ? ? B OMY 6  B DVC 9  1_555 ? ? ? ? ? ? ? 1.421 ? ? 
covale24 covale both ? P DAL . C   ? ? ? 1_555 Q  DAL . N   ? ? B DAL 11 B DAL 12 1_555 ? ? ? ? ? ? ? 1.308 ? ? 
covale25 covale both ? C MLU 1 C   ? ? ? 1_555 C  OMZ 2 N   ? ? C MLU 1  C OMZ 2  1_555 ? ? ? ? ? ? ? 1.347 ? ? 
covale26 covale both ? C OMZ 2 C   ? ? ? 1_555 C  ASN 3 N   ? ? C OMZ 2  C ASN 3  1_555 ? ? ? ? ? ? ? 1.336 ? ? 
covale27 covale none ? C OMZ 2 OH  ? ? ? 1_555 C  GHP 4 C3  ? ? C OMZ 2  C GHP 4  1_555 ? ? ? ? ? ? ? 1.369 ? ? 
covale28 covale both ? C ASN 3 C   ? ? ? 1_555 C  GHP 4 N   ? ? C ASN 3  C GHP 4  1_555 ? ? ? ? ? ? ? 1.341 ? ? 
covale29 covale both ? C GHP 4 C   ? ? ? 1_555 C  GHP 5 N   ? ? C GHP 4  C GHP 5  1_555 ? ? ? ? ? ? ? 1.333 ? ? 
covale30 covale none ? C GHP 4 C5  ? ? ? 1_555 C  OMY 6 OCZ ? ? C GHP 4  C OMY 6  1_555 ? ? ? ? ? ? ? 1.374 ? ? 
covale31 covale one  ? C GHP 4 O4  ? ? ? 1_555 T  BGC . C1  ? ? C GHP 4  C BGC 8  1_555 ? ? ? ? ? ? ? 1.416 ? ? 
covale32 covale both ? C GHP 5 C   ? ? ? 1_555 C  OMY 6 N   ? ? C GHP 5  C OMY 6  1_555 ? ? ? ? ? ? ? 1.336 ? ? 
covale33 covale one  ? C GHP 5 C5  ? ? ? 1_555 C  3FG 7 CG1 ? ? C GHP 5  C 3FG 7  1_555 ? ? ? ? ? ? ? 1.498 ? ? 
covale34 covale both ? C OMY 6 C   ? ? ? 1_555 C  3FG 7 N   ? ? C OMY 6  C 3FG 7  1_555 ? ? ? ? ? ? ? 1.337 ? ? 
covale35 covale one  ? C OMY 6 ODE ? ? ? 1_555 U  DVC . C1  ? ? C OMY 6  C DVC 9  1_555 ? ? ? ? ? ? ? 1.418 ? ? 
covale36 covale both ? V DAL . C   ? ? ? 1_555 W  DAL . N   ? ? C DAL 11 C DAL 12 1_555 ? ? ? ? ? ? ? 1.316 ? ? 
covale37 covale both ? D MLU 1 C   ? ? ? 1_555 D  OMZ 2 N   ? ? D MLU 1  D OMZ 2  1_555 ? ? ? ? ? ? ? 1.339 ? ? 
covale38 covale both ? D OMZ 2 C   ? ? ? 1_555 D  ASN 3 N   ? ? D OMZ 2  D ASN 3  1_555 ? ? ? ? ? ? ? 1.338 ? ? 
covale39 covale none ? D OMZ 2 OH  ? ? ? 1_555 D  GHP 4 C3  ? ? D OMZ 2  D GHP 4  1_555 ? ? ? ? ? ? ? 1.386 ? ? 
covale40 covale both ? D ASN 3 C   ? ? ? 1_555 D  GHP 4 N   ? ? D ASN 3  D GHP 4  1_555 ? ? ? ? ? ? ? 1.351 ? ? 
covale41 covale both ? D GHP 4 C   ? ? ? 1_555 D  GHP 5 N   ? ? D GHP 4  D GHP 5  1_555 ? ? ? ? ? ? ? 1.337 ? ? 
covale42 covale none ? D GHP 4 C5  ? ? ? 1_555 D  OMY 6 OCZ ? ? D GHP 4  D OMY 6  1_555 ? ? ? ? ? ? ? 1.382 ? ? 
covale43 covale one  ? D GHP 4 O4  ? ? ? 1_555 X  BGC . C1  ? ? D GHP 4  D BGC 8  1_555 ? ? ? ? ? ? ? 1.418 ? ? 
covale44 covale both ? D GHP 5 C   ? ? ? 1_555 D  OMY 6 N   ? ? D GHP 5  D OMY 6  1_555 ? ? ? ? ? ? ? 1.340 ? ? 
covale45 covale one  ? D GHP 5 C5  ? ? ? 1_555 D  3FG 7 CG1 ? ? D GHP 5  D 3FG 7  1_555 ? ? ? ? ? ? ? 1.492 ? ? 
covale46 covale both ? D OMY 6 C   ? ? ? 1_555 D  3FG 7 N   ? ? D OMY 6  D 3FG 7  1_555 ? ? ? ? ? ? ? 1.348 ? ? 
covale47 covale one  ? D OMY 6 ODE ? ? ? 1_555 Y  DVC . C1  ? ? D OMY 6  D DVC 9  1_555 ? ? ? ? ? ? ? 1.424 ? ? 
covale48 covale both ? Z DAL . C   ? ? ? 1_555 AA DAL . N   ? ? D DAL 11 D DAL 12 1_555 ? ? ? ? ? ? ? 1.318 ? ? 
# 
_struct_conn_type.id          covale 
_struct_conn_type.criteria    ? 
_struct_conn_type.reference   ? 
# 
loop_
_struct_mon_prot_cis.pdbx_id 
_struct_mon_prot_cis.label_comp_id 
_struct_mon_prot_cis.label_seq_id 
_struct_mon_prot_cis.label_asym_id 
_struct_mon_prot_cis.label_alt_id 
_struct_mon_prot_cis.pdbx_PDB_ins_code 
_struct_mon_prot_cis.auth_comp_id 
_struct_mon_prot_cis.auth_seq_id 
_struct_mon_prot_cis.auth_asym_id 
_struct_mon_prot_cis.pdbx_label_comp_id_2 
_struct_mon_prot_cis.pdbx_label_seq_id_2 
_struct_mon_prot_cis.pdbx_label_asym_id_2 
_struct_mon_prot_cis.pdbx_PDB_ins_code_2 
_struct_mon_prot_cis.pdbx_auth_comp_id_2 
_struct_mon_prot_cis.pdbx_auth_seq_id_2 
_struct_mon_prot_cis.pdbx_auth_asym_id_2 
_struct_mon_prot_cis.pdbx_PDB_model_num 
_struct_mon_prot_cis.pdbx_omega_angle 
1 GHP 5 A . ? GHP 5 A OMY 6 A ? OMY 6 A 1 -0.56 
2 GHP 5 B . ? GHP 5 B OMY 6 B ? OMY 6 B 1 -2.07 
3 GHP 5 C . ? GHP 5 C OMY 6 C ? OMY 6 C 1 2.22  
4 GHP 5 D . ? GHP 5 D OMY 6 D ? OMY 6 D 1 0.79  
# 
_atom_sites.entry_id                    1HHU 
_atom_sites.fract_transf_matrix[1][1]   -0.04308710 
_atom_sites.fract_transf_matrix[1][2]   -0.00004454 
_atom_sites.fract_transf_matrix[1][3]   -0.00944845 
_atom_sites.fract_transf_matrix[2][1]   -0.00422619 
_atom_sites.fract_transf_matrix[2][2]   0.02988143 
_atom_sites.fract_transf_matrix[2][3]   0.01913152 
_atom_sites.fract_transf_matrix[3][1]   0.00279428 
_atom_sites.fract_transf_matrix[3][2]   0.01232360 
_atom_sites.fract_transf_matrix[3][3]   -0.01863091 
_atom_sites.fract_transf_vector[1]      0.508414 
_atom_sites.fract_transf_vector[2]      1.131476 
_atom_sites.fract_transf_vector[3]      0.750454 
# 
loop_
_atom_type.symbol 
C  
CL 
H  
N  
O  
# 
loop_
_atom_site.group_PDB 
_atom_site.id 
_atom_site.type_symbol 
_atom_site.label_atom_id 
_atom_site.label_alt_id 
_atom_site.label_comp_id 
_atom_site.label_asym_id 
_atom_site.label_entity_id 
_atom_site.label_seq_id 
_atom_site.pdbx_PDB_ins_code 
_atom_site.Cartn_x 
_atom_site.Cartn_y 
_atom_site.Cartn_z 
_atom_site.occupancy 
_atom_site.B_iso_or_equiv 
_atom_site.pdbx_formal_charge 
_atom_site.auth_seq_id 
_atom_site.auth_comp_id 
_atom_site.auth_asym_id 
_atom_site.auth_atom_id 
_atom_site.pdbx_PDB_model_num 
HETATM 1    N  N    . MLU A  1 1 ? -10.984 -9.338  0.596   1.00 6.89  ? 1    MLU A N    1 
HETATM 2    C  CN   . MLU A  1 1 ? -10.927 -10.200 1.840   1.00 9.31  ? 1    MLU A CN   1 
HETATM 3    C  CA   . MLU A  1 1 ? -9.809  -8.445  0.488   1.00 5.67  ? 1    MLU A CA   1 
HETATM 4    C  C    . MLU A  1 1 ? -8.589  -9.349  0.427   1.00 4.46  ? 1    MLU A C    1 
HETATM 5    O  O    . MLU A  1 1 ? -8.534  -10.189 -0.460  1.00 7.33  ? 1    MLU A O    1 
HETATM 6    C  CB   . MLU A  1 1 ? -9.969  -7.780  -0.892  1.00 10.43 ? 1    MLU A CB   1 
HETATM 7    C  CG   . MLU A  1 1 ? -8.767  -7.139  -1.498  1.00 11.31 ? 1    MLU A CG   1 
HETATM 8    C  CD1  . MLU A  1 1 ? -8.996  -6.705  -2.903  1.00 16.80 ? 1    MLU A CD1  1 
HETATM 9    C  CD2  . MLU A  1 1 ? -8.381  -5.992  -0.766  1.00 19.11 ? 1    MLU A CD2  1 
HETATM 10   H  H    . MLU A  1 1 ? -11.023 -9.881  -0.147  1.00 8.27  ? 1    MLU A H    1 
HETATM 11   H  HA   . MLU A  1 1 ? -9.759  -7.780  1.234   1.00 6.80  ? 1    MLU A HA   1 
HETATM 12   H  HB2  . MLU A  1 1 ? -10.298 -8.467  -1.524  1.00 12.52 ? 1    MLU A HB2  1 
HETATM 13   H  HB3  . MLU A  1 1 ? -10.675 -7.090  -0.818  1.00 12.52 ? 1    MLU A HB3  1 
HETATM 14   H  HG   . MLU A  1 1 ? -8.013  -7.796  -1.484  1.00 13.57 ? 1    MLU A HG   1 
HETATM 15   H  HD11 . MLU A  1 1 ? -9.148  -7.492  -3.467  1.00 25.19 ? 1    MLU A HD11 1 
HETATM 16   H  HD12 . MLU A  1 1 ? -8.210  -6.218  -3.227  1.00 25.19 ? 1    MLU A HD12 1 
HETATM 17   H  HD13 . MLU A  1 1 ? -9.781  -6.119  -2.940  1.00 25.19 ? 1    MLU A HD13 1 
HETATM 18   H  HD21 . MLU A  1 1 ? -8.176  -6.247  0.158   1.00 28.66 ? 1    MLU A HD21 1 
HETATM 19   H  HD22 . MLU A  1 1 ? -9.114  -5.341  -0.769  1.00 28.66 ? 1    MLU A HD22 1 
HETATM 20   H  HD23 . MLU A  1 1 ? -7.587  -5.592  -1.177  1.00 28.66 ? 1    MLU A HD23 1 
HETATM 21   H  HN1  . MLU A  1 1 ? -11.714 -10.784 1.870   1.00 13.96 ? 1    MLU A HN1  1 
HETATM 22   H  HN2  . MLU A  1 1 ? -10.916 -9.626  2.634   1.00 13.96 ? 1    MLU A HN2  1 
HETATM 23   H  HN3  . MLU A  1 1 ? -10.115 -10.748 1.821   1.00 13.96 ? 1    MLU A HN3  1 
HETATM 24   N  N    . OMZ A  1 2 ? -7.662  -9.162  1.362   1.00 3.50  ? 2    OMZ A N    1 
HETATM 25   C  CA   . OMZ A  1 2 ? -6.484  -9.988  1.361   1.00 3.11  ? 2    OMZ A CA   1 
HETATM 26   C  C    . OMZ A  1 2 ? -5.153  -9.225  1.194   1.00 3.01  ? 2    OMZ A C    1 
HETATM 27   O  O    . OMZ A  1 2 ? -4.154  -9.881  0.869   1.00 3.76  ? 2    OMZ A O    1 
HETATM 28   C  CB   . OMZ A  1 2 ? -6.425  -10.983 2.566   1.00 3.14  ? 2    OMZ A CB   1 
HETATM 29   O  OC   . OMZ A  1 2 ? -7.690  -11.595 2.684   1.00 3.93  ? 2    OMZ A OC   1 
HETATM 30   C  CG   . OMZ A  1 2 ? -6.028  -10.302 3.860   1.00 3.09  ? 2    OMZ A CG   1 
HETATM 31   C  CD1  . OMZ A  1 2 ? -4.690  -10.319 4.240   1.00 2.81  ? 2    OMZ A CD1  1 
HETATM 32   C  CD2  . OMZ A  1 2 ? -6.945  -9.603  4.638   1.00 3.39  ? 2    OMZ A CD2  1 
HETATM 33   C  CE1  . OMZ A  1 2 ? -4.284  -9.624  5.369   1.00 2.97  ? 2    OMZ A CE1  1 
HETATM 34   CL CL   . OMZ A  1 2 ? -2.624  -9.594  5.843   1.00 3.92  ? 2    OMZ A CL   1 
HETATM 35   C  CE2  . OMZ A  1 2 ? -6.544  -8.910  5.760   1.00 3.44  ? 2    OMZ A CE2  1 
HETATM 36   C  CZ   . OMZ A  1 2 ? -5.200  -8.904  6.118   1.00 3.11  ? 2    OMZ A CZ   1 
HETATM 37   O  OH   . OMZ A  1 2 ? -4.799  -8.133  7.216   1.00 3.30  ? 2    OMZ A OH   1 
HETATM 38   H  H    . OMZ A  1 2 ? -7.767  -8.539  1.975   1.00 4.20  ? 2    OMZ A H    1 
HETATM 39   H  HA   . OMZ A  1 2 ? -6.564  -10.563 0.547   1.00 3.73  ? 2    OMZ A HA   1 
HETATM 40   H  HB   . OMZ A  1 2 ? -5.749  -11.691 2.360   1.00 3.76  ? 2    OMZ A HB   1 
HETATM 41   H  HC   . OMZ A  1 2 ? -7.993  -11.464 3.457   1.00 5.89  ? 2    OMZ A HC   1 
HETATM 42   H  HD1  . OMZ A  1 2 ? -4.056  -10.806 3.726   1.00 3.37  ? 2    OMZ A HD1  1 
HETATM 43   H  HD2  . OMZ A  1 2 ? -7.863  -9.603  4.393   1.00 4.07  ? 2    OMZ A HD2  1 
HETATM 44   H  HE2  . OMZ A  1 2 ? -7.182  -8.438  6.284   1.00 4.12  ? 2    OMZ A HE2  1 
ATOM   45   N  N    . ASN A  1 3 ? -5.162  -7.913  1.410   1.00 2.66  ? 3    ASN A N    1 
ATOM   46   C  CA   . ASN A  1 3 ? -4.043  -7.063  1.025   1.00 2.75  ? 3    ASN A CA   1 
ATOM   47   C  C    . ASN A  1 3 ? -3.347  -6.365  2.195   1.00 2.47  ? 3    ASN A C    1 
ATOM   48   O  O    . ASN A  1 3 ? -2.142  -6.521  2.390   1.00 3.07  ? 3    ASN A O    1 
ATOM   49   C  CB   . ASN A  1 3 ? -4.474  -6.004  0.009   1.00 3.61  ? 3    ASN A CB   1 
ATOM   50   C  CG   . ASN A  1 3 ? -4.796  -6.530  -1.357  1.00 4.54  ? 3    ASN A CG   1 
ATOM   51   O  OD1  . ASN A  1 3 ? -5.057  -7.694  -1.570  1.00 5.51  ? 3    ASN A OD1  1 
ATOM   52   N  ND2  . ASN A  1 3 ? -4.778  -5.615  -2.314  1.00 6.12  ? 3    ASN A ND2  1 
ATOM   53   H  H    . ASN A  1 3 ? -5.863  -7.547  1.797   1.00 3.19  ? 3    ASN A H    1 
ATOM   54   H  HA   . ASN A  1 3 ? -3.365  -7.647  0.578   1.00 3.30  ? 3    ASN A HA   1 
ATOM   55   H  HB2  . ASN A  1 3 ? -5.273  -5.536  0.362   1.00 4.33  ? 3    ASN A HB2  1 
ATOM   56   H  HB3  . ASN A  1 3 ? -3.749  -5.335  -0.074  1.00 4.33  ? 3    ASN A HB3  1 
ATOM   57   H  HD21 . ASN A  1 3 ? -4.583  -4.778  -2.119  1.00 7.35  ? 3    ASN A HD21 1 
ATOM   58   H  HD22 . ASN A  1 3 ? -4.960  -5.842  -3.145  1.00 7.35  ? 3    ASN A HD22 1 
HETATM 59   N  N    . GHP A  1 4 ? -4.107  -5.502  2.919   1.00 2.38  ? 4    GHP A N    1 
HETATM 60   C  CA   . GHP A  1 4 ? -3.492  -4.654  3.932   1.00 2.38  ? 4    GHP A CA   1 
HETATM 61   C  C    . GHP A  1 4 ? -4.000  -3.208  3.788   1.00 2.40  ? 4    GHP A C    1 
HETATM 62   O  O    . GHP A  1 4 ? -5.202  -2.947  3.801   1.00 3.18  ? 4    GHP A O    1 
HETATM 63   C  C1   . GHP A  1 4 ? -3.769  -5.121  5.362   1.00 2.38  ? 4    GHP A C1   1 
HETATM 64   C  C2   . GHP A  1 4 ? -4.190  -6.407  5.596   1.00 2.66  ? 4    GHP A C2   1 
HETATM 65   C  C3   . GHP A  1 4 ? -4.379  -6.861  6.919   1.00 2.82  ? 4    GHP A C3   1 
HETATM 66   C  C4   . GHP A  1 4 ? -4.163  -6.017  7.992   1.00 2.91  ? 4    GHP A C4   1 
HETATM 67   O  O4   . GHP A  1 4 ? -4.402  -6.459  9.272   1.00 2.96  ? 4    GHP A O4   1 
HETATM 68   C  C5   . GHP A  1 4 ? -3.805  -4.692  7.731   1.00 2.76  ? 4    GHP A C5   1 
HETATM 69   C  C6   . GHP A  1 4 ? -3.563  -4.252  6.438   1.00 2.71  ? 4    GHP A C6   1 
HETATM 70   H  H    . GHP A  1 4 ? -4.975  -5.456  2.776   1.00 2.86  ? 4    GHP A H    1 
HETATM 71   H  HA   . GHP A  1 4 ? -2.503  -4.655  3.787   1.00 2.86  ? 4    GHP A HA   1 
HETATM 72   H  HC2  . GHP A  1 4 ? -4.355  -6.993  4.866   1.00 3.19  ? 4    GHP A HC2  1 
HETATM 73   H  H6   . GHP A  1 4 ? -3.259  -3.365  6.285   1.00 3.25  ? 4    GHP A H6   1 
HETATM 74   N  N    . GHP A  1 5 ? -3.057  -2.265  3.741   1.00 2.19  ? 5    GHP A N    1 
HETATM 75   C  CA   . GHP A  1 5 ? -3.408  -0.868  3.957   1.00 2.26  ? 5    GHP A CA   1 
HETATM 76   C  C    . GHP A  1 5 ? -2.239  -0.224  4.718   1.00 2.23  ? 5    GHP A C    1 
HETATM 77   O  O    . GHP A  1 5 ? -1.086  -0.652  4.522   1.00 2.42  ? 5    GHP A O    1 
HETATM 78   C  C1   . GHP A  1 5 ? -3.615  -0.015  2.693   1.00 2.36  ? 5    GHP A C1   1 
HETATM 79   C  C2   . GHP A  1 5 ? -2.593  0.170   1.773   1.00 2.58  ? 5    GHP A C2   1 
HETATM 80   C  C3   . GHP A  1 5 ? -2.737  1.111   0.766   1.00 2.68  ? 5    GHP A C3   1 
HETATM 81   C  C4   . GHP A  1 5 ? -3.878  1.901   0.684   1.00 2.40  ? 5    GHP A C4   1 
HETATM 82   O  O4   . GHP A  1 5 ? -4.009  2.873   -0.259  1.00 2.99  ? 5    GHP A O4   1 
HETATM 83   C  C5   . GHP A  1 5 ? -4.927  1.710   1.590   1.00 2.43  ? 5    GHP A C5   1 
HETATM 84   C  C6   . GHP A  1 5 ? -4.782  0.722   2.573   1.00 2.30  ? 5    GHP A C6   1 
HETATM 85   H  H    . GHP A  1 5 ? -2.222  -2.488  3.580   1.00 2.62  ? 5    GHP A H    1 
HETATM 86   H  HA   . GHP A  1 5 ? -4.231  -0.821  4.522   1.00 2.71  ? 5    GHP A HA   1 
HETATM 87   H  HC2  . GHP A  1 5 ? -1.797  -0.345  1.833   1.00 3.10  ? 5    GHP A HC2  1 
HETATM 88   H  H3   . GHP A  1 5 ? -2.046  1.219   0.123   1.00 3.21  ? 5    GHP A H3   1 
HETATM 89   H  HO4  . GHP A  1 5 ? -3.320  2.891   -0.739  1.00 4.49  ? 5    GHP A HO4  1 
HETATM 90   H  H6   . GHP A  1 5 ? -5.500  0.555   3.171   1.00 2.76  ? 5    GHP A H6   1 
HETATM 91   N  N    . OMY A  1 6 ? -2.471  0.805   5.530   1.00 2.28  ? 6    OMY A N    1 
HETATM 92   C  CA   . OMY A  1 6 ? -3.752  1.438   5.796   1.00 2.47  ? 6    OMY A CA   1 
HETATM 93   O  OCZ  . OMY A  1 6 ? -3.692  -3.856  8.844   1.00 3.04  ? 6    OMY A OCZ  1 
HETATM 94   C  CE2  . OMY A  1 6 ? -2.644  -1.702  8.704   1.00 2.73  ? 6    OMY A CE2  1 
HETATM 95   C  CE1  . OMY A  1 6 ? -4.981  -1.909  8.215   1.00 3.03  ? 6    OMY A CE1  1 
HETATM 96   C  CZ   . OMY A  1 6 ? -3.775  -2.489  8.580   1.00 2.85  ? 6    OMY A CZ   1 
HETATM 97   C  CG   . OMY A  1 6 ? -3.891  0.221   7.937   1.00 2.66  ? 6    OMY A CG   1 
HETATM 98   C  CD2  . OMY A  1 6 ? -2.695  -0.356  8.378   1.00 2.77  ? 6    OMY A CD2  1 
HETATM 99   C  CD1  . OMY A  1 6 ? -5.039  -0.555  7.888   1.00 3.06  ? 6    OMY A CD1  1 
HETATM 100  C  CB   . OMY A  1 6 ? -3.931  1.613   7.311   1.00 2.40  ? 6    OMY A CB   1 
HETATM 101  CL CL   . OMY A  1 6 ? -6.416  -2.870  8.111   1.00 4.91  ? 6    OMY A CL   1 
HETATM 102  O  O    . OMY A  1 6 ? -2.827  3.366   4.658   1.00 3.13  ? 6    OMY A O    1 
HETATM 103  C  C    . OMY A  1 6 ? -3.832  2.722   4.969   1.00 2.54  ? 6    OMY A C    1 
HETATM 104  O  ODE  . OMY A  1 6 ? -2.847  2.457   7.723   1.00 2.56  ? 6    OMY A ODE  1 
HETATM 105  H  H    . OMY A  1 6 ? -1.774  1.137   5.951   1.00 2.74  ? 6    OMY A H    1 
HETATM 106  H  HA   . OMY A  1 6 ? -4.470  0.821   5.473   1.00 2.97  ? 6    OMY A HA   1 
HETATM 107  H  HE2  . OMY A  1 6 ? -1.831  -2.086  9.014   1.00 3.28  ? 6    OMY A HE2  1 
HETATM 108  H  HD2  . OMY A  1 6 ? -1.913  0.177   8.453   1.00 3.32  ? 6    OMY A HD2  1 
HETATM 109  H  HD1  . OMY A  1 6 ? -5.865  -0.162  7.630   1.00 3.67  ? 6    OMY A HD1  1 
HETATM 110  H  HB   . OMY A  1 6 ? -4.805  2.055   7.507   1.00 2.88  ? 6    OMY A HB   1 
HETATM 111  N  N    . 3FG A  1 7 ? -5.050  3.035   4.524   1.00 2.64  ? 7    3FG A N    1 
HETATM 112  O  OD1  . 3FG A  1 7 ? -7.030  1.244   -0.195  1.00 3.20  ? 7    3FG A OD1  1 
HETATM 113  C  CD1  . 3FG A  1 7 ? -7.208  2.274   0.692   1.00 2.67  ? 7    3FG A CD1  1 
HETATM 114  C  CG1  . 3FG A  1 7 ? -6.168  2.556   1.593   1.00 2.54  ? 7    3FG A CG1  1 
HETATM 115  C  CZ   . 3FG A  1 7 ? -8.405  2.987   0.748   1.00 3.31  ? 7    3FG A CZ   1 
HETATM 116  C  CD2  . 3FG A  1 7 ? -8.569  3.977   1.698   1.00 3.59  ? 7    3FG A CD2  1 
HETATM 117  O  OD2  . 3FG A  1 7 ? -9.751  4.667   1.796   1.00 4.87  ? 7    3FG A OD2  1 
HETATM 118  C  CG2  . 3FG A  1 7 ? -7.543  4.308   2.571   1.00 3.31  ? 7    3FG A CG2  1 
HETATM 119  C  CB   . 3FG A  1 7 ? -6.336  3.597   2.525   1.00 2.84  ? 7    3FG A CB   1 
HETATM 120  C  CA   . 3FG A  1 7 ? -5.194  3.992   3.438   1.00 2.91  ? 7    3FG A CA   1 
HETATM 121  C  C    . 3FG A  1 7 ? -5.295  5.456   3.927   1.00 3.51  ? 7    3FG A C    1 
HETATM 122  O  O    . 3FG A  1 7 ? -5.610  5.653   5.113   1.00 4.88  ? 7    3FG A O    1 
HETATM 123  O  OXT  . 3FG A  1 7 ? -5.040  6.333   3.071   1.00 4.81  ? 7    3FG A OXT  1 
HETATM 124  H  H    . 3FG A  1 7 ? -5.762  2.664   4.884   1.00 3.16  ? 7    3FG A H    1 
HETATM 125  H  HA   . 3FG A  1 7 ? -4.359  3.931   2.892   1.00 3.49  ? 7    3FG A HA   1 
HETATM 126  H  HD1  . 3FG A  1 7 ? -7.728  1.145   -0.652  1.00 4.81  ? 7    3FG A HD1  1 
HETATM 127  H  HZ   . 3FG A  1 7 ? -9.105  2.794   0.135   1.00 3.97  ? 7    3FG A HZ   1 
HETATM 128  H  HD2  . 3FG A  1 7 ? -10.282 4.397   1.203   1.00 7.30  ? 7    3FG A HD2  1 
HETATM 129  H  HG2  . 3FG A  1 7 ? -7.657  5.012   3.197   1.00 3.98  ? 7    3FG A HG2  1 
HETATM 130  N  N    . MLU B  1 1 ? 12.418  -2.683  -6.698  1.00 7.82  ? 1    MLU B N    1 
HETATM 131  C  CN   . MLU B  1 1 ? 12.517  -2.270  -8.153  1.00 14.57 ? 1    MLU B CN   1 
HETATM 132  C  CA   . MLU B  1 1 ? 11.087  -2.407  -6.126  1.00 6.76  ? 1    MLU B CA   1 
HETATM 133  C  C    . MLU B  1 1 ? 10.086  -3.209  -6.925  1.00 5.76  ? 1    MLU B C    1 
HETATM 134  O  O    . MLU B  1 1 ? 10.277  -4.428  -7.069  1.00 8.84  ? 1    MLU B O    1 
HETATM 135  C  CB   . MLU B  1 1 ? 11.251  -2.865  -4.673  1.00 15.78 ? 1    MLU B CB   1 
HETATM 136  C  CG   . MLU B  1 1 ? 10.271  -2.652  -3.573  1.00 27.36 ? 1    MLU B CG   1 
HETATM 137  C  CD1  . MLU B  1 1 ? 8.951   -2.937  -3.633  1.00 21.18 ? 1    MLU B CD1  1 
HETATM 138  C  CD2  . MLU B  1 1 ? 10.439  -3.643  -2.429  1.00 41.58 ? 1    MLU B CD2  1 
HETATM 139  H  H    . MLU B  1 1 ? 12.595  -3.583  -6.626  1.00 9.39  ? 1    MLU B H    1 
HETATM 140  H  HA   . MLU B  1 1 ? 10.875  -1.430  -6.170  1.00 8.11  ? 1    MLU B HA   1 
HETATM 141  H  HB2  . MLU B  1 1 ? 11.402  -3.843  -4.715  1.00 18.94 ? 1    MLU B HB2  1 
HETATM 142  H  HB3  . MLU B  1 1 ? 12.101  -2.467  -4.359  1.00 18.94 ? 1    MLU B HB3  1 
HETATM 143  H  HG   . MLU B  1 1 ? 10.384  -1.724  -3.215  1.00 32.83 ? 1    MLU B HG   1 
HETATM 144  H  HD11 . MLU B  1 1 ? 8.494   -2.535  -2.865  1.00 31.76 ? 1    MLU B HD11 1 
HETATM 145  H  HD12 . MLU B  1 1 ? 8.825   -3.908  -3.617  1.00 31.76 ? 1    MLU B HD12 1 
HETATM 146  H  HD13 . MLU B  1 1 ? 8.574   -2.572  -4.462  1.00 31.76 ? 1    MLU B HD13 1 
HETATM 147  H  HD21 . MLU B  1 1 ? 11.272  -3.451  -1.949  1.00 62.37 ? 1    MLU B HD21 1 
HETATM 148  H  HD22 . MLU B  1 1 ? 10.472  -4.554  -2.788  1.00 62.37 ? 1    MLU B HD22 1 
HETATM 149  H  HD23 . MLU B  1 1 ? 9.681   -3.561  -1.813  1.00 62.37 ? 1    MLU B HD23 1 
HETATM 150  H  HN1  . MLU B  1 1 ? 13.420  -2.458  -8.485  1.00 21.85 ? 1    MLU B HN1  1 
HETATM 151  H  HN2  . MLU B  1 1 ? 12.332  -1.311  -8.234  1.00 21.85 ? 1    MLU B HN2  1 
HETATM 152  H  HN3  . MLU B  1 1 ? 11.863  -2.774  -8.681  1.00 21.85 ? 1    MLU B HN3  1 
HETATM 153  N  N    . OMZ B  1 2 ? 9.055   -2.565  -7.457  1.00 4.02  ? 2    OMZ B N    1 
HETATM 154  C  CA   . OMZ B  1 2 ? 8.054   -3.273  -8.229  1.00 3.99  ? 2    OMZ B CA   1 
HETATM 155  C  C    . OMZ B  1 2 ? 6.641   -3.190  -7.667  1.00 3.33  ? 2    OMZ B C    1 
HETATM 156  O  O    . OMZ B  1 2 ? 5.783   -3.926  -8.169  1.00 4.23  ? 2    OMZ B O    1 
HETATM 157  C  CB   . OMZ B  1 2 ? 8.054   -2.928  -9.758  1.00 3.89  ? 2    OMZ B CB   1 
HETATM 158  O  OC   . OMZ B  1 2 ? 9.414   -2.954  -10.223 1.00 4.96  ? 2    OMZ B OC   1 
HETATM 159  C  CG   . OMZ B  1 2 ? 7.412   -1.585  -10.040 1.00 3.74  ? 2    OMZ B CG   1 
HETATM 160  C  CD1  . OMZ B  1 2 ? 6.075   -1.562  -10.442 1.00 3.57  ? 2    OMZ B CD1  1 
HETATM 161  C  CD2  . OMZ B  1 2 ? 8.101   -0.391  -9.801  1.00 3.78  ? 2    OMZ B CD2  1 
HETATM 162  C  CE1  . OMZ B  1 2 ? 5.435   -0.349  -10.543 1.00 3.39  ? 2    OMZ B CE1  1 
HETATM 163  CL CL   . OMZ B  1 2 ? 3.751   -0.299  -10.985 1.00 4.32  ? 2    OMZ B CL   1 
HETATM 164  C  CE2  . OMZ B  1 2 ? 7.441   0.821   -9.924  1.00 3.69  ? 2    OMZ B CE2  1 
HETATM 165  C  CZ   . OMZ B  1 2 ? 6.096   0.829   -10.270 1.00 3.17  ? 2    OMZ B CZ   1 
HETATM 166  O  OH   . OMZ B  1 2 ? 5.422   2.049   -10.339 1.00 3.46  ? 2    OMZ B OH   1 
HETATM 167  H  H    . OMZ B  1 2 ? 8.979   -1.697  -7.340  1.00 4.82  ? 2    OMZ B H    1 
HETATM 168  H  HA   . OMZ B  1 2 ? 8.306   -4.239  -8.174  1.00 4.79  ? 2    OMZ B HA   1 
HETATM 169  H  HB   . OMZ B  1 2 ? 7.539   -3.634  -10.243 1.00 4.67  ? 2    OMZ B HB   1 
HETATM 170  H  HC   . OMZ B  1 2 ? 9.605   -2.214  -10.571 1.00 7.44  ? 2    OMZ B HC   1 
HETATM 171  H  HD1  . OMZ B  1 2 ? 5.617   -2.370  -10.641 1.00 4.28  ? 2    OMZ B HD1  1 
HETATM 172  H  HD2  . OMZ B  1 2 ? 9.019   -0.411  -9.556  1.00 4.54  ? 2    OMZ B HD2  1 
HETATM 173  H  HE2  . OMZ B  1 2 ? 7.903   1.638   -9.773  1.00 4.42  ? 2    OMZ B HE2  1 
ATOM   174  N  N    . ASN B  1 3 ? 6.407   -2.333  -6.673  1.00 3.08  ? 3    ASN B N    1 
ATOM   175  C  CA   . ASN B  1 3 ? 5.149   -2.386  -5.917  1.00 2.92  ? 3    ASN B CA   1 
ATOM   176  C  C    . ASN B  1 3 ? 4.250   -1.157  -6.077  1.00 2.78  ? 3    ASN B C    1 
ATOM   177  O  O    . ASN B  1 3 ? 3.091   -1.302  -6.436  1.00 3.29  ? 3    ASN B O    1 
ATOM   178  C  CB   . ASN B  1 3 ? 5.416   -2.593  -4.424  1.00 3.71  ? 3    ASN B CB   1 
ATOM   179  C  CG   . ASN B  1 3 ? 5.752   -4.027  -4.110  1.00 5.36  ? 3    ASN B CG   1 
ATOM   180  O  OD1  . ASN B  1 3 ? 6.087   -4.817  -4.966  1.00 9.69  ? 3    ASN B OD1  1 
ATOM   181  N  ND2  . ASN B  1 3 ? 5.718   -4.322  -2.815  1.00 5.89  ? 3    ASN B ND2  1 
ATOM   182  H  H    . ASN B  1 3 ? 7.014   -1.729  -6.468  1.00 3.70  ? 3    ASN B H    1 
ATOM   183  H  HA   . ASN B  1 3 ? 4.635   -3.178  -6.244  1.00 3.51  ? 3    ASN B HA   1 
ATOM   184  H  HB2  . ASN B  1 3 ? 6.166   -2.013  -4.142  1.00 4.46  ? 3    ASN B HB2  1 
ATOM   185  H  HB3  . ASN B  1 3 ? 4.614   -2.325  -3.908  1.00 4.46  ? 3    ASN B HB3  1 
ATOM   186  H  HD21 . ASN B  1 3 ? 5.467   -3.713  -2.231  1.00 7.06  ? 3    ASN B HD21 1 
ATOM   187  H  HD22 . ASN B  1 3 ? 5.948   -5.126  -2.540  1.00 7.06  ? 3    ASN B HD22 1 
HETATM 188  N  N    . GHP B  1 4 ? 4.770   0.038   -5.714  1.00 2.47  ? 4    GHP B N    1 
HETATM 189  C  CA   . GHP B  1 4 ? 3.923   1.226   -5.685  1.00 2.49  ? 4    GHP B CA   1 
HETATM 190  C  C    . GHP B  1 4 ? 4.158   2.011   -4.392  1.00 2.42  ? 4    GHP B C    1 
HETATM 191  O  O    . GHP B  1 4 ? 5.274   2.406   -4.069  1.00 3.20  ? 4    GHP B O    1 
HETATM 192  C  C1   . GHP B  1 4 ? 4.183   2.160   -6.869  1.00 2.78  ? 4    GHP B C1   1 
HETATM 193  C  C2   . GHP B  1 4 ? 4.732   1.653   -8.027  1.00 2.72  ? 4    GHP B C2   1 
HETATM 194  C  C3   . GHP B  1 4 ? 4.897   2.488   -9.127  1.00 2.97  ? 4    GHP B C3   1 
HETATM 195  C  C4   . GHP B  1 4 ? 4.559   3.830   -9.086  1.00 2.90  ? 4    GHP B C4   1 
HETATM 196  O  O4   . GHP B  1 4 ? 4.723   4.635   -10.200 1.00 3.23  ? 4    GHP B O4   1 
HETATM 197  C  C5   . GHP B  1 4 ? 4.015   4.338   -7.900  1.00 2.81  ? 4    GHP B C5   1 
HETATM 198  C  C6   . GHP B  1 4 ? 3.800   3.501   -6.810  1.00 2.89  ? 4    GHP B C6   1 
HETATM 199  H  H    . GHP B  1 4 ? 5.620   0.100   -5.495  1.00 2.96  ? 4    GHP B H    1 
HETATM 200  H  HA   . GHP B  1 4 ? 2.967   0.936   -5.712  1.00 2.99  ? 4    GHP B HA   1 
HETATM 201  H  HC2  . GHP B  1 4 ? 4.994   0.741   -8.075  1.00 3.26  ? 4    GHP B HC2  1 
HETATM 202  H  H6   . GHP B  1 4 ? 3.392   3.844   -6.023  1.00 3.47  ? 4    GHP B H6   1 
HETATM 203  N  N    . GHP B  1 5 ? 3.063   2.292   -3.687  1.00 2.29  ? 5    GHP B N    1 
HETATM 204  C  CA   . GHP B  1 5 ? 3.118   3.312   -2.643  1.00 2.25  ? 5    GHP B CA   1 
HETATM 205  C  C    . GHP B  1 5 ? 1.786   4.083   -2.679  1.00 2.30  ? 5    GHP B C    1 
HETATM 206  O  O    . GHP B  1 5 ? 0.749   3.459   -3.016  1.00 2.41  ? 5    GHP B O    1 
HETATM 207  C  C1   . GHP B  1 5 ? 3.281   2.822   -1.210  1.00 2.06  ? 5    GHP B C1   1 
HETATM 208  C  C2   . GHP B  1 5 ? 2.329   1.985   -0.602  1.00 2.55  ? 5    GHP B C2   1 
HETATM 209  C  C3   . GHP B  1 5 ? 2.377   1.754   0.763   1.00 2.69  ? 5    GHP B C3   1 
HETATM 210  C  C4   . GHP B  1 5 ? 3.360   2.350   1.548   1.00 2.33  ? 5    GHP B C4   1 
HETATM 211  O  O4   . GHP B  1 5 ? 3.391   2.193   2.912   1.00 2.80  ? 5    GHP B O4   1 
HETATM 212  C  C5   . GHP B  1 5 ? 4.340   3.164   0.971   1.00 2.29  ? 5    GHP B C5   1 
HETATM 213  C  C6   . GHP B  1 5 ? 4.286   3.364   -0.410  1.00 2.16  ? 5    GHP B C6   1 
HETATM 214  H  H    . GHP B  1 5 ? 2.310   1.867   -3.850  1.00 2.75  ? 5    GHP B H    1 
HETATM 215  H  HA   . GHP B  1 5 ? 3.862   3.945   -2.852  1.00 2.70  ? 5    GHP B HA   1 
HETATM 216  H  HC2  . GHP B  1 5 ? 1.653   1.577   -1.128  1.00 3.06  ? 5    GHP B HC2  1 
HETATM 217  H  H3   . GHP B  1 5 ? 1.732   1.186   1.167   1.00 3.22  ? 5    GHP B H3   1 
HETATM 218  H  HO4  . GHP B  1 5 ? 2.760   1.693   3.151   1.00 4.20  ? 5    GHP B HO4  1 
HETATM 219  H  H6   . GHP B  1 5 ? 4.961   3.891   -0.822  1.00 2.60  ? 5    GHP B H6   1 
HETATM 220  N  N    . OMY B  1 6 ? 1.747   5.353   -2.328  1.00 2.38  ? 6    OMY B N    1 
HETATM 221  C  CA   . OMY B  1 6 ? 2.870   6.156   -1.843  1.00 2.48  ? 6    OMY B CA   1 
HETATM 222  O  OCZ  . OMY B  1 6 ? 3.680   5.684   -7.900  1.00 3.24  ? 6    OMY B OCZ  1 
HETATM 223  C  CE2  . OMY B  1 6 ? 2.208   6.513   -6.191  1.00 2.72  ? 6    OMY B CE2  1 
HETATM 224  C  CE1  . OMY B  1 6 ? 4.573   6.553   -5.822  1.00 3.44  ? 6    OMY B CE1  1 
HETATM 225  C  CZ   . OMY B  1 6 ? 3.486   6.247   -6.620  1.00 3.03  ? 6    OMY B CZ   1 
HETATM 226  C  CG   . OMY B  1 6 ? 3.073   7.231   -4.049  1.00 2.60  ? 6    OMY B CG   1 
HETATM 227  C  CD2  . OMY B  1 6 ? 1.995   6.991   -4.918  1.00 2.60  ? 6    OMY B CD2  1 
HETATM 228  C  CD1  . OMY B  1 6 ? 4.373   7.049   -4.550  1.00 3.10  ? 6    OMY B CD1  1 
HETATM 229  C  CB   . OMY B  1 6 ? 2.896   7.516   -2.584  1.00 2.48  ? 6    OMY B CB   1 
HETATM 230  CL CL   . OMY B  1 6 ? 6.190   6.289   -6.386  1.00 5.68  ? 6    OMY B CL   1 
HETATM 231  O  O    . OMY B  1 6 ? 1.697   6.156   0.273   1.00 3.03  ? 6    OMY B O    1 
HETATM 232  C  C    . OMY B  1 6 ? 2.776   6.232   -0.316  1.00 2.40  ? 6    OMY B C    1 
HETATM 233  O  ODE  . OMY B  1 6 ? 1.657   8.116   -2.239  1.00 2.63  ? 6    OMY B ODE  1 
HETATM 234  H  H    . OMY B  1 6 ? 0.968   5.758   -2.391  1.00 2.86  ? 6    OMY B H    1 
HETATM 235  H  HA   . OMY B  1 6 ? 3.713   5.670   -2.071  1.00 2.98  ? 6    OMY B HA   1 
HETATM 236  H  HE2  . OMY B  1 6 ? 1.472   6.367   -6.773  1.00 3.26  ? 6    OMY B HE2  1 
HETATM 237  H  HD2  . OMY B  1 6 ? 1.109   7.161   -4.622  1.00 3.12  ? 6    OMY B HD2  1 
HETATM 238  H  HD1  . OMY B  1 6 ? 5.121   7.268   -4.008  1.00 3.72  ? 6    OMY B HD1  1 
HETATM 239  H  HB   . OMY B  1 6 ? 3.654   8.076   -2.249  1.00 2.98  ? 6    OMY B HB   1 
HETATM 240  N  N    . 3FG B  1 7 ? 3.944   6.289   0.325   1.00 2.70  ? 7    3FG B N    1 
HETATM 241  O  OD1  . 3FG B  1 7 ? 6.646   1.876   1.820   1.00 3.16  ? 7    3FG B OD1  1 
HETATM 242  C  CD1  . 3FG B  1 7 ? 6.540   3.199   2.163   1.00 2.83  ? 7    3FG B CD1  1 
HETATM 243  C  CG1  . 3FG B  1 7 ? 5.382   3.882   1.770   1.00 2.47  ? 7    3FG B CG1  1 
HETATM 244  C  CZ   . 3FG B  1 7 ? 7.573   3.876   2.826   1.00 3.31  ? 7    3FG B CZ   1 
HETATM 245  C  CD2  . 3FG B  1 7 ? 7.470   5.206   3.069   1.00 3.85  ? 7    3FG B CD2  1 
HETATM 246  O  OD2  . 3FG B  1 7 ? 8.504   5.907   3.654   1.00 5.47  ? 7    3FG B OD2  1 
HETATM 247  C  CG2  . 3FG B  1 7 ? 6.323   5.910   2.732   1.00 3.44  ? 7    3FG B CG2  1 
HETATM 248  C  CB   . 3FG B  1 7 ? 5.281   5.261   2.093   1.00 2.75  ? 7    3FG B CB   1 
HETATM 249  C  CA   . 3FG B  1 7 ? 4.007   6.014   1.754   1.00 2.67  ? 7    3FG B CA   1 
HETATM 250  C  C    . 3FG B  1 7 ? 3.809   7.281   2.598   1.00 3.12  ? 7    3FG B C    1 
HETATM 251  O  O    . 3FG B  1 7 ? 3.979   8.398   2.073   1.00 4.48  ? 7    3FG B O    1 
HETATM 252  O  OXT  . 3FG B  1 7 ? 3.484   7.092   3.807   1.00 4.24  ? 7    3FG B OXT  1 
HETATM 253  H  H    . 3FG B  1 7 ? 4.678   6.491   -0.117  1.00 3.24  ? 7    3FG B H    1 
HETATM 254  H  HA   . 3FG B  1 7 ? 3.245   5.403   1.965   1.00 3.20  ? 7    3FG B HA   1 
HETATM 255  H  HD1  . 3FG B  1 7 ? 7.375   1.571   2.105   1.00 4.74  ? 7    3FG B HD1  1 
HETATM 256  H  HZ   . 3FG B  1 7 ? 8.345   3.402   3.107   1.00 3.98  ? 7    3FG B HZ   1 
HETATM 257  H  HD2  . 3FG B  1 7 ? 9.139   5.383   3.821   1.00 8.21  ? 7    3FG B HD2  1 
HETATM 258  H  HG2  . 3FG B  1 7 ? 6.253   6.835   2.938   1.00 4.13  ? 7    3FG B HG2  1 
HETATM 259  N  N    . MLU C  1 1 ? -9.857  9.080   -5.017  1.00 10.25 ? 1    MLU C N    1 
HETATM 260  C  CN   . MLU C  1 1 ? -9.388  9.703   -6.295  1.00 18.53 ? 1    MLU C CN   1 
HETATM 261  C  CA   . MLU C  1 1 ? -8.777  8.311   -4.337  1.00 7.08  ? 1    MLU C CA   1 
HETATM 262  C  C    . MLU C  1 1 ? -7.699  9.307   -3.917  1.00 5.24  ? 1    MLU C C    1 
HETATM 263  O  O    . MLU C  1 1 ? -7.999  10.242  -3.170  1.00 6.80  ? 1    MLU C O    1 
HETATM 264  C  CB   . MLU C  1 1 ? -9.432  7.715   -3.093  1.00 7.84  ? 1    MLU C CB   1 
HETATM 265  C  CG   . MLU C  1 1 ? -8.501  6.919   -2.196  1.00 7.11  ? 1    MLU C CG   1 
HETATM 266  C  CD1  . MLU C  1 1 ? -7.925  5.677   -2.807  1.00 9.06  ? 1    MLU C CD1  1 
HETATM 267  C  CD2  . MLU C  1 1 ? -9.211  6.504   -0.909  1.00 11.66 ? 1    MLU C CD2  1 
HETATM 268  H  H    . MLU C  1 1 ? -10.161 9.739   -4.453  1.00 12.30 ? 1    MLU C H    1 
HETATM 269  H  HA   . MLU C  1 1 ? -8.405  7.599   -4.931  1.00 8.50  ? 1    MLU C HA   1 
HETATM 270  H  HB2  . MLU C  1 1 ? -9.827  8.452   -2.562  1.00 9.41  ? 1    MLU C HB2  1 
HETATM 271  H  HB3  . MLU C  1 1 ? -10.173 7.125   -3.381  1.00 9.41  ? 1    MLU C HB3  1 
HETATM 272  H  HG   . MLU C  1 1 ? -7.739  7.515   -1.944  1.00 8.53  ? 1    MLU C HG   1 
HETATM 273  H  HD11 . MLU C  1 1 ? -7.478  5.903   -3.650  1.00 13.60 ? 1    MLU C HD11 1 
HETATM 274  H  HD12 . MLU C  1 1 ? -8.645  5.034   -2.981  1.00 13.60 ? 1    MLU C HD12 1 
HETATM 275  H  HD13 . MLU C  1 1 ? -7.276  5.279   -2.190  1.00 13.60 ? 1    MLU C HD13 1 
HETATM 276  H  HD21 . MLU C  1 1 ? -9.586  7.297   -0.472  1.00 17.49 ? 1    MLU C HD21 1 
HETATM 277  H  HD22 . MLU C  1 1 ? -8.570  6.071   -0.307  1.00 17.49 ? 1    MLU C HD22 1 
HETATM 278  H  HD23 . MLU C  1 1 ? -9.934  5.877   -1.123  1.00 17.49 ? 1    MLU C HD23 1 
HETATM 279  H  HN1  . MLU C  1 1 ? -10.125 10.205  -6.703  1.00 27.80 ? 1    MLU C HN1  1 
HETATM 280  H  HN2  . MLU C  1 1 ? -9.090  9.001   -6.911  1.00 27.80 ? 1    MLU C HN2  1 
HETATM 281  H  HN3  . MLU C  1 1 ? -8.644  10.311  -6.107  1.00 27.80 ? 1    MLU C HN3  1 
HETATM 282  N  N    . OMZ C  1 2 ? -6.443  9.075   -4.346  1.00 3.82  ? 2    OMZ C N    1 
HETATM 283  C  CA   . OMZ C  1 2 ? -5.367  9.919   -3.906  1.00 3.42  ? 2    OMZ C CA   1 
HETATM 284  C  C    . OMZ C  1 2 ? -4.215  9.165   -3.218  1.00 2.88  ? 2    OMZ C C    1 
HETATM 285  O  O    . OMZ C  1 2 ? -3.442  9.814   -2.511  1.00 3.85  ? 2    OMZ C O    1 
HETATM 286  C  CB   . OMZ C  1 2 ? -4.835  10.900  -5.005  1.00 3.34  ? 2    OMZ C CB   1 
HETATM 287  O  OC   . OMZ C  1 2 ? -5.942  11.478  -5.652  1.00 4.24  ? 2    OMZ C OC   1 
HETATM 288  C  CG   . OMZ C  1 2 ? -3.936  10.201  -6.006  1.00 3.27  ? 2    OMZ C CG   1 
HETATM 289  C  CD1  . OMZ C  1 2 ? -2.550  10.266  -5.817  1.00 2.97  ? 2    OMZ C CD1  1 
HETATM 290  C  CD2  . OMZ C  1 2 ? -4.427  9.483   -7.070  1.00 3.72  ? 2    OMZ C CD2  1 
HETATM 291  C  CE1  . OMZ C  1 2 ? -1.701  9.588   -6.684  1.00 3.00  ? 2    OMZ C CE1  1 
HETATM 292  CL CL   . OMZ C  1 2 ? 0.005   9.619   -6.415  1.00 4.03  ? 2    OMZ C CL   1 
HETATM 293  C  CE2  . OMZ C  1 2 ? -3.598  8.798   -7.941  1.00 3.51  ? 2    OMZ C CE2  1 
HETATM 294  C  CZ   . OMZ C  1 2 ? -2.217  8.840   -7.710  1.00 3.09  ? 2    OMZ C CZ   1 
HETATM 295  O  OH   . OMZ C  1 2 ? -1.367  8.092   -8.540  1.00 3.49  ? 2    OMZ C OH   1 
HETATM 296  H  H    . OMZ C  1 2 ? -6.280  8.408   -4.896  1.00 4.59  ? 2    OMZ C H    1 
HETATM 297  H  HA   . OMZ C  1 2 ? -5.763  10.504  -3.198  1.00 4.11  ? 2    OMZ C HA   1 
HETATM 298  H  HB   . OMZ C  1 2 ? -4.311  11.626  -4.559  1.00 4.01  ? 2    OMZ C HB   1 
HETATM 299  H  HC   . OMZ C  1 2 ? -5.890  11.333  -6.477  1.00 6.36  ? 2    OMZ C HC   1 
HETATM 300  H  HD1  . OMZ C  1 2 ? -2.190  10.772  -5.097  1.00 3.56  ? 2    OMZ C HD1  1 
HETATM 301  H  HD2  . OMZ C  1 2 ? -5.366  9.457   -7.213  1.00 4.46  ? 2    OMZ C HD2  1 
HETATM 302  H  HE2  . OMZ C  1 2 ? -3.956  8.311   -8.674  1.00 4.22  ? 2    OMZ C HE2  1 
ATOM   303  N  N    . ASN C  1 3 ? -4.103  7.852   -3.435  1.00 2.83  ? 3    ASN C N    1 
ATOM   304  C  CA   . ASN C  1 3 ? -3.249  7.007   -2.601  1.00 2.60  ? 3    ASN C CA   1 
ATOM   305  C  C    . ASN C  1 3 ? -2.126  6.297   -3.370  1.00 2.52  ? 3    ASN C C    1 
ATOM   306  O  O    . ASN C  1 3 ? -0.950  6.480   -3.009  1.00 2.95  ? 3    ASN C O    1 
ATOM   307  C  CB   . ASN C  1 3 ? -4.090  5.948   -1.886  1.00 3.11  ? 3    ASN C CB   1 
ATOM   308  C  CG   . ASN C  1 3 ? -4.972  6.467   -0.790  1.00 4.00  ? 3    ASN C CG   1 
ATOM   309  O  OD1  . ASN C  1 3 ? -5.260  7.661   -0.694  1.00 5.09  ? 3    ASN C OD1  1 
ATOM   310  N  ND2  . ASN C  1 3 ? -5.401  5.555   0.066   1.00 4.99  ? 3    ASN C ND2  1 
ATOM   311  H  H    . ASN C  1 3 ? -4.554  7.486   -4.097  1.00 3.40  ? 3    ASN C H    1 
ATOM   312  H  HA   . ASN C  1 3 ? -2.828  7.588   -1.906  1.00 3.11  ? 3    ASN C HA   1 
ATOM   313  H  HB2  . ASN C  1 3 ? -4.658  5.493   -2.556  1.00 3.73  ? 3    ASN C HB2  1 
ATOM   314  H  HB3  . ASN C  1 3 ? -3.479  5.270   -1.502  1.00 3.73  ? 3    ASN C HB3  1 
ATOM   315  H  HD21 . ASN C  1 3 ? -5.173  4.712   -0.039  1.00 5.99  ? 3    ASN C HD21 1 
ATOM   316  H  HD22 . ASN C  1 3 ? -5.916  5.791   0.739   1.00 5.99  ? 3    ASN C HD22 1 
HETATM 317  N  N    . GHP C  1 4 ? -2.482  5.445   -4.342  1.00 2.32  ? 4    GHP C N    1 
HETATM 318  C  CA   . GHP C  1 4 ? -1.493  4.616   -5.017  1.00 2.39  ? 4    GHP C CA   1 
HETATM 319  C  C    . GHP C  1 4 ? -1.989  3.167   -5.112  1.00 2.29  ? 4    GHP C C    1 
HETATM 320  O  O    . GHP C  1 4 ? -3.072  2.900   -5.646  1.00 3.05  ? 4    GHP C O    1 
HETATM 321  C  C1   . GHP C  1 4 ? -1.149  5.090   -6.436  1.00 2.42  ? 4    GHP C C1   1 
HETATM 322  C  C2   . GHP C  1 4 ? -1.461  6.381   -6.820  1.00 2.60  ? 4    GHP C C2   1 
HETATM 323  C  C3   . GHP C  1 4 ? -1.094  6.827   -8.095  1.00 2.87  ? 4    GHP C C3   1 
HETATM 324  C  C4   . GHP C  1 4 ? -0.447  5.985   -8.995  1.00 2.86  ? 4    GHP C C4   1 
HETATM 325  O  O4   . GHP C  1 4 ? -0.147  6.429   -10.250 1.00 3.02  ? 4    GHP C O4   1 
HETATM 326  C  C5   . GHP C  1 4 ? -0.203  4.643   -8.597  1.00 2.75  ? 4    GHP C C5   1 
HETATM 327  C  C6   . GHP C  1 4 ? -0.525  4.220   -7.318  1.00 2.61  ? 4    GHP C C6   1 
HETATM 328  H  H    . GHP C  1 4 ? -3.328  5.387   -4.578  1.00 2.79  ? 4    GHP C H    1 
HETATM 329  H  HA   . GHP C  1 4 ? -0.655  4.624   -4.472  1.00 2.87  ? 4    GHP C HA   1 
HETATM 330  H  HC2  . GHP C  1 4 ? -1.922  6.961   -6.225  1.00 3.12  ? 4    GHP C HC2  1 
HETATM 331  H  H6   . GHP C  1 4 ? -0.317  3.334   -7.044  1.00 3.13  ? 4    GHP C H6   1 
HETATM 332  N  N    . GHP C  1 5 ? -1.156  2.223   -4.672  1.00 2.25  ? 5    GHP C N    1 
HETATM 333  C  CA   . GHP C  1 5 ? -1.372  0.829   -5.019  1.00 2.24  ? 5    GHP C CA   1 
HETATM 334  C  C    . GHP C  1 5 ? 0.006   0.189   -5.235  1.00 2.30  ? 5    GHP C C    1 
HETATM 335  O  O    . GHP C  1 5 ? 0.965   0.632   -4.592  1.00 2.53  ? 5    GHP C O    1 
HETATM 336  C  C1   . GHP C  1 5 ? -2.073  -0.027  -3.956  1.00 2.36  ? 5    GHP C C1   1 
HETATM 337  C  C2   . GHP C  1 5 ? -1.518  -0.222  -2.692  1.00 2.58  ? 5    GHP C C2   1 
HETATM 338  C  C3   . GHP C  1 5 ? -2.059  -1.169  -1.831  1.00 2.80  ? 5    GHP C C3   1 
HETATM 339  C  C4   . GHP C  1 5 ? -3.127  -1.953  -2.227  1.00 2.64  ? 5    GHP C C4   1 
HETATM 340  O  O4   . GHP C  1 5 ? -3.636  -2.930  -1.418  1.00 3.21  ? 5    GHP C O4   1 
HETATM 341  C  C5   . GHP C  1 5 ? -3.706  -1.781  -3.496  1.00 2.66  ? 5    GHP C C5   1 
HETATM 342  C  C6   . GHP C  1 5 ? -3.170  -0.780  -4.324  1.00 2.39  ? 5    GHP C C6   1 
HETATM 343  H  H    . GHP C  1 5 ? -0.470  2.447   -4.169  1.00 2.70  ? 5    GHP C H    1 
HETATM 344  H  HA   . GHP C  1 5 ? -1.893  0.781   -5.871  1.00 2.68  ? 5    GHP C HA   1 
HETATM 345  H  HC2  . GHP C  1 5 ? -0.771  0.295   -2.418  1.00 3.09  ? 5    GHP C HC2  1 
HETATM 346  H  H3   . GHP C  1 5 ? -1.691  -1.280  -0.962  1.00 3.36  ? 5    GHP C H3   1 
HETATM 347  H  HO4  . GHP C  1 5 ? -3.205  -2.951  -0.698  1.00 4.81  ? 5    GHP C HO4  1 
HETATM 348  H  H6   . GHP C  1 5 ? -3.577  -0.616  -5.167  1.00 2.87  ? 5    GHP C H6   1 
HETATM 349  N  N    . OMY C  1 6 ? 0.125   -0.860  -6.055  1.00 2.36  ? 6    OMY C N    1 
HETATM 350  C  CA   . OMY C  1 6 ? -0.931  -1.482  -6.845  1.00 2.53  ? 6    OMY C CA   1 
HETATM 351  O  OCZ  . OMY C  1 6 ? 0.364   3.840   -9.557  1.00 3.00  ? 6    OMY C OCZ  1 
HETATM 352  C  CE2  . OMY C  1 6 ? 1.248   1.693   -8.992  1.00 2.71  ? 6    OMY C CE2  1 
HETATM 353  C  CE1  . OMY C  1 6 ? -1.080  1.889   -9.521  1.00 3.03  ? 6    OMY C CE1  1 
HETATM 354  C  CZ   . OMY C  1 6 ? 0.170   2.459   -9.353  1.00 2.80  ? 6    OMY C CZ   1 
HETATM 355  C  CG   . OMY C  1 6 ? -0.185  -0.251  -8.831  1.00 2.71  ? 6    OMY C CG   1 
HETATM 356  C  CD2  . OMY C  1 6 ? 1.072   0.340   -8.715  1.00 2.76  ? 6    OMY C CD2  1 
HETATM 357  C  CD1  . OMY C  1 6 ? -1.252  0.529   -9.264  1.00 2.94  ? 6    OMY C CD1  1 
HETATM 358  C  CB   . OMY C  1 6 ? -0.472  -1.644  -8.294  1.00 2.62  ? 6    OMY C CB   1 
HETATM 359  CL CL   . OMY C  1 6 ? -2.426  2.842   -10.035 1.00 4.70  ? 6    OMY C CL   1 
HETATM 360  O  O    . OMY C  1 6 ? -0.564  -3.423  -5.440  1.00 3.31  ? 6    OMY C O    1 
HETATM 361  C  C    . OMY C  1 6 ? -1.343  -2.766  -6.115  1.00 2.65  ? 6    OMY C C    1 
HETATM 362  O  ODE  . OMY C  1 6 ? 0.684   -2.475  -8.212  1.00 2.76  ? 6    OMY C ODE  1 
HETATM 363  H  H    . OMY C  1 6 ? 0.928   -1.212  -6.127  1.00 2.84  ? 6    OMY C H    1 
HETATM 364  H  HA   . OMY C  1 6 ? -1.718  -0.865  -6.842  1.00 3.04  ? 6    OMY C HA   1 
HETATM 365  H  HE2  . OMY C  1 6 ? 2.113   2.083   -8.931  1.00 3.25  ? 6    OMY C HE2  1 
HETATM 366  H  HD2  . OMY C  1 6 ? 1.816   -0.186  -8.443  1.00 3.31  ? 6    OMY C HD2  1 
HETATM 367  H  HD1  . OMY C  1 6 ? -2.107  0.132   -9.387  1.00 3.53  ? 6    OMY C HD1  1 
HETATM 368  H  HB   . OMY C  1 6 ? -1.184  -2.088  -8.839  1.00 3.14  ? 6    OMY C HB   1 
HETATM 369  N  N    . 3FG C  1 7 ? -2.637  -3.084  -6.219  1.00 2.81  ? 7    3FG C N    1 
HETATM 370  O  OD1  . 3FG C  1 7 ? -6.271  -1.343  -2.649  1.00 3.87  ? 7    3FG C OD1  1 
HETATM 371  C  CD1  . 3FG C  1 7 ? -6.130  -2.387  -3.531  1.00 3.58  ? 7    3FG C CD1  1 
HETATM 372  C  CG1  . 3FG C  1 7 ? -4.832  -2.642  -3.980  1.00 3.10  ? 7    3FG C CG1  1 
HETATM 373  C  CZ   . 3FG C  1 7 ? -7.219  -3.131  -3.986  1.00 5.08  ? 7    3FG C CZ   1 
HETATM 374  C  CD2  . 3FG C  1 7 ? -6.994  -4.129  -4.907  1.00 5.87  ? 7    3FG C CD2  1 
HETATM 375  O  OD2  . 3FG C  1 7 ? -8.089  -4.819  -5.375  1.00 9.30  ? 7    3FG C OD2  1 
HETATM 376  C  CG2  . 3FG C  1 7 ? -5.742  -4.403  -5.374  1.00 4.66  ? 7    3FG C CG2  1 
HETATM 377  C  CB   . 3FG C  1 7 ? -4.623  -3.681  -4.897  1.00 3.42  ? 7    3FG C CB   1 
HETATM 378  C  CA   . 3FG C  1 7 ? -3.211  -4.066  -5.299  1.00 3.24  ? 7    3FG C CA   1 
HETATM 379  C  C    . 3FG C  1 7 ? -3.103  -5.500  -5.831  1.00 4.26  ? 7    3FG C C    1 
HETATM 380  O  O    . 3FG C  1 7 ? -2.918  -5.690  -7.039  1.00 5.74  ? 7    3FG C O    1 
HETATM 381  O  OXT  . 3FG C  1 7 ? -3.197  -6.420  -4.946  1.00 5.40  ? 7    3FG C OXT  1 
HETATM 382  H  H    . 3FG C  1 7 ? -3.140  -2.705  -6.834  1.00 3.37  ? 7    3FG C H    1 
HETATM 383  H  HA   . 3FG C  1 7 ? -2.660  -4.031  -4.466  1.00 3.88  ? 7    3FG C HA   1 
HETATM 384  H  HD1  . 3FG C  1 7 ? -7.079  -1.265  -2.433  1.00 5.81  ? 7    3FG C HD1  1 
HETATM 385  H  HZ   . 3FG C  1 7 ? -8.096  -2.952  -3.666  1.00 6.10  ? 7    3FG C HZ   1 
HETATM 386  H  HD2  . 3FG C  1 7 ? -7.838  -5.399  -5.928  1.00 13.94 ? 7    3FG C HD2  1 
HETATM 387  H  HG2  . 3FG C  1 7 ? -5.621  -5.085  -6.024  1.00 5.59  ? 7    3FG C HG2  1 
HETATM 388  N  N    . MLU D  1 1 ? 8.519   2.834   10.920  1.00 7.10  ? 1    MLU D N    1 
HETATM 389  C  CN   . MLU D  1 1 ? 8.196   2.041   12.133  1.00 10.77 ? 1    MLU D CN   1 
HETATM 390  C  CA   . MLU D  1 1 ? 7.463   2.761   9.904   1.00 6.39  ? 1    MLU D CA   1 
HETATM 391  C  C    . MLU D  1 1 ? 6.199   3.406   10.480  1.00 5.32  ? 1    MLU D C    1 
HETATM 392  O  O    . MLU D  1 1 ? 6.282   4.570   10.846  1.00 6.58  ? 1    MLU D O    1 
HETATM 393  C  CB   . MLU D  1 1 ? 7.967   3.672   8.724   1.00 8.14  ? 1    MLU D CB   1 
HETATM 394  C  CG   . MLU D  1 1 ? 7.026   3.762   7.581   1.00 7.81  ? 1    MLU D CG   1 
HETATM 395  C  CD1  . MLU D  1 1 ? 6.813   2.579   6.734   1.00 8.16  ? 1    MLU D CD1  1 
HETATM 396  C  CD2  . MLU D  1 1 ? 7.452   4.935   6.636   1.00 12.93 ? 1    MLU D CD2  1 
HETATM 397  H  H    . MLU D  1 1 ? 8.647   3.713   11.160  1.00 8.52  ? 1    MLU D H    1 
HETATM 398  H  HA   . MLU D  1 1 ? 7.297   1.822   9.605   1.00 7.67  ? 1    MLU D HA   1 
HETATM 399  H  HB2  . MLU D  1 1 ? 8.130   4.583   9.073   1.00 9.77  ? 1    MLU D HB2  1 
HETATM 400  H  HB3  . MLU D  1 1 ? 8.831   3.317   8.396   1.00 9.77  ? 1    MLU D HB3  1 
HETATM 401  H  HG   . MLU D  1 1 ? 6.135   4.008   7.962   1.00 9.38  ? 1    MLU D HG   1 
HETATM 402  H  HD11 . MLU D  1 1 ? 6.148   2.786   6.045   1.00 12.25 ? 1    MLU D HD11 1 
HETATM 403  H  HD12 . MLU D  1 1 ? 6.492   1.835   7.285   1.00 12.25 ? 1    MLU D HD12 1 
HETATM 404  H  HD13 . MLU D  1 1 ? 7.659   2.326   6.307   1.00 12.25 ? 1    MLU D HD13 1 
HETATM 405  H  HD21 . MLU D  1 1 ? 7.563   5.755   7.161   1.00 19.39 ? 1    MLU D HD21 1 
HETATM 406  H  HD22 . MLU D  1 1 ? 6.760   5.074   5.956   1.00 19.39 ? 1    MLU D HD22 1 
HETATM 407  H  HD23 . MLU D  1 1 ? 8.300   4.710   6.199   1.00 19.39 ? 1    MLU D HD23 1 
HETATM 408  H  HN1  . MLU D  1 1 ? 8.929   2.118   12.779  1.00 16.15 ? 1    MLU D HN1  1 
HETATM 409  H  HN2  . MLU D  1 1 ? 8.076   1.100   11.885  1.00 16.15 ? 1    MLU D HN2  1 
HETATM 410  H  HN3  . MLU D  1 1 ? 7.369   2.381   12.535  1.00 16.15 ? 1    MLU D HN3  1 
HETATM 411  N  N    . OMZ D  1 2 ? 5.072   2.683   10.471  1.00 3.93  ? 2    OMZ D N    1 
HETATM 412  C  CA   . OMZ D  1 2 ? 3.820   3.338   10.812  1.00 3.67  ? 2    OMZ D CA   1 
HETATM 413  C  C    . OMZ D  1 2 ? 2.749   3.219   9.727   1.00 3.19  ? 2    OMZ D C    1 
HETATM 414  O  O    . OMZ D  1 2 ? 1.745   3.926   9.839   1.00 4.05  ? 2    OMZ D O    1 
HETATM 415  C  CB   . OMZ D  1 2 ? 3.236   2.930   12.219  1.00 3.87  ? 2    OMZ D CB   1 
HETATM 416  O  OC   . OMZ D  1 2 ? 4.296   2.938   13.163  1.00 5.15  ? 2    OMZ D OC   1 
HETATM 417  C  CG   . OMZ D  1 2 ? 2.544   1.588   12.183  1.00 3.58  ? 2    OMZ D CG   1 
HETATM 418  C  CD1  . OMZ D  1 2 ? 1.170   1.552   12.027  1.00 3.59  ? 2    OMZ D CD1  1 
HETATM 419  C  CD2  . OMZ D  1 2 ? 3.277   0.393   12.213  1.00 3.80  ? 2    OMZ D CD2  1 
HETATM 420  C  CE1  . OMZ D  1 2 ? 0.523   0.355   11.875  1.00 3.45  ? 2    OMZ D CE1  1 
HETATM 421  CL CL   . OMZ D  1 2 ? -1.191  0.300   11.594  1.00 4.53  ? 2    OMZ D CL   1 
HETATM 422  C  CE2  . OMZ D  1 2 ? 2.620   -0.810  12.063  1.00 3.74  ? 2    OMZ D CE2  1 
HETATM 423  C  CZ   . OMZ D  1 2 ? 1.252   -0.820  11.862  1.00 3.41  ? 2    OMZ D CZ   1 
HETATM 424  O  OH   . OMZ D  1 2 ? 0.612   -2.056  11.658  1.00 3.57  ? 2    OMZ D OH   1 
HETATM 425  H  H    . OMZ D  1 2 ? 5.090   1.828   10.262  1.00 4.72  ? 2    OMZ D H    1 
HETATM 426  H  HA   . OMZ D  1 2 ? 4.032   4.313   10.879  1.00 4.40  ? 2    OMZ D HA   1 
HETATM 427  H  HB   . OMZ D  1 2 ? 2.566   3.621   12.493  1.00 4.64  ? 2    OMZ D HB   1 
HETATM 428  H  HC   . OMZ D  1 2 ? 4.662   3.695   13.166  1.00 7.73  ? 2    OMZ D HC   1 
HETATM 429  H  HD1  . OMZ D  1 2 ? 0.672   2.361   12.025  1.00 4.31  ? 2    OMZ D HD1  1 
HETATM 430  H  HD2  . OMZ D  1 2 ? 4.219   0.412   12.337  1.00 4.56  ? 2    OMZ D HD2  1 
HETATM 431  H  HE2  . OMZ D  1 2 ? 3.104   -1.627  12.097  1.00 4.49  ? 2    OMZ D HE2  1 
ATOM   432  N  N    . ASN D  1 3 ? 2.942   2.354   8.723   1.00 2.99  ? 3    ASN D N    1 
ATOM   433  C  CA   . ASN D  1 3 ? 2.124   2.391   7.514   1.00 2.71  ? 3    ASN D CA   1 
ATOM   434  C  C    . ASN D  1 3 ? 1.242   1.145   7.270   1.00 2.49  ? 3    ASN D C    1 
ATOM   435  O  O    . ASN D  1 3 ? 0.048   1.288   7.109   1.00 3.28  ? 3    ASN D O    1 
ATOM   436  C  CB   . ASN D  1 3 ? 2.987   2.631   6.275   1.00 3.39  ? 3    ASN D CB   1 
ATOM   437  C  CG   . ASN D  1 3 ? 3.422   4.063   6.153   1.00 4.47  ? 3    ASN D CG   1 
ATOM   438  O  OD1  . ASN D  1 3 ? 3.282   4.862   7.057   1.00 7.34  ? 3    ASN D OD1  1 
ATOM   439  N  ND2  . ASN D  1 3 ? 3.952   4.388   4.968   1.00 4.68  ? 3    ASN D ND2  1 
ATOM   440  H  H    . ASN D  1 3 ? 3.577   1.749   8.794   1.00 3.59  ? 3    ASN D H    1 
ATOM   441  H  HA   . ASN D  1 3 ? 1.508   3.174   7.599   1.00 3.25  ? 3    ASN D HA   1 
ATOM   442  H  HB2  . ASN D  1 3 ? 3.789   2.051   6.321   1.00 4.07  ? 3    ASN D HB2  1 
ATOM   443  H  HB3  . ASN D  1 3 ? 2.475   2.377   5.467   1.00 4.07  ? 3    ASN D HB3  1 
ATOM   444  H  HD21 . ASN D  1 3 ? 4.035   3.777   4.341   1.00 5.61  ? 3    ASN D HD21 1 
ATOM   445  H  HD22 . ASN D  1 3 ? 4.217   5.214   4.816   1.00 5.61  ? 3    ASN D HD22 1 
HETATM 446  N  N    . GHP D  1 4 ? 1.881   -0.041  7.169   1.00 2.45  ? 4    GHP D N    1 
HETATM 447  C  CA   . GHP D  1 4 ? 1.125   -1.238  6.801   1.00 2.44  ? 4    GHP D CA   1 
HETATM 448  C  C    . GHP D  1 4 ? 1.881   -2.030  5.726   1.00 2.43  ? 4    GHP D C    1 
HETATM 449  O  O    . GHP D  1 4 ? 3.015   -2.435  5.916   1.00 3.06  ? 4    GHP D O    1 
HETATM 450  C  C1   . GHP D  1 4 ? 0.869   -2.164  7.984   1.00 2.46  ? 4    GHP D C1   1 
HETATM 451  C  C2   . GHP D  1 4 ? 0.916   -1.661  9.276   1.00 2.83  ? 4    GHP D C2   1 
HETATM 452  C  C3   . GHP D  1 4 ? 0.631   -2.496  10.344  1.00 3.04  ? 4    GHP D C3   1 
HETATM 453  C  C4   . GHP D  1 4 ? 0.341   -3.840  10.159  1.00 3.04  ? 4    GHP D C4   1 
HETATM 454  O  O4   . GHP D  1 4 ? 0.034   -4.644  11.250  1.00 3.19  ? 4    GHP D O4   1 
HETATM 455  C  C5   . GHP D  1 4 ? 0.309   -4.342  8.853   1.00 2.92  ? 4    GHP D C5   1 
HETATM 456  C  C6   . GHP D  1 4 ? 0.559   -3.504  7.769   1.00 2.82  ? 4    GHP D C6   1 
HETATM 457  H  H    . GHP D  1 4 ? 2.746   -0.093  7.321   1.00 2.94  ? 4    GHP D H    1 
HETATM 458  H  HA   . GHP D  1 4 ? 0.243   -0.953  6.425   1.00 2.93  ? 4    GHP D HA   1 
HETATM 459  H  HC2  . GHP D  1 4 ? 1.141   -0.751  9.427   1.00 3.40  ? 4    GHP D HC2  1 
HETATM 460  H  H6   . GHP D  1 4 ? 0.518   -3.846  6.884   1.00 3.38  ? 4    GHP D H6   1 
HETATM 461  N  N    . GHP D  1 5 ? 1.182   -2.309  4.621   1.00 2.22  ? 5    GHP D N    1 
HETATM 462  C  CA   . GHP D  1 5 ? 1.690   -3.332  3.712   1.00 2.13  ? 5    GHP D CA   1 
HETATM 463  C  C    . GHP D  1 5 ? 0.466   -4.116  3.200   1.00 2.29  ? 5    GHP D C    1 
HETATM 464  O  O    . GHP D  1 5 ? -0.624  -3.528  3.075   1.00 2.47  ? 5    GHP D O    1 
HETATM 465  C  C1   . GHP D  1 5 ? 2.420   -2.837  2.462   1.00 2.01  ? 5    GHP D C1   1 
HETATM 466  C  C2   . GHP D  1 5 ? 1.786   -2.018  1.520   1.00 2.51  ? 5    GHP D C2   1 
HETATM 467  C  C3   . GHP D  1 5 ? 2.406   -1.761  0.302   1.00 2.81  ? 5    GHP D C3   1 
HETATM 468  C  C4   . GHP D  1 5 ? 3.633   -2.346  0.000   1.00 2.52  ? 5    GHP D C4   1 
HETATM 469  O  O4   . GHP D  1 5 ? 4.239   -2.151  -1.214  1.00 3.10  ? 5    GHP D O4   1 
HETATM 470  C  C5   . GHP D  1 5 ? 4.280   -3.155  0.929   1.00 2.51  ? 5    GHP D C5   1 
HETATM 471  C  C6   . GHP D  1 5 ? 3.671   -3.356  2.165   1.00 2.39  ? 5    GHP D C6   1 
HETATM 472  H  H    . GHP D  1 5 ? 0.430   -1.885  4.446   1.00 2.66  ? 5    GHP D H    1 
HETATM 473  H  HA   . GHP D  1 5 ? 2.290   -3.952  4.218   1.00 2.56  ? 5    GHP D HA   1 
HETATM 474  H  HC2  . GHP D  1 5 ? 0.936   -1.642  1.711   1.00 3.01  ? 5    GHP D HC2  1 
HETATM 475  H  H3   . GHP D  1 5 ? 1.991   -1.182  -0.326  1.00 3.37  ? 5    GHP D H3   1 
HETATM 476  H  HO4  . GHP D  1 5 ? 3.758   -1.654  -1.691  1.00 4.65  ? 5    GHP D HO4  1 
HETATM 477  H  H6   . GHP D  1 5 ? 4.128   -3.865  2.825   1.00 2.87  ? 5    GHP D H6   1 
HETATM 478  N  N    . OMY D  1 6 ? 0.619   -5.395  2.832   1.00 2.37  ? 6    OMY D N    1 
HETATM 479  C  CA   . OMY D  1 6 ? 1.845   -6.172  2.870   1.00 2.57  ? 6    OMY D CA   1 
HETATM 480  O  OCZ  . OMY D  1 6 ? 0.034   -5.688  8.710   1.00 3.16  ? 6    OMY D OCZ  1 
HETATM 481  C  CE2  . OMY D  1 6 ? -0.579  -6.546  6.564   1.00 2.70  ? 6    OMY D CE2  1 
HETATM 482  C  CE1  . OMY D  1 6 ? 1.731   -6.520  7.202   1.00 3.18  ? 6    OMY D CE1  1 
HETATM 483  C  CZ   . OMY D  1 6 ? 0.407   -6.249  7.487   1.00 2.77  ? 6    OMY D CZ   1 
HETATM 484  C  CG   . OMY D  1 6 ? 1.128   -7.239  4.982   1.00 2.64  ? 6    OMY D CG   1 
HETATM 485  C  CD2  . OMY D  1 6 ? -0.222  -7.024  5.304   1.00 2.59  ? 6    OMY D CD2  1 
HETATM 486  C  CD1  . OMY D  1 6 ? 2.092   -7.017  5.961   1.00 2.95  ? 6    OMY D CD1  1 
HETATM 487  C  CB   . OMY D  1 6 ? 1.567   -7.524  3.561   1.00 2.54  ? 6    OMY D CB   1 
HETATM 488  CL CL   . OMY D  1 6 ? 2.967   -6.188  8.379   1.00 5.21  ? 6    OMY D CL   1 
HETATM 489  O  O    . OMY D  1 6 ? 1.689   -6.220  0.467   1.00 3.34  ? 6    OMY D O    1 
HETATM 490  C  C    . OMY D  1 6 ? 2.414   -6.242  1.459   1.00 2.67  ? 6    OMY D C    1 
HETATM 491  O  ODE  . OMY D  1 6 ? 0.591   -8.141  2.752   1.00 2.70  ? 6    OMY D ODE  1 
HETATM 492  H  H    . OMY D  1 6 ? -0.099  -5.808  2.535   1.00 2.84  ? 6    OMY D H    1 
HETATM 493  H  HA   . OMY D  1 6 ? 2.501   -5.673  3.435   1.00 3.09  ? 6    OMY D HA   1 
HETATM 494  H  HE2  . OMY D  1 6 ? -1.494  -6.425  6.788   1.00 3.23  ? 6    OMY D HE2  1 
HETATM 495  H  HD2  . OMY D  1 6 ? -0.896  -7.204  4.659   1.00 3.11  ? 6    OMY D HD2  1 
HETATM 496  H  HD1  . OMY D  1 6 ? 3.005   -7.208  5.777   1.00 3.54  ? 6    OMY D HD1  1 
HETATM 497  H  HB   . OMY D  1 6 ? 2.400   -8.077  3.569   1.00 3.05  ? 6    OMY D HB   1 
HETATM 498  N  N    . 3FG D  1 7 ? 3.758   -6.280  1.377   1.00 2.87  ? 7    3FG D N    1 
HETATM 499  O  OD1  . 3FG D  1 7 ? 6.629   -1.761  1.013   1.00 3.63  ? 7    3FG D OD1  1 
HETATM 500  C  CD1  . 3FG D  1 7 ? 6.765   -3.062  0.688   1.00 3.73  ? 7    3FG D CD1  1 
HETATM 501  C  CG1  . 3FG D  1 7 ? 5.577   -3.830  0.627   1.00 2.87  ? 7    3FG D CG1  1 
HETATM 502  C  CZ   . 3FG D  1 7 ? 7.992   -3.655  0.417   1.00 5.65  ? 7    3FG D CZ   1 
HETATM 503  C  CD2  . 3FG D  1 7 ? 8.056   -5.008  0.126   1.00 6.52  ? 7    3FG D CD2  1 
HETATM 504  O  OD2  . 3FG D  1 7 ? 9.299   -5.540  -0.107  1.00 10.34 ? 7    3FG D OD2  1 
HETATM 505  C  CG2  . 3FG D  1 7 ? 6.926   -5.776  0.069   1.00 4.80  ? 7    3FG D CG2  1 
HETATM 506  C  CB   . 3FG D  1 7 ? 5.669   -5.201  0.293   1.00 3.48  ? 7    3FG D CB   1 
HETATM 507  C  CA   . 3FG D  1 7 ? 4.393   -6.006  0.104   1.00 3.29  ? 7    3FG D CA   1 
HETATM 508  C  C    . 3FG D  1 7 ? 4.592   -7.278  -0.740  1.00 3.94  ? 7    3FG D C    1 
HETATM 509  O  O    . 3FG D  1 7 ? 4.582   -8.383  -0.155  1.00 5.12  ? 7    3FG D O    1 
HETATM 510  O  OXT  . 3FG D  1 7 ? 4.744   -7.108  -1.979  1.00 5.12  ? 7    3FG D OXT  1 
HETATM 511  H  H    . 3FG D  1 7 ? 4.243   -6.469  2.086   1.00 3.45  ? 7    3FG D H    1 
HETATM 512  H  HA   . 3FG D  1 7 ? 3.761   -5.422  -0.408  1.00 3.95  ? 7    3FG D HA   1 
HETATM 513  H  HD1  . 3FG D  1 7 ? 7.386   -1.394  1.020   1.00 5.45  ? 7    3FG D HD1  1 
HETATM 514  H  HZ   . 3FG D  1 7 ? 8.787   -3.133  0.432   1.00 6.78  ? 7    3FG D HZ   1 
HETATM 515  H  HD2  . 3FG D  1 7 ? 9.225   -6.358  -0.281  1.00 15.50 ? 7    3FG D HD2  1 
HETATM 516  H  HG2  . 3FG D  1 7 ? 6.993   -6.705  -0.123  1.00 5.76  ? 7    3FG D HG2  1 
HETATM 517  C  C2   . BGC E  2 . ? -3.733  -6.842  11.498  1.00 3.15  ? 8    BGC A C2   1 
HETATM 518  C  C3   . BGC E  2 . ? -2.560  -7.194  12.399  1.00 3.46  ? 8    BGC A C3   1 
HETATM 519  C  C4   . BGC E  2 . ? -1.770  -8.354  11.828  1.00 3.65  ? 8    BGC A C4   1 
HETATM 520  C  C5   . BGC E  2 . ? -1.375  -8.075  10.389  1.00 3.68  ? 8    BGC A C5   1 
HETATM 521  C  C6   . BGC E  2 . ? -0.698  -9.231  9.679   1.00 4.33  ? 8    BGC A C6   1 
HETATM 522  C  C1   . BGC E  2 . ? -3.248  -6.632  10.086  1.00 2.88  ? 8    BGC A C1   1 
HETATM 523  O  O2   . BGC E  2 . ? -4.349  -5.661  12.007  1.00 3.69  ? 8    BGC A O2   1 
HETATM 524  O  O3   . BGC E  2 . ? -2.991  -7.547  13.706  1.00 4.28  ? 8    BGC A O3   1 
HETATM 525  O  O4   . BGC E  2 . ? -0.592  -8.595  12.576  1.00 4.89  ? 8    BGC A O4   1 
HETATM 526  O  O5   . BGC E  2 . ? -2.578  -7.785  9.616   1.00 3.35  ? 8    BGC A O5   1 
HETATM 527  O  O6   . BGC E  2 . ? -1.403  -10.443 9.745   1.00 5.27  ? 8    BGC A O6   1 
HETATM 528  H  H2   . BGC E  2 . ? -4.395  -7.591  11.512  1.00 3.79  ? 8    BGC A H2   1 
HETATM 529  H  H3   . BGC E  2 . ? -1.958  -6.398  12.465  1.00 4.15  ? 8    BGC A H3   1 
HETATM 530  H  H4   . BGC E  2 . ? -2.341  -9.175  11.852  1.00 4.38  ? 8    BGC A H4   1 
HETATM 531  H  H5   . BGC E  2 . ? -0.771  -7.279  10.364  1.00 4.42  ? 8    BGC A H5   1 
HETATM 532  H  H61  . BGC E  2 . ? -0.573  -8.989  8.728   1.00 5.20  ? 8    BGC A H61  1 
HETATM 533  H  H62  . BGC E  2 . ? 0.200   -9.365  10.075  1.00 5.20  ? 8    BGC A H62  1 
HETATM 534  H  H1   . BGC E  2 . ? -2.654  -5.830  10.033  1.00 3.46  ? 8    BGC A H1   1 
HETATM 535  H  HO2  . BGC E  2 . ? -4.322  -5.057  11.423  1.00 5.54  ? 8    BGC A HO2  1 
HETATM 536  H  HO3  . BGC E  2 . ? -3.424  -6.910  14.039  1.00 6.43  ? 8    BGC A HO3  1 
HETATM 537  H  HO4  . BGC E  2 . ? -0.535  -8.034  13.199  1.00 7.34  ? 8    BGC A HO4  1 
HETATM 538  H  HO6  . BGC E  2 . ? -1.503  -10.665 10.548  1.00 7.91  ? 8    BGC A HO6  1 
HETATM 539  C  C1   . DVC F  3 . ? -2.872  2.922   9.061   1.00 3.18  ? 9    DVC A C1   1 
HETATM 540  C  C2   . DVC F  3 . ? -1.526  3.597   9.319   1.00 3.40  ? 9    DVC A C2   1 
HETATM 541  C  C3   . DVC F  3 . ? -1.420  4.963   8.635   1.00 3.79  ? 9    DVC A C3   1 
HETATM 542  N  N3   . DVC F  3 . ? -0.226  5.674   9.236   1.00 4.50  ? 9    DVC A N3   1 
HETATM 543  C  C4   . DVC F  3 . ? -2.653  5.806   8.992   1.00 4.24  ? 9    DVC A C4   1 
HETATM 544  O  O4   . DVC F  3 . ? -2.577  7.065   8.351   1.00 5.26  ? 9    DVC A O4   1 
HETATM 545  C  C5   . DVC F  3 . ? -3.929  5.028   8.600   1.00 4.35  ? 9    DVC A C5   1 
HETATM 546  O  O5   . DVC F  3 . ? -3.972  3.785   9.288   1.00 4.12  ? 9    DVC A O5   1 
HETATM 547  C  C6   . DVC F  3 . ? -5.200  5.777   8.986   1.00 6.42  ? 9    DVC A C6   1 
HETATM 548  C  C3M  . DVC F  3 . ? -1.153  4.874   7.147   1.00 4.24  ? 9    DVC A C3M  1 
HETATM 549  O  O41  . DVC F  3 . ? -2.624  6.115   10.373  1.00 4.71  ? 9    DVC A O41  1 
HETATM 550  H  H1   . DVC F  3 . ? -2.955  2.133   9.671   1.00 3.81  ? 9    DVC A H1   1 
HETATM 551  H  H2   . DVC F  3 . ? -0.800  3.011   8.988   1.00 4.08  ? 9    DVC A H2   1 
HETATM 552  H  H2A  . DVC F  3 . ? -1.402  3.713   10.294  1.00 4.08  ? 9    DVC A H2A  1 
HETATM 553  H  HN3  . DVC F  3 . ? -0.341  5.752   10.136  1.00 6.75  ? 9    DVC A HN3  1 
HETATM 554  H  HN3A . DVC F  3 . ? -0.148  6.501   8.867   1.00 6.75  ? 9    DVC A HN3A 1 
HETATM 555  H  H5   . DVC F  3 . ? -3.929  4.862   7.614   1.00 5.22  ? 9    DVC A H5   1 
HETATM 556  H  H6   . DVC F  3 . ? -5.982  5.251   8.722   1.00 9.63  ? 9    DVC A H6   1 
HETATM 557  H  H6A  . DVC F  3 . ? -5.219  6.644   8.530   1.00 9.63  ? 9    DVC A H6A  1 
HETATM 558  H  H6B  . DVC F  3 . ? -5.213  5.918   9.956   1.00 9.63  ? 9    DVC A H6B  1 
HETATM 559  H  H3M  . DVC F  3 . ? -1.098  5.777   6.771   1.00 6.36  ? 9    DVC A H3M  1 
HETATM 560  H  H3MA . DVC F  3 . ? -0.307  4.404   6.994   1.00 6.36  ? 9    DVC A H3MA 1 
HETATM 561  H  H3MB . DVC F  3 . ? -1.883  4.384   6.713   1.00 6.36  ? 9    DVC A H3MB 1 
HETATM 562  N  N    . DAL G  4 . ? -8.426  -0.953  1.119   1.00 5.31  ? 11   DAL A N    1 
HETATM 563  C  CA   . DAL G  4 . ? -7.488  -1.971  1.730   1.00 4.19  ? 11   DAL A CA   1 
HETATM 564  C  CB   . DAL G  4 . ? -6.492  -2.481  0.703   1.00 5.94  ? 11   DAL A CB   1 
HETATM 565  C  C    . DAL G  4 . ? -8.343  -3.077  2.284   1.00 3.99  ? 11   DAL A C    1 
HETATM 566  O  O    . DAL G  4 . ? -9.397  -3.383  1.693   1.00 5.73  ? 11   DAL A O    1 
HETATM 567  H  HA   . DAL G  4 . ? -6.988  -1.541  2.480   1.00 5.03  ? 11   DAL A HA   1 
HETATM 568  H  HB1  . DAL G  4 . ? -5.957  -1.732  0.366   1.00 8.91  ? 11   DAL A HB1  1 
HETATM 569  H  HB2  . DAL G  4 . ? -5.902  -3.143  1.120   1.00 8.91  ? 11   DAL A HB2  1 
HETATM 570  H  HB3  . DAL G  4 . ? -6.975  -2.897  -0.042  1.00 8.91  ? 11   DAL A HB3  1 
HETATM 571  N  N    . DAL H  4 . ? -7.883  -3.681  3.372   1.00 3.28  ? 12   DAL A N    1 
HETATM 572  C  CA   . DAL H  4 . ? -8.435  -4.921  3.926   1.00 3.56  ? 12   DAL A CA   1 
HETATM 573  C  CB   . DAL H  4 . ? -8.036  -5.037  5.385   1.00 4.55  ? 12   DAL A CB   1 
HETATM 574  C  C    . DAL H  4 . ? -7.929  -6.147  3.153   1.00 3.44  ? 12   DAL A C    1 
HETATM 575  O  O    . DAL H  4 . ? -6.881  -6.030  2.467   1.00 3.62  ? 12   DAL A O    1 
HETATM 576  O  OXT  . DAL H  4 . ? -8.597  -7.210  3.251   1.00 4.64  ? 12   DAL A OXT  1 
HETATM 577  H  H    . DAL H  4 . ? -7.202  -3.312  3.789   1.00 3.94  ? 12   DAL A H    1 
HETATM 578  H  HA   . DAL H  4 . ? -9.434  -4.888  3.863   1.00 4.27  ? 12   DAL A HA   1 
HETATM 579  H  HB1  . DAL H  4 . ? -8.372  -4.260  5.878   1.00 6.82  ? 12   DAL A HB1  1 
HETATM 580  H  HB2  . DAL H  4 . ? -8.419  -5.855  5.766   1.00 6.82  ? 12   DAL A HB2  1 
HETATM 581  H  HB3  . DAL H  4 . ? -7.059  -5.070  5.454   1.00 6.82  ? 12   DAL A HB3  1 
HETATM 582  C  C1   A CIT I  5 . ? -12.009 -3.591  -1.370  0.50 6.39  ? 1015 CIT A C1   1 
HETATM 583  C  C1   B CIT I  5 . ? -9.873  -1.555  -4.800  0.50 6.40  ? 1015 CIT A C1   1 
HETATM 584  O  O1   A CIT I  5 . ? -11.735 -4.812  -1.619  0.50 9.20  ? 1015 CIT A O1   1 
HETATM 585  O  O1   B CIT I  5 . ? -9.874  -2.588  -5.562  0.50 8.01  ? 1015 CIT A O1   1 
HETATM 586  O  O2   A CIT I  5 . ? -12.959 -3.295  -0.729  0.50 7.54  ? 1015 CIT A O2   1 
HETATM 587  O  O2   B CIT I  5 . ? -9.141  -0.620  -4.922  0.50 10.04 ? 1015 CIT A O2   1 
HETATM 588  C  C2   A CIT I  5 . ? -11.200 -2.561  -2.081  0.50 3.88  ? 1015 CIT A C2   1 
HETATM 589  C  C2   B CIT I  5 . ? -10.765 -1.737  -3.584  0.50 4.04  ? 1015 CIT A C2   1 
HETATM 590  C  C3   A CIT I  5 . ? -11.580 -1.151  -1.630  0.50 3.26  ? 1015 CIT A C3   1 
HETATM 591  C  C3   B CIT I  5 . ? -10.715 -0.503  -2.682  0.50 3.94  ? 1015 CIT A C3   1 
HETATM 592  O  O7   A CIT I  5 . ? -11.216 -0.946  -0.259  0.50 4.17  ? 1015 CIT A O7   1 
HETATM 593  O  O7   B CIT I  5 . ? -11.229 0.650   -3.336  0.50 4.98  ? 1015 CIT A O7   1 
HETATM 594  C  C4   A CIT I  5 . ? -10.825 -0.067  -2.455  0.50 2.77  ? 1015 CIT A C4   1 
HETATM 595  C  C4   B CIT I  5 . ? -11.546 -0.686  -1.386  0.50 3.52  ? 1015 CIT A C4   1 
HETATM 596  C  C5   A CIT I  5 . ? -9.315  -0.157  -2.071  0.50 3.86  ? 1015 CIT A C5   1 
HETATM 597  C  C5   B CIT I  5 . ? -13.042 -0.843  -1.890  0.50 4.22  ? 1015 CIT A C5   1 
HETATM 598  O  O3   A CIT I  5 . ? -8.647  -1.164  -1.776  0.50 4.04  ? 1015 CIT A O3   1 
HETATM 599  O  O3   B CIT I  5 . ? -13.556 -1.244  -2.969  0.50 4.51  ? 1015 CIT A O3   1 
HETATM 600  O  O4   A CIT I  5 . ? -8.837  1.053   -2.040  0.50 4.83  ? 1015 CIT A O4   1 
HETATM 601  O  O4   B CIT I  5 . ? -13.783 -0.343  -0.932  0.50 5.08  ? 1015 CIT A O4   1 
HETATM 602  C  C6   A CIT I  5 . ? -13.060 -0.666  -1.618  0.50 3.67  ? 1015 CIT A C6   1 
HETATM 603  C  C6   B CIT I  5 . ? -9.338  -0.004  -2.214  0.50 4.09  ? 1015 CIT A C6   1 
HETATM 604  O  O5   A CIT I  5 . ? -13.694 -0.042  -0.758  0.50 3.27  ? 1015 CIT A O5   1 
HETATM 605  O  O5   B CIT I  5 . ? -8.889  1.173   -2.211  0.50 3.87  ? 1015 CIT A O5   1 
HETATM 606  O  O6   A CIT I  5 . ? -13.470 -1.047  -2.754  0.50 4.66  ? 1015 CIT A O6   1 
HETATM 607  O  O6   B CIT I  5 . ? -8.752  -0.997  -1.724  0.50 4.78  ? 1015 CIT A O6   1 
HETATM 608  H  H21  A CIT I  5 . ? -11.346 -2.644  -3.057  0.50 4.66  ? 1015 CIT A H21  1 
HETATM 609  H  H21  B CIT I  5 . ? -10.468 -2.532  -3.073  0.50 4.85  ? 1015 CIT A H21  1 
HETATM 610  H  H22  A CIT I  5 . ? -10.239 -2.716  -1.903  0.50 4.66  ? 1015 CIT A H22  1 
HETATM 611  H  H22  B CIT I  5 . ? -11.697 -1.893  -3.879  0.50 4.85  ? 1015 CIT A H22  1 
HETATM 612  H  HO7  A CIT I  5 . ? -11.727 -1.393  0.236   0.50 6.26  ? 1015 CIT A HO7  1 
HETATM 613  H  HO7  B CIT I  5 . ? -10.782 0.801   -4.031  0.50 7.47  ? 1015 CIT A HO7  1 
HETATM 614  H  H41  A CIT I  5 . ? -11.179 0.833   -2.244  0.50 3.32  ? 1015 CIT A H41  1 
HETATM 615  H  H41  B CIT I  5 . ? -11.255 -1.492  -0.891  0.50 4.22  ? 1015 CIT A H41  1 
HETATM 616  H  H42  A CIT I  5 . ? -10.942 -0.231  -3.424  0.50 3.32  ? 1015 CIT A H42  1 
HETATM 617  H  H42  B CIT I  5 . ? -11.455 0.104   -0.795  0.50 4.22  ? 1015 CIT A H42  1 
HETATM 618  C  C1   A CIT J  5 . ? 5.762   -6.386  4.771   0.50 5.14  ? 1016 CIT A C1   1 
HETATM 619  C  C1   B CIT J  5 . ? 5.849   -6.441  4.515   0.50 4.79  ? 1016 CIT A C1   1 
HETATM 620  O  O1   A CIT J  5 . ? 4.822   -6.071  4.051   0.50 4.76  ? 1016 CIT A O1   1 
HETATM 621  O  O1   B CIT J  5 . ? 4.810   -5.895  4.182   0.50 4.73  ? 1016 CIT A O1   1 
HETATM 622  O  O2   A CIT J  5 . ? 6.065   -7.616  4.545   0.50 11.71 ? 1016 CIT A O2   1 
HETATM 623  O  O2   B CIT J  5 . ? 6.467   -7.410  4.046   0.50 6.05  ? 1016 CIT A O2   1 
HETATM 624  C  C2   A CIT J  5 . ? 6.538   -5.646  5.813   0.50 4.86  ? 1016 CIT A C2   1 
HETATM 625  C  C2   B CIT J  5 . ? 6.517   -5.882  5.731   0.50 4.72  ? 1016 CIT A C2   1 
HETATM 626  C  C3   A CIT J  5 . ? 7.842   -5.174  5.108   0.50 3.96  ? 1016 CIT A C3   1 
HETATM 627  C  C3   B CIT J  5 . ? 7.961   -5.293  5.514   0.50 7.01  ? 1016 CIT A C3   1 
HETATM 628  O  O7   A CIT J  5 . ? 7.452   -4.380  4.035   0.50 4.80  ? 1016 CIT A O7   1 
HETATM 629  O  O7   B CIT J  5 . ? 7.798   -4.188  4.629   0.50 8.18  ? 1016 CIT A O7   1 
HETATM 630  C  C4   A CIT J  5 . ? 8.588   -4.340  6.173   0.50 4.72  ? 1016 CIT A C4   1 
HETATM 631  C  C4   B CIT J  5 . ? 8.484   -4.687  6.840   0.50 7.30  ? 1016 CIT A C4   1 
HETATM 632  C  C5   A CIT J  5 . ? 9.776   -3.568  5.620   0.50 4.99  ? 1016 CIT A C5   1 
HETATM 633  C  C5   B CIT J  5 . ? 9.829   -4.067  6.797   0.50 7.61  ? 1016 CIT A C5   1 
HETATM 634  O  O3   A CIT J  5 . ? 10.865  -4.135  5.879   0.50 6.50  ? 1016 CIT A O3   1 
HETATM 635  O  O3   B CIT J  5 . ? 10.321  -3.455  7.739   0.50 12.35 ? 1016 CIT A O3   1 
HETATM 636  O  O4   A CIT J  5 . ? 9.656   -2.585  5.026   0.50 8.56  ? 1016 CIT A O4   1 
HETATM 637  O  O4   B CIT J  5 . ? 10.638  -3.999  5.947   0.50 10.24 ? 1016 CIT A O4   1 
HETATM 638  C  C6   A CIT J  5 . ? 8.741   -6.270  4.562   0.50 5.58  ? 1016 CIT A C6   1 
HETATM 639  C  C6   B CIT J  5 . ? 8.960   -6.329  4.962   0.50 9.01  ? 1016 CIT A C6   1 
HETATM 640  O  O5   A CIT J  5 . ? 8.948   -6.255  3.279   0.50 7.51  ? 1016 CIT A O5   1 
HETATM 641  O  O5   B CIT J  5 . ? 9.343   -6.034  3.741   0.50 10.59 ? 1016 CIT A O5   1 
HETATM 642  O  O6   A CIT J  5 . ? 9.228   -7.104  5.349   0.50 5.17  ? 1016 CIT A O6   1 
HETATM 643  O  O6   B CIT J  5 . ? 9.103   -7.358  5.615   0.50 17.03 ? 1016 CIT A O6   1 
HETATM 644  H  H21  A CIT J  5 . ? 6.749   -6.239  6.577   0.50 5.83  ? 1016 CIT A H21  1 
HETATM 645  H  H21  B CIT J  5 . ? 6.573   -6.599  6.411   0.50 5.66  ? 1016 CIT A H21  1 
HETATM 646  H  H22  A CIT J  5 . ? 6.021   -4.871  6.146   0.50 5.83  ? 1016 CIT A H22  1 
HETATM 647  H  H22  B CIT J  5 . ? 5.942   -5.167  6.100   0.50 5.66  ? 1016 CIT A H22  1 
HETATM 648  H  HO7  A CIT J  5 . ? 8.134   -4.090  3.639   0.50 7.20  ? 1016 CIT A HO7  1 
HETATM 649  H  HO7  B CIT J  5 . ? 8.538   -3.808  4.516   0.50 12.27 ? 1016 CIT A HO7  1 
HETATM 650  H  H41  A CIT J  5 . ? 7.952   -3.699  6.580   0.50 5.66  ? 1016 CIT A H41  1 
HETATM 651  H  H41  B CIT J  5 . ? 8.496   -5.404  7.523   0.50 8.76  ? 1016 CIT A H41  1 
HETATM 652  H  H42  A CIT J  5 . ? 8.905   -4.945  6.890   0.50 5.66  ? 1016 CIT A H42  1 
HETATM 653  H  H42  B CIT J  5 . ? 7.837   -4.002  7.144   0.50 8.76  ? 1016 CIT A H42  1 
HETATM 654  C  C1   . CIT K  5 . ? -4.896  -0.921  -8.430  1.00 6.29  ? 1017 CIT A C1   1 
HETATM 655  O  O1   . CIT K  5 . ? -3.981  -0.899  -7.681  1.00 5.63  ? 1017 CIT A O1   1 
HETATM 656  O  O2   . CIT K  5 . ? -5.196  -2.040  -9.071  1.00 11.34 ? 1017 CIT A O2   1 
HETATM 657  C  C2   . CIT K  5 . ? -5.895  0.176   -8.646  1.00 6.10  ? 1017 CIT A C2   1 
HETATM 658  C  C3   . CIT K  5 . ? -7.244  -0.187  -8.007  1.00 6.91  ? 1017 CIT A C3   1 
HETATM 659  O  O7   . CIT K  5 . ? -6.937  -0.504  -6.651  1.00 9.35  ? 1017 CIT A O7   1 
HETATM 660  C  C4   A CIT K  5 . ? -8.118  1.082   -8.492  0.50 9.14  ? 1017 CIT A C4   1 
HETATM 661  C  C4   B CIT K  5 . ? -8.222  0.960   -7.866  0.50 5.46  ? 1017 CIT A C4   1 
HETATM 662  C  C5   A CIT K  5 . ? -9.557  1.240   -8.235  0.50 10.93 ? 1017 CIT A C5   1 
HETATM 663  C  C5   B CIT K  5 . ? -9.471  0.650   -7.157  0.50 4.39  ? 1017 CIT A C5   1 
HETATM 664  O  O3   A CIT K  5 . ? -10.366 0.380   -7.844  0.50 7.47  ? 1017 CIT A O3   1 
HETATM 665  O  O3   B CIT K  5 . ? -10.420 0.414   -7.921  0.50 10.90 ? 1017 CIT A O3   1 
HETATM 666  O  O4   B CIT K  5 . ? -9.481  0.634   -5.933  0.50 6.88  ? 1017 CIT A O4   1 
HETATM 667  C  C6   . CIT K  5 . ? -7.879  -1.426  -8.597  1.00 7.78  ? 1017 CIT A C6   1 
HETATM 668  O  O5   . CIT K  5 . ? -8.023  -2.420  -7.771  1.00 11.54 ? 1017 CIT A O5   1 
HETATM 669  O  O6   . CIT K  5 . ? -8.174  -1.417  -9.773  1.00 9.20  ? 1017 CIT A O6   1 
HETATM 670  H  H21  . CIT K  5 . ? -6.017  0.325   -9.617  1.00 7.32  ? 1017 CIT A H21  1 
HETATM 671  H  H22  . CIT K  5 . ? -5.555  1.016   -8.246  1.00 7.32  ? 1017 CIT A H22  1 
HETATM 672  H  HO7  . CIT K  5 . ? -7.156  -1.299  -6.493  1.00 14.03 ? 1017 CIT A HO7  1 
HETATM 673  H  H41  A CIT K  5 . ? -7.679  1.882   -8.111  0.50 10.97 ? 1017 CIT A H41  1 
HETATM 674  H  H41  B CIT K  5 . ? -7.767  1.698   -7.390  0.50 6.55  ? 1017 CIT A H41  1 
HETATM 675  H  H42  A CIT K  5 . ? -8.004  1.139   -9.473  0.50 10.97 ? 1017 CIT A H42  1 
HETATM 676  H  H42  B CIT K  5 . ? -8.451  1.287   -8.772  0.50 6.55  ? 1017 CIT A H42  1 
HETATM 677  C  C1   A CIT L  5 . ? 14.327  1.696   9.475   0.60 5.25  ? 1018 CIT A C1   1 
HETATM 678  C  C1   B CIT L  5 . ? 14.551  1.197   9.523   0.40 10.40 ? 1018 CIT A C1   1 
HETATM 679  O  O1   A CIT L  5 . ? 15.474  1.611   9.118   0.60 4.24  ? 1018 CIT A O1   1 
HETATM 680  O  O1   B CIT L  5 . ? 15.440  1.900   9.135   0.40 12.39 ? 1018 CIT A O1   1 
HETATM 681  O  O2   A CIT L  5 . ? 13.719  2.724   9.800   0.60 8.82  ? 1018 CIT A O2   1 
HETATM 682  C  C2   A CIT L  5 . ? 13.512  0.422   9.467   0.60 4.62  ? 1018 CIT A C2   1 
HETATM 683  C  C2   B CIT L  5 . ? 13.004  1.048   9.532   0.40 15.32 ? 1018 CIT A C2   1 
HETATM 684  C  C3   A CIT L  5 . ? 12.299  0.547   8.555   0.60 5.68  ? 1018 CIT A C3   1 
HETATM 685  C  C3   B CIT L  5 . ? 12.099  0.951   8.326   0.40 13.23 ? 1018 CIT A C3   1 
HETATM 686  O  O7   A CIT L  5 . ? 12.814  0.912   7.237   0.60 5.34  ? 1018 CIT A O7   1 
HETATM 687  O  O7   B CIT L  5 . ? 12.520  1.770   7.196   0.40 21.34 ? 1018 CIT A O7   1 
HETATM 688  C  C4   A CIT L  5 . ? 11.589  -0.830  8.533   0.60 6.73  ? 1018 CIT A C4   1 
HETATM 689  C  C4   B CIT L  5 . ? 11.461  -0.530  8.511   0.40 10.79 ? 1018 CIT A C4   1 
HETATM 690  C  C5   A CIT L  5 . ? 10.134  -0.996  8.071   0.60 10.19 ? 1018 CIT A C5   1 
HETATM 691  C  C5   B CIT L  5 . ? 10.410  -0.524  7.420   0.40 7.20  ? 1018 CIT A C5   1 
HETATM 692  O  O3   A CIT L  5 . ? 9.680   -0.079  7.394   0.60 13.87 ? 1018 CIT A O3   1 
HETATM 693  O  O3   B CIT L  5 . ? 9.305   -0.656  8.055   0.40 8.67  ? 1018 CIT A O3   1 
HETATM 694  O  O4   A CIT L  5 . ? 9.506   -2.019  8.308   0.60 12.46 ? 1018 CIT A O4   1 
HETATM 695  O  O4   B CIT L  5 . ? 10.445  -0.562  6.186   0.40 12.87 ? 1018 CIT A O4   1 
HETATM 696  C  C6   A CIT L  5 . ? 11.290  1.645   8.877   0.60 6.15  ? 1018 CIT A C6   1 
HETATM 697  C  C6   B CIT L  5 . ? 11.526  1.740   9.396   0.40 13.10 ? 1018 CIT A C6   1 
HETATM 698  O  O5   A CIT L  5 . ? 11.078  2.556   8.070   0.60 7.37  ? 1018 CIT A O5   1 
HETATM 699  O  O5   B CIT L  5 . ? 11.891  2.810   8.801   0.40 14.22 ? 1018 CIT A O5   1 
HETATM 700  O  O6   A CIT L  5 . ? 10.752  1.582   10.051  0.60 6.53  ? 1018 CIT A O6   1 
HETATM 701  O  O6   B CIT L  5 . ? 10.893  1.306   10.482  0.40 20.90 ? 1018 CIT A O6   1 
HETATM 702  H  H21  A CIT L  5 . ? 13.210  0.218   10.388  0.60 5.54  ? 1018 CIT A H21  1 
HETATM 703  H  H21  B CIT L  5 . ? 12.666  1.816   10.059  0.40 18.38 ? 1018 CIT A H21  1 
HETATM 704  H  H22  A CIT L  5 . ? 14.079  -0.330  9.158   0.60 5.54  ? 1018 CIT A H22  1 
HETATM 705  H  H22  B CIT L  5 . ? 12.816  0.240   10.073  0.40 18.38 ? 1018 CIT A H22  1 
HETATM 706  H  HO7  A CIT L  5 . ? 12.182  0.927   6.684   0.60 8.01  ? 1018 CIT A HO7  1 
HETATM 707  H  HO7  B CIT L  5 . ? 12.712  1.273   6.546   0.40 32.01 ? 1018 CIT A HO7  1 
HETATM 708  H  H41  A CIT L  5 . ? 12.139  -1.426  7.964   0.60 8.08  ? 1018 CIT A H41  1 
HETATM 709  H  H41  B CIT L  5 . ? 12.137  -1.239  8.363   0.40 12.95 ? 1018 CIT A H41  1 
HETATM 710  H  H42  A CIT L  5 . ? 11.639  -1.193  9.453   0.60 8.08  ? 1018 CIT A H42  1 
HETATM 711  H  H42  B CIT L  5 . ? 11.056  -0.643  9.407   0.40 12.95 ? 1018 CIT A H42  1 
HETATM 712  C  C1   . MPD M  6 . ? 1.487   -12.848 5.722   0.50 8.17  ? 1019 MPD A C1   1 
HETATM 713  C  C2   . MPD M  6 . ? 2.031   -11.592 6.458   0.50 5.47  ? 1019 MPD A C2   1 
HETATM 714  O  O2   . MPD M  6 . ? 2.776   -10.870 5.479   0.50 5.72  ? 1019 MPD A O2   1 
HETATM 715  C  CM   . MPD M  6 . ? 0.791   -10.737 6.765   0.50 6.18  ? 1019 MPD A CM   1 
HETATM 716  C  C3   . MPD M  6 . ? 2.475   -11.911 7.804   0.50 12.51 ? 1019 MPD A C3   1 
HETATM 717  C  C2   . BGC N  2 . ? 6.221   4.959   -12.034 1.00 3.87  ? 8    BGC B C2   1 
HETATM 718  C  C3   . BGC N  2 . ? 7.670   5.296   -12.374 1.00 4.65  ? 8    BGC B C3   1 
HETATM 719  C  C4   . BGC N  2 . ? 8.037   6.612   -11.729 1.00 5.62  ? 8    BGC B C4   1 
HETATM 720  C  C5   . BGC N  2 . ? 7.702   6.630   -10.252 1.00 5.44  ? 8    BGC B C5   1 
HETATM 721  C  C6   . BGC N  2 . ? 7.811   8.002   -9.629  1.00 6.64  ? 8    BGC B C6   1 
HETATM 722  C  C1   . BGC N  2 . ? 6.059   4.950   -10.518 1.00 3.44  ? 8    BGC B C1   1 
HETATM 723  O  O2   . BGC N  2 . ? 5.932   3.689   -12.616 1.00 4.28  ? 8    BGC B O2   1 
HETATM 724  O  O3   . BGC N  2 . ? 7.861   5.350   -13.778 1.00 6.21  ? 8    BGC B O3   1 
HETATM 725  O  O4   . BGC N  2 . ? 9.411   6.910   -11.875 1.00 7.89  ? 8    BGC B O4   1 
HETATM 726  O  O5   . BGC N  2 . ? 6.305   6.228   -10.013 1.00 4.26  ? 8    BGC B O5   1 
HETATM 727  O  O6   . BGC N  2 . ? 7.084   9.007   -10.315 1.00 6.94  ? 8    BGC B O6   1 
HETATM 728  H  H2   . BGC N  2 . ? 5.618   5.652   -12.429 1.00 4.64  ? 8    BGC B H2   1 
HETATM 729  H  H3   . BGC N  2 . ? 8.261   4.581   -11.999 1.00 5.58  ? 8    BGC B H3   1 
HETATM 730  H  H4   . BGC N  2 . ? 7.511   7.336   -12.176 1.00 6.74  ? 8    BGC B H4   1 
HETATM 731  H  H5   . BGC N  2 . ? 8.313   6.001   -9.770  1.00 6.53  ? 8    BGC B H5   1 
HETATM 732  H  H61  . BGC N  2 . ? 7.484   7.954   -8.696  1.00 7.96  ? 8    BGC B H61  1 
HETATM 733  H  H62  . BGC N  2 . ? 8.765   8.264   -9.602  1.00 7.96  ? 8    BGC B H62  1 
HETATM 734  H  H1   . BGC N  2 . ? 6.683   4.287   -10.104 1.00 4.13  ? 8    BGC B H1   1 
HETATM 735  H  HO2  . BGC N  2 . ? 5.736   3.141   -12.009 1.00 6.42  ? 8    BGC B HO2  1 
HETATM 736  H  HO3  . BGC N  2 . ? 7.666   4.606   -14.116 1.00 9.31  ? 8    BGC B HO3  1 
HETATM 737  H  HO4  . BGC N  2 . ? 9.792   6.278   -12.278 1.00 11.83 ? 8    BGC B HO4  1 
HETATM 738  H  HO6  . BGC N  2 . ? 6.269   8.799   -10.334 1.00 10.41 ? 8    BGC B HO6  1 
HETATM 739  C  C1   . DVC O  3 . ? 1.470   9.425   -2.758  1.00 2.90  ? 9    DVC B C1   1 
HETATM 740  C  C2   . DVC O  3 . ? 0.070   9.849   -2.388  1.00 3.34  ? 9    DVC B C2   1 
HETATM 741  C  C3   . DVC O  3 . ? -0.058  10.216  -0.911  1.00 3.64  ? 9    DVC B C3   1 
HETATM 742  N  N3   . DVC O  3 . ? -1.388  10.931  -0.726  1.00 4.31  ? 9    DVC B N3   1 
HETATM 743  C  C4   . DVC O  3 . ? 1.052   11.241  -0.563  1.00 3.78  ? 9    DVC B C4   1 
HETATM 744  O  O4   . DVC O  3 . ? 0.773   12.411  -1.299  1.00 3.87  ? 9    DVC B O4   1 
HETATM 745  C  C5   . DVC O  3 . ? 2.421   10.631  -0.912  1.00 4.15  ? 9    DVC B C5   1 
HETATM 746  O  O5   . DVC O  3 . ? 2.465   10.314  -2.308  1.00 3.64  ? 9    DVC B O5   1 
HETATM 747  C  C6   . DVC O  3 . ? 3.563   11.589  -0.659  1.00 5.12  ? 9    DVC B C6   1 
HETATM 748  C  C3M  . DVC O  3 . ? -0.085  9.007   0.019   1.00 4.51  ? 9    DVC B C3M  1 
HETATM 749  O  O41  . DVC O  3 . ? 0.991   11.588  0.803   1.00 4.67  ? 9    DVC B O41  1 
HETATM 750  H  H1   . DVC O  3 . ? 1.525   9.374   -3.755  1.00 3.48  ? 9    DVC B H1   1 
HETATM 751  H  H2   . DVC O  3 . ? -0.557  9.112   -2.595  1.00 4.01  ? 9    DVC B H2   1 
HETATM 752  H  H2A  . DVC O  3 . ? -0.187  10.629  -2.939  1.00 4.01  ? 9    DVC B H2A  1 
HETATM 753  H  HN3  . DVC O  3 . ? -1.415  11.664  -1.263  1.00 6.47  ? 9    DVC B HN3  1 
HETATM 754  H  HN3A . DVC O  3 . ? -1.476  11.187  0.142   1.00 6.47  ? 9    DVC B HN3A 1 
HETATM 755  H  H5   . DVC O  3 . ? 2.560   9.798   -0.378  1.00 4.98  ? 9    DVC B H5   1 
HETATM 756  H  H6   . DVC O  3 . ? 4.410   11.159  -0.899  1.00 7.69  ? 9    DVC B H6   1 
HETATM 757  H  H6A  . DVC O  3 . ? 3.579   11.836  0.288   1.00 7.69  ? 9    DVC B H6A  1 
HETATM 758  H  H6B  . DVC O  3 . ? 3.441   12.395  -1.205  1.00 7.69  ? 9    DVC B H6B  1 
HETATM 759  H  H3M  . DVC O  3 . ? -0.166  9.310   0.947   1.00 6.76  ? 9    DVC B H3M  1 
HETATM 760  H  H3MA . DVC O  3 . ? 0.745   8.496   -0.086  1.00 6.76  ? 9    DVC B H3MA 1 
HETATM 761  H  H3MB . DVC O  3 . ? -0.849  8.437   -0.207  1.00 6.76  ? 9    DVC B H3MB 1 
HETATM 762  N  N    . DAL P  4 . ? 8.276   1.926   -0.599  1.00 5.78  ? 11   DAL B N    1 
HETATM 763  C  CA   . DAL P  4 . ? 7.498   1.680   -1.873  1.00 4.65  ? 11   DAL B CA   1 
HETATM 764  C  CB   . DAL P  4 . ? 6.743   0.368   -1.792  1.00 6.16  ? 11   DAL B CB   1 
HETATM 765  C  C    . DAL P  4 . ? 8.505   1.671   -3.028  1.00 4.06  ? 11   DAL B C    1 
HETATM 766  O  O    . DAL P  4 . ? 9.628   1.228   -2.824  1.00 6.23  ? 11   DAL B O    1 
HETATM 767  H  HA   . DAL P  4 . ? 6.848   2.426   -2.011  1.00 5.58  ? 11   DAL B HA   1 
HETATM 768  H  HB1  . DAL P  4 . ? 6.109   0.402   -1.045  1.00 9.23  ? 11   DAL B HB1  1 
HETATM 769  H  HB2  . DAL P  4 . ? 6.254   0.221   -2.628  1.00 9.23  ? 11   DAL B HB2  1 
HETATM 770  H  HB3  . DAL P  4 . ? 7.376   -0.366  -1.649  1.00 9.23  ? 11   DAL B HB3  1 
HETATM 771  N  N    . DAL Q  4 . ? 8.051   2.147   -4.159  1.00 3.59  ? 12   DAL B N    1 
HETATM 772  C  CA   . DAL Q  4 . ? 8.763   2.009   -5.434  1.00 3.79  ? 12   DAL B CA   1 
HETATM 773  C  CB   . DAL Q  4 . ? 8.187   3.037   -6.423  1.00 4.53  ? 12   DAL B CB   1 
HETATM 774  C  C    . DAL Q  4 . ? 8.574   0.572   -5.995  1.00 3.73  ? 12   DAL B C    1 
HETATM 775  O  O    . DAL Q  4 . ? 7.648   -0.125  -5.549  1.00 3.72  ? 12   DAL B O    1 
HETATM 776  O  OXT  . DAL Q  4 . ? 9.385   0.246   -6.891  1.00 4.79  ? 12   DAL B OXT  1 
HETATM 777  H  H    . DAL Q  4 . ? 7.280   2.571   -4.155  1.00 4.31  ? 12   DAL B H    1 
HETATM 778  H  HA   . DAL Q  4 . ? 9.737   2.188   -5.293  1.00 4.55  ? 12   DAL B HA   1 
HETATM 779  H  HB1  . DAL Q  4 . ? 8.304   3.941   -6.061  1.00 6.79  ? 12   DAL B HB1  1 
HETATM 780  H  HB2  . DAL Q  4 . ? 8.657   2.965   -7.279  1.00 6.79  ? 12   DAL B HB2  1 
HETATM 781  H  HB3  . DAL Q  4 . ? 7.233   2.861   -6.559  1.00 6.79  ? 12   DAL B HB3  1 
HETATM 782  C  C1   . CIT R  5 . ? 11.804  4.755   -2.377  0.50 10.81 ? 1015 CIT B C1   1 
HETATM 783  O  O1   . CIT R  5 . ? 12.573  4.348   -3.260  0.50 15.71 ? 1015 CIT B O1   1 
HETATM 784  O  O2   . CIT R  5 . ? 12.179  5.235   -1.445  0.50 17.14 ? 1015 CIT B O2   1 
HETATM 785  C  C2   . CIT R  5 . ? 10.392  5.007   -2.904  0.50 5.51  ? 1015 CIT B C2   1 
HETATM 786  C  C3   . CIT R  5 . ? 9.412   5.660   -1.897  0.50 5.12  ? 1015 CIT B C3   1 
HETATM 787  O  O7   . CIT R  5 . ? 8.972   4.699   -0.927  0.50 6.37  ? 1015 CIT B O7   1 
HETATM 788  C  C4   . CIT R  5 . ? 8.170   6.023   -2.759  0.50 5.63  ? 1015 CIT B C4   1 
HETATM 789  C  C5   . CIT R  5 . ? 7.066   6.547   -1.863  0.50 5.57  ? 1015 CIT B C5   1 
HETATM 790  O  O3   . CIT R  5 . ? 7.237   7.756   -1.566  0.50 17.48 ? 1015 CIT B O3   1 
HETATM 791  O  O4   . CIT R  5 . ? 6.109   6.108   -1.610  0.50 3.09  ? 1015 CIT B O4   1 
HETATM 792  C  C6   . CIT R  5 . ? 10.041  6.821   -1.186  0.50 7.83  ? 1015 CIT B C6   1 
HETATM 793  O  O5   . CIT R  5 . ? 10.166  6.569   0.041   0.50 15.36 ? 1015 CIT B O5   1 
HETATM 794  O  O6   . CIT R  5 . ? 10.554  7.741   -1.883  0.50 7.13  ? 1015 CIT B O6   1 
HETATM 795  H  H21  . CIT R  5 . ? 10.010  4.143   -3.198  0.50 6.61  ? 1015 CIT B H21  1 
HETATM 796  H  H22  . CIT R  5 . ? 10.456  5.591   -3.701  0.50 6.61  ? 1015 CIT B H22  1 
HETATM 797  H  HO7  . CIT R  5 . ? 9.629   4.441   -0.472  0.50 9.55  ? 1015 CIT B HO7  1 
HETATM 798  H  H41  . CIT R  5 . ? 8.415   6.713   -3.425  0.50 6.75  ? 1015 CIT B H41  1 
HETATM 799  H  H42  . CIT R  5 . ? 7.854   5.221   -3.245  0.50 6.75  ? 1015 CIT B H42  1 
HETATM 800  C  C1   . MPD S  6 . ? 3.818   12.864  -4.609  0.50 5.84  ? 1016 MPD B C1   1 
HETATM 801  C  C2   . MPD S  6 . ? 4.492   11.565  -5.039  0.50 3.35  ? 1016 MPD B C2   1 
HETATM 802  O  O2   . MPD S  6 . ? 4.793   10.806  -3.871  0.50 3.69  ? 1016 MPD B O2   1 
HETATM 803  C  CM   . MPD S  6 . ? 3.470   10.771  -5.846  0.50 3.17  ? 1016 MPD B CM   1 
HETATM 804  C  C3   . MPD S  6 . ? 5.606   12.046  -5.862  0.50 7.64  ? 1016 MPD B C3   1 
HETATM 805  C  C4   . MPD S  6 . ? 6.283   11.301  -6.993  0.50 7.45  ? 1016 MPD B C4   1 
HETATM 806  O  O4   . MPD S  6 . ? 7.495   11.190  -7.464  0.50 11.51 ? 1016 MPD B O4   1 
HETATM 807  C  C5   . MPD S  6 . ? 5.971   12.809  -7.311  1.00 13.00 ? 1016 MPD B C5   1 
HETATM 808  C  C2   . BGC T  2 . ? 1.379   6.804   -12.006 1.00 3.16  ? 8    BGC C C2   1 
HETATM 809  C  C3   . BGC T  2 . ? 2.824   7.171   -12.343 1.00 3.37  ? 8    BGC C C3   1 
HETATM 810  C  C4   . BGC T  2 . ? 3.289   8.328   -11.496 1.00 3.57  ? 8    BGC C C4   1 
HETATM 811  C  C5   . BGC T  2 . ? 3.069   8.019   -10.025 1.00 3.80  ? 8    BGC C C5   1 
HETATM 812  C  C6   . BGC T  2 . ? 3.400   9.180   -9.084  1.00 4.46  ? 8    BGC C C6   1 
HETATM 813  C  C1   . BGC T  2 . ? 1.234   6.599   -10.513 1.00 3.10  ? 8    BGC C C1   1 
HETATM 814  O  O2   . BGC T  2 . ? 1.029   5.628   -12.720 1.00 3.79  ? 8    BGC C O2   1 
HETATM 815  O  O3   . BGC T  2 . ? 2.972   7.527   -13.716 1.00 4.37  ? 8    BGC C O3   1 
HETATM 816  O  O4   . BGC T  2 . ? 4.696   8.569   -11.683 1.00 4.66  ? 8    BGC C O4   1 
HETATM 817  O  O5   . BGC T  2 . ? 1.663   7.746   -9.809  1.00 3.29  ? 8    BGC C O5   1 
HETATM 818  O  O6   . BGC T  2 . ? 2.771   10.393  -9.406  1.00 4.99  ? 8    BGC C O6   1 
HETATM 819  H  H2   . BGC T  2 . ? 0.778   7.550   -12.293 1.00 3.79  ? 8    BGC C H2   1 
HETATM 820  H  H3   . BGC T  2 . ? 3.408   6.382   -12.153 1.00 4.05  ? 8    BGC C H3   1 
HETATM 821  H  H4   . BGC T  2 . ? 2.774   9.149   -11.744 1.00 4.28  ? 8    BGC C H4   1 
HETATM 822  H  H5   . BGC T  2 . ? 3.607   7.216   -9.769  1.00 4.56  ? 8    BGC C H5   1 
HETATM 823  H  H61  . BGC T  2 . ? 3.142   8.925   -8.163  1.00 5.35  ? 8    BGC C H61  1 
HETATM 824  H  H62  . BGC T  2 . ? 4.380   9.322   -9.090  1.00 5.35  ? 8    BGC C H62  1 
HETATM 825  H  H1   . BGC T  2 . ? 1.748   5.793   -10.217 1.00 3.72  ? 8    BGC C H1   1 
HETATM 826  H  HO2  . BGC T  2 . ? 1.115   5.765   -13.544 1.00 5.68  ? 8    BGC C HO2  1 
HETATM 827  H  HO3  . BGC T  2 . ? 2.721   6.887   -14.199 1.00 6.55  ? 8    BGC C HO3  1 
HETATM 828  H  HO4  . BGC T  2 . ? 4.844   8.749   -12.489 1.00 6.99  ? 8    BGC C HO4  1 
HETATM 829  H  HO6  . BGC T  2 . ? 2.997   10.629  -10.180 1.00 7.48  ? 8    BGC C HO6  1 
HETATM 830  C  C1   . DVC U  3 . ? 1.226   -2.916  -9.446  1.00 3.30  ? 9    DVC C C1   1 
HETATM 831  C  C2   . DVC U  3 . ? 2.550   -3.599  -9.113  1.00 3.43  ? 9    DVC C C2   1 
HETATM 832  C  C3   . DVC U  3 . ? 2.387   -4.959  -8.465  1.00 4.05  ? 9    DVC C C3   1 
HETATM 833  N  N3   . DVC U  3 . ? 3.721   -5.670  -8.484  1.00 4.80  ? 9    DVC C N3   1 
HETATM 834  C  C4   . DVC U  3 . ? 1.424   -5.796  -9.313  1.00 4.21  ? 9    DVC C C4   1 
HETATM 835  O  O4   . DVC U  3 . ? 2.021   -6.107  -10.544 1.00 4.75  ? 9    DVC C O4   1 
HETATM 836  C  C5   . DVC U  3 . ? 0.092   -5.030  -9.524  1.00 4.33  ? 9    DVC C C5   1 
HETATM 837  O  O5   . DVC U  3 . ? 0.351   -3.766  -10.137 1.00 3.87  ? 9    DVC C O5   1 
HETATM 838  C  C6   . DVC U  3 . ? -0.891  -5.762  -10.435 1.00 6.42  ? 9    DVC C C6   1 
HETATM 839  C  C3M  . DVC U  3 . ? 2.001   -4.888  -6.985  1.00 4.35  ? 9    DVC C C3M  1 
HETATM 840  O  O41  . DVC U  3 . ? 1.197   -7.053  -8.708  1.00 5.72  ? 9    DVC C O41  1 
HETATM 841  H  H1   . DVC U  3 . ? 1.414   -2.116  -10.017 1.00 3.96  ? 9    DVC C H1   1 
HETATM 842  H  H2   . DVC U  3 . ? 3.075   -3.703  -9.946  1.00 4.12  ? 9    DVC C H2   1 
HETATM 843  H  H2A  . DVC U  3 . ? 3.067   -3.014  -8.502  1.00 4.12  ? 9    DVC C H2A  1 
HETATM 844  H  HN3  . DVC U  3 . ? 3.634   -6.488  -8.093  1.00 7.19  ? 9    DVC C HN3  1 
HETATM 845  H  HN3A . DVC U  3 . ? 4.334   -5.178  -8.025  1.00 7.19  ? 9    DVC C HN3A 1 
HETATM 846  H  H5   . DVC U  3 . ? -0.340  -4.877  -8.636  1.00 5.19  ? 9    DVC C H5   1 
HETATM 847  H  H6   . DVC U  3 . ? -1.706  -5.227  -10.534 1.00 9.63  ? 9    DVC C H6   1 
HETATM 848  H  H6A  . DVC U  3 . ? -1.115  -6.631  -10.041 1.00 9.63  ? 9    DVC C H6A  1 
HETATM 849  H  H6B  . DVC U  3 . ? -0.481  -5.898  -11.314 1.00 9.63  ? 9    DVC C H6B  1 
HETATM 850  H  H3M  . DVC U  3 . ? 1.913   -5.796  -6.626  1.00 6.53  ? 9    DVC C H3M  1 
HETATM 851  H  H3MA . DVC U  3 . ? 1.146   -4.417  -6.893  1.00 6.53  ? 9    DVC C H3MA 1 
HETATM 852  H  H3MB . DVC U  3 . ? 2.694   -4.406  -6.489  1.00 6.53  ? 9    DVC C H3MB 1 
HETATM 853  N  N    . DAL V  4 . ? -6.933  0.882   -4.293  1.00 6.04  ? 11   DAL C N    1 
HETATM 854  C  CA   . DAL V  4 . ? -5.851  1.880   -4.580  1.00 4.15  ? 11   DAL C CA   1 
HETATM 855  C  CB   . DAL V  4 . ? -5.311  2.409   -3.250  1.00 4.86  ? 11   DAL C CB   1 
HETATM 856  C  C    . DAL V  4 . ? -6.474  2.984   -5.425  1.00 4.34  ? 11   DAL C C    1 
HETATM 857  O  O    . DAL V  4 . ? -7.668  3.304   -5.201  1.00 7.30  ? 11   DAL C O    1 
HETATM 858  H  HA   . DAL V  4 . ? -5.113  1.440   -5.092  1.00 4.98  ? 11   DAL C HA   1 
HETATM 859  H  HB1  . DAL V  4 . ? -4.910  1.671   -2.744  1.00 7.28  ? 11   DAL C HB1  1 
HETATM 860  H  HB2  . DAL V  4 . ? -4.631  3.094   -3.423  1.00 7.28  ? 11   DAL C HB2  1 
HETATM 861  H  HB3  . DAL V  4 . ? -6.045  2.799   -2.731  1.00 7.28  ? 11   DAL C HB3  1 
HETATM 862  N  N    . DAL W  4 . ? -5.690  3.572   -6.303  1.00 3.56  ? 12   DAL C N    1 
HETATM 863  C  CA   . DAL W  4 . ? -6.055  4.808   -6.999  1.00 4.22  ? 12   DAL C CA   1 
HETATM 864  C  CB   . DAL W  4 . ? -5.136  4.957   -8.218  1.00 5.43  ? 12   DAL C CB   1 
HETATM 865  C  C    . DAL W  4 . ? -5.934  6.027   -6.090  1.00 3.74  ? 12   DAL C C    1 
HETATM 866  O  O    . DAL W  4 . ? -5.201  5.950   -5.087  1.00 3.89  ? 12   DAL C O    1 
HETATM 867  O  OXT  . DAL W  4 . ? -6.582  7.054   -6.422  1.00 4.97  ? 12   DAL C OXT  1 
HETATM 868  H  H    . DAL W  4 . ? -4.909  3.205   -6.480  1.00 4.27  ? 12   DAL C H    1 
HETATM 869  H  HA   . DAL W  4 . ? -7.001  4.733   -7.315  1.00 5.06  ? 12   DAL C HA   1 
HETATM 870  H  HB1  . DAL W  4 . ? -5.227  4.170   -8.793  1.00 8.14  ? 12   DAL C HB1  1 
HETATM 871  H  HB2  . DAL W  4 . ? -5.389  5.760   -8.720  1.00 8.14  ? 12   DAL C HB2  1 
HETATM 872  H  HB3  . DAL W  4 . ? -4.207  5.038   -7.918  1.00 8.14  ? 12   DAL C HB3  1 
HETATM 873  C  C2   . BGC X  2 . ? 0.657   -4.959  13.524  1.00 3.88  ? 8    BGC D C2   1 
HETATM 874  C  C3   . BGC X  2 . ? 1.842   -5.279  14.423  1.00 4.95  ? 8    BGC D C3   1 
HETATM 875  C  C4   . BGC X  2 . ? 2.411   -6.611  13.997  1.00 5.81  ? 8    BGC D C4   1 
HETATM 876  C  C5   . BGC X  2 . ? 2.719   -6.634  12.503  1.00 5.54  ? 8    BGC D C5   1 
HETATM 877  C  C6   . BGC X  2 . ? 3.071   -8.007  11.981  1.00 6.56  ? 8    BGC D C6   1 
HETATM 878  C  C1   . BGC X  2 . ? 1.142   -4.950  12.080  1.00 3.50  ? 8    BGC D C1   1 
HETATM 879  O  O2   . BGC X  2 . ? 0.131   -3.699  13.935  1.00 4.09  ? 8    BGC D O2   1 
HETATM 880  O  O3   . BGC X  2 . ? 1.448   -5.335  15.782  1.00 6.13  ? 8    BGC D O3   1 
HETATM 881  O  O4   . BGC X  2 . ? 3.602   -6.887  14.702  1.00 8.65  ? 8    BGC D O4   1 
HETATM 882  O  O5   . BGC X  2 . ? 1.550   -6.230  11.726  1.00 4.38  ? 8    BGC D O5   1 
HETATM 883  O  O6   . BGC X  2 . ? 2.127   -8.997  12.351  1.00 6.87  ? 8    BGC D O6   1 
HETATM 884  H  H2   . BGC X  2 . ? -0.044  -5.664  13.635  1.00 4.66  ? 8    BGC D H2   1 
HETATM 885  H  H3   . BGC X  2 . ? 2.540   -4.572  14.312  1.00 5.94  ? 8    BGC D H3   1 
HETATM 886  H  H4   . BGC X  2 . ? 1.743   -7.327  14.200  1.00 6.97  ? 8    BGC D H4   1 
HETATM 887  H  H5   . BGC X  2 . ? 3.473   -6.006  12.313  1.00 6.65  ? 8    BGC D H5   1 
HETATM 888  H  H61  . BGC X  2 . ? 3.130   -7.972  10.994  1.00 7.87  ? 8    BGC D H61  1 
HETATM 889  H  H62  . BGC X  2 . ? 3.961   -8.266  12.329  1.00 7.87  ? 8    BGC D H62  1 
HETATM 890  H  H1   . BGC X  2 . ? 1.880   -4.288  11.953  1.00 4.20  ? 8    BGC D H1   1 
HETATM 891  H  HO2  . BGC X  2 . ? 0.185   -3.151  13.299  1.00 6.13  ? 8    BGC D HO2  1 
HETATM 892  H  HO3  . BGC X  2 . ? 1.134   -4.591  16.013  1.00 9.20  ? 8    BGC D HO3  1 
HETATM 893  H  HO4  . BGC X  2 . ? 3.775   -6.248  15.220  1.00 12.98 ? 8    BGC D HO4  1 
HETATM 894  H  HO6  . BGC X  2 . ? 1.369   -8.783  12.061  1.00 10.31 ? 8    BGC D HO6  1 
HETATM 895  C  C1   . DVC Y  3 . ? 0.213   -9.460  3.134   1.00 2.98  ? 9    DVC D C1   1 
HETATM 896  C  C2   . DVC Y  3 . ? -0.924  -9.888  2.237   1.00 3.33  ? 9    DVC D C2   1 
HETATM 897  C  C3   . DVC Y  3 . ? -0.441  -10.242 0.830   1.00 3.52  ? 9    DVC D C3   1 
HETATM 898  N  N3   . DVC Y  3 . ? -1.583  -10.948 0.128   1.00 4.18  ? 9    DVC D N3   1 
HETATM 899  C  C4   . DVC Y  3 . ? 0.717   -11.262 0.951   1.00 3.78  ? 9    DVC D C4   1 
HETATM 900  O  O4   . DVC Y  3 . ? 0.166   -12.425 1.511   1.00 3.64  ? 9    DVC D O4   1 
HETATM 901  C  C5   . DVC Y  3 . ? 1.826   -10.655 1.832   1.00 4.13  ? 9    DVC D C5   1 
HETATM 902  O  O5   . DVC Y  3 . ? 1.321   -10.351 3.121   1.00 3.48  ? 9    DVC D O5   1 
HETATM 903  C  C6   . DVC Y  3 . ? 2.981   -11.619 2.080   1.00 5.16  ? 9    DVC D C6   1 
HETATM 904  C  C3M  . DVC Y  3 . ? -0.097  -9.033  -0.032  1.00 4.27  ? 9    DVC D C3M  1 
HETATM 905  O  O41  . DVC Y  3 . ? 1.201   -11.587 -0.330  1.00 4.67  ? 9    DVC D O41  1 
HETATM 906  H  H1   . DVC Y  3 . ? -0.136  -9.418  4.071   1.00 3.58  ? 9    DVC D H1   1 
HETATM 907  H  H2   . DVC Y  3 . ? -1.586  -9.153  2.179   1.00 4.00  ? 9    DVC D H2   1 
HETATM 908  H  H2A  . DVC Y  3 . ? -1.375  -10.673 2.634   1.00 4.00  ? 9    DVC D H2A  1 
HETATM 909  H  HN3  . DVC Y  3 . ? -1.823  -11.685 0.604   1.00 6.26  ? 9    DVC D HN3  1 
HETATM 910  H  HN3A . DVC Y  3 . ? -1.317  -11.199 -0.706  1.00 6.26  ? 9    DVC D HN3A 1 
HETATM 911  H  H5   . DVC Y  3 . ? 2.173   -9.821  1.404   1.00 4.96  ? 9    DVC D H5   1 
HETATM 912  H  H6   . DVC Y  3 . ? 3.657   -11.182 2.639   1.00 7.74  ? 9    DVC D H6   1 
HETATM 913  H  H6A  . DVC Y  3 . ? 3.383   -11.875 1.223   1.00 7.74  ? 9    DVC D H6A  1 
HETATM 914  H  H6B  . DVC Y  3 . ? 2.648   -12.420 2.536   1.00 7.74  ? 9    DVC D H6B  1 
HETATM 915  H  H3M  . DVC Y  3 . ? 0.200   -9.335  -0.916  1.00 6.41  ? 9    DVC D H3M  1 
HETATM 916  H  H3MA . DVC Y  3 . ? 0.621   -8.520  0.395   1.00 6.41  ? 9    DVC D H3MA 1 
HETATM 917  H  H3MB . DVC Y  3 . ? -0.890  -8.465  -0.131  1.00 6.41  ? 9    DVC D H3MB 1 
HETATM 918  N  N    . DAL Z  4 . ? 6.980   -1.627  3.842   1.00 5.17  ? 11   DAL D N    1 
HETATM 919  C  CA   . DAL Z  4 . ? 5.782   -1.525  4.714   1.00 3.85  ? 11   DAL D CA   1 
HETATM 920  C  CB   . DAL Z  4 . ? 5.003   -0.302  4.332   1.00 4.36  ? 11   DAL D CB   1 
HETATM 921  C  C    . DAL Z  4 . ? 6.279   -1.485  6.160   1.00 4.00  ? 11   DAL D C    1 
HETATM 922  O  O    . DAL Z  4 . ? 7.319   -0.870  6.410   1.00 6.26  ? 11   DAL D O    1 
HETATM 923  H  HA   . DAL Z  4 . ? 5.210   -2.335  4.584   1.00 4.62  ? 11   DAL D HA   1 
HETATM 924  H  HB1  . DAL Z  4 . ? 4.700   -0.385  3.404   1.00 6.54  ? 11   DAL D HB1  1 
HETATM 925  H  HB2  . DAL Z  4 . ? 4.226   -0.212  4.923   1.00 6.54  ? 11   DAL D HB2  1 
HETATM 926  H  HB3  . DAL Z  4 . ? 5.573   0.490   4.421   1.00 6.54  ? 11   DAL D HB3  1 
HETATM 927  N  N    . DAL AA 4 . ? 5.516   -2.075  7.060   1.00 3.18  ? 12   DAL D N    1 
HETATM 928  C  CA   . DAL AA 4 . ? 5.701   -1.890  8.516   1.00 3.91  ? 12   DAL D CA   1 
HETATM 929  C  CB   . DAL AA 4 . ? 4.843   -2.920  9.217   1.00 5.10  ? 12   DAL D CB   1 
HETATM 930  C  C    . DAL AA 4 . ? 5.303   -0.470  8.939   1.00 3.78  ? 12   DAL D C    1 
HETATM 931  O  O    . DAL AA 4 . ? 4.540   0.182   8.190   1.00 3.68  ? 12   DAL D O    1 
HETATM 932  O  OXT  . DAL AA 4 . ? 5.719   -0.087  10.051  1.00 5.18  ? 12   DAL D OXT  1 
HETATM 933  H  H    . DAL AA 4 . ? 4.867   -2.601  6.782   1.00 3.81  ? 12   DAL D H    1 
HETATM 934  H  HA   . DAL AA 4 . ? 6.661   -2.047  8.749   1.00 4.70  ? 12   DAL D HA   1 
HETATM 935  H  HB1  . DAL AA 4 . ? 5.115   -3.818  8.935   1.00 7.65  ? 12   DAL D HB1  1 
HETATM 936  H  HB2  . DAL AA 4 . ? 4.954   -2.833  10.186  1.00 7.65  ? 12   DAL D HB2  1 
HETATM 937  H  HB3  . DAL AA 4 . ? 3.903   -2.775  8.981   1.00 7.65  ? 12   DAL D HB3  1 
HETATM 938  O  O    . HOH BA 7 . ? 7.632   -11.665 3.922   0.50 19.60 ? 2001 HOH A O    1 
HETATM 939  O  O    . HOH BA 7 . ? 7.037   -15.213 6.218   1.00 57.76 ? 2002 HOH A O    1 
HETATM 940  O  O    . HOH BA 7 . ? -11.582 -11.023 -1.507  1.00 25.13 ? 2003 HOH A O    1 
HETATM 941  O  O    . HOH BA 7 . ? -12.140 -13.609 -0.381  1.00 43.98 ? 2004 HOH A O    1 
HETATM 942  O  O    . HOH BA 7 . ? -9.495  -7.941  7.887   1.00 25.65 ? 2005 HOH A O    1 
HETATM 943  O  O    . HOH BA 7 . ? -2.810  -9.273  -1.907  1.00 6.95  ? 2006 HOH A O    1 
HETATM 944  O  O    . HOH BA 7 . ? -7.746  -14.116 1.720   1.00 8.02  ? 2007 HOH A O    1 
HETATM 945  O  O    . HOH BA 7 . ? -4.082  -10.369 9.111   1.00 5.63  ? 2008 HOH A O    1 
HETATM 946  O  O    . HOH BA 7 . ? -7.450  -6.836  8.777   1.00 27.01 ? 2009 HOH A O    1 
HETATM 947  O  O    . HOH BA 7 . ? 0.611   -7.728  -4.279  1.00 10.96 ? 2010 HOH A O    1 
HETATM 948  O  O    . HOH BA 7 . ? -8.118  -7.319  12.738  1.00 31.83 ? 2011 HOH A O    1 
HETATM 949  O  O    . HOH BA 7 . ? -1.861  -3.632  0.448   1.00 4.01  ? 2012 HOH A O    1 
HETATM 950  O  O    . HOH BA 7 . ? -6.206  -8.987  -3.702  1.00 16.39 ? 2013 HOH A O    1 
HETATM 951  O  O    . HOH BA 7 . ? -1.525  -6.937  -2.761  1.00 6.68  ? 2014 HOH A O    1 
HETATM 952  O  O    . HOH BA 7 . ? -1.303  7.701   4.074   1.00 9.00  ? 2015 HOH A O    1 
HETATM 953  O  O    . HOH BA 7 . ? 1.364   -10.437 16.183  1.00 36.56 ? 2016 HOH A O    1 
HETATM 954  O  O    . HOH BA 7 . ? -7.060  -8.451  14.891  1.00 14.03 ? 2017 HOH A O    1 
HETATM 955  O  O    . HOH BA 7 . ? 3.156   7.391   10.817  0.50 22.64 ? 2018 HOH A O    1 
HETATM 956  O  O    . HOH BA 7 . ? 3.142   7.011   12.384  0.50 12.86 ? 2019 HOH A O    1 
HETATM 957  O  O    . HOH BA 7 . ? -6.967  -5.633  11.229  1.00 12.65 ? 2020 HOH A O    1 
HETATM 958  O  O    . HOH BA 7 . ? -11.676 -10.157 5.105   1.00 35.74 ? 2021 HOH A O    1 
HETATM 959  O  O    . HOH BA 7 . ? 0.954   1.332   3.732   1.00 3.77  ? 2022 HOH A O    1 
HETATM 960  O  O    . HOH BA 7 . ? -1.568  3.551   -1.200  1.00 3.77  ? 2023 HOH A O    1 
HETATM 961  O  O    . HOH BA 7 . ? -0.316  3.814   3.575   1.00 5.20  ? 2024 HOH A O    1 
HETATM 962  O  O    . HOH BA 7 . ? -3.488  7.464   5.911   1.00 9.00  ? 2025 HOH A O    1 
HETATM 963  O  O    . HOH BA 7 . ? -6.184  8.682   3.458   1.00 23.75 ? 2026 HOH A O    1 
HETATM 964  O  O    . HOH BA 7 . ? -2.577  6.855   1.807   1.00 5.93  ? 2027 HOH A O    1 
HETATM 965  O  O    . HOH BA 7 . ? -12.059 8.620   2.431   1.00 38.66 ? 2028 HOH A O    1 
HETATM 966  O  O    . HOH BA 7 . ? -0.699  -9.280  15.136  0.50 12.03 ? 2029 HOH A O    1 
HETATM 967  O  O    . HOH BA 7 . ? -1.274  -10.280 14.718  0.50 5.83  ? 2030 HOH A O    1 
HETATM 968  O  O    . HOH BA 7 . ? -4.769  -9.550  14.021  1.00 11.26 ? 2031 HOH A O    1 
HETATM 969  O  O    . HOH BA 7 . ? 0.463   6.651   11.847  1.00 6.62  ? 2032 HOH A O    1 
HETATM 970  O  O    . HOH BA 7 . ? 0.936   7.550   7.383   1.00 13.52 ? 2033 HOH A O    1 
HETATM 971  O  O    . HOH BA 7 . ? -10.556 -7.416  5.169   0.50 11.62 ? 2034 HOH A O    1 
HETATM 972  O  O    . HOH BA 7 . ? -11.063 -7.273  4.249   0.50 13.55 ? 2035 HOH A O    1 
HETATM 973  O  O    . HOH BA 7 . ? -10.791 3.333   -2.335  1.00 9.87  ? 2036 HOH A O    1 
HETATM 974  O  O    . HOH BA 7 . ? 4.826   -9.079  6.029   1.00 33.60 ? 2037 HOH A O    1 
HETATM 975  O  O    . HOH BA 7 . ? 7.671   -9.796  5.617   1.00 21.59 ? 2038 HOH A O    1 
HETATM 976  O  O    . HOH BA 7 . ? 9.354   -7.468  8.071   1.00 17.95 ? 2039 HOH A O    1 
HETATM 977  O  O    . HOH BA 7 . ? 10.611  -4.034  9.889   1.00 44.64 ? 2040 HOH A O    1 
HETATM 978  O  O    . HOH BA 7 . ? 8.527   -3.371  10.190  1.00 28.26 ? 2041 HOH A O    1 
HETATM 979  O  O    . HOH BA 7 . ? -3.873  -0.706  -11.076 1.00 32.27 ? 2042 HOH A O    1 
HETATM 980  O  O    . HOH BA 7 . ? -6.255  -2.568  -11.870 1.00 26.60 ? 2043 HOH A O    1 
HETATM 981  O  O    . HOH BA 7 . ? -8.552  0.521   -11.798 1.00 19.01 ? 2044 HOH A O    1 
HETATM 982  O  O    . HOH BA 7 . ? 15.128  4.766   10.407  1.00 14.26 ? 2045 HOH A O    1 
HETATM 983  O  O    . HOH BA 7 . ? 11.443  5.356   8.828   1.00 31.83 ? 2046 HOH A O    1 
HETATM 984  O  O    . HOH BA 7 . ? 10.143  2.027   5.086   1.00 9.29  ? 2047 HOH A O    1 
HETATM 985  O  O    . HOH BA 7 . ? 5.219   -13.251 4.249   1.00 23.44 ? 2048 HOH A O    1 
HETATM 986  O  O    . HOH CA 7 . ? 9.890   6.534   -7.039  1.00 26.02 ? 2001 HOH B O    1 
HETATM 987  O  O    . HOH CA 7 . ? 13.598  -5.016  -7.273  1.00 34.36 ? 2002 HOH B O    1 
HETATM 988  O  O    . HOH CA 7 . ? 8.075   -7.142  -9.960  0.50 15.20 ? 2003 HOH B O    1 
HETATM 989  O  O    . HOH CA 7 . ? 13.404  -2.580  -11.632 1.00 12.44 ? 2004 HOH B O    1 
HETATM 990  O  O    . HOH CA 7 . ? 5.437   -6.625  -10.573 1.00 7.06  ? 2005 HOH B O    1 
HETATM 991  O  O    . HOH CA 7 . ? 7.804   -6.522  -9.299  0.50 23.65 ? 2006 HOH B O    1 
HETATM 992  O  O    . HOH CA 7 . ? 11.329  -1.038  -10.830 1.00 8.10  ? 2007 HOH B O    1 
HETATM 993  O  O    . HOH CA 7 . ? 9.935   -5.447  -11.061 1.00 23.22 ? 2008 HOH B O    1 
HETATM 994  O  O    . HOH CA 7 . ? 2.413   -1.347  -3.017  1.00 4.16  ? 2009 HOH B O    1 
HETATM 995  O  O    . HOH CA 7 . ? 3.999   -7.504  -6.268  0.50 8.24  ? 2010 HOH B O    1 
HETATM 996  O  O    . HOH CA 7 . ? 6.718   -7.276  -5.550  0.50 11.24 ? 2011 HOH B O    1 
HETATM 997  O  O    . HOH CA 7 . ? 8.043   -6.954  -4.342  0.50 15.65 ? 2012 HOH B O    1 
HETATM 998  O  O    . HOH CA 7 . ? 4.666   -6.760  -6.097  0.50 14.26 ? 2013 HOH B O    1 
HETATM 999  O  O    . HOH CA 7 . ? 2.837   -6.139  -3.844  1.00 8.03  ? 2014 HOH B O    1 
HETATM 1000 O  O    . HOH CA 7 . ? 3.243   12.568  4.041   1.00 18.31 ? 2015 HOH B O    1 
HETATM 1001 O  O    . HOH CA 7 . ? 7.870   10.524  -14.108 1.00 38.14 ? 2016 HOH B O    1 
HETATM 1002 O  O    . HOH CA 7 . ? 9.736   12.856  -10.105 1.00 29.83 ? 2017 HOH B O    1 
HETATM 1003 O  O    . HOH CA 7 . ? -0.704  4.975   0.994   1.00 4.95  ? 2018 HOH B O    1 
HETATM 1004 O  O    . HOH CA 7 . ? 5.688   8.994   0.010   1.00 13.60 ? 2019 HOH B O    1 
HETATM 1005 O  O    . HOH CA 7 . ? 4.370   8.820   5.636   1.00 16.29 ? 2020 HOH B O    1 
HETATM 1006 O  O    . HOH CA 7 . ? 2.324   10.393  2.738   1.00 8.94  ? 2021 HOH B O    1 
HETATM 1007 O  O    . HOH CA 7 . ? 0.927   6.145   4.662   1.00 7.60  ? 2022 HOH B O    1 
HETATM 1008 O  O    . HOH CA 7 . ? 10.694  4.449   4.010   1.00 6.59  ? 2023 HOH B O    1 
HETATM 1009 O  O    . HOH CA 7 . ? 9.256   8.708   1.766   1.00 32.33 ? 2024 HOH B O    1 
HETATM 1010 O  O    . HOH CA 7 . ? 9.702   8.213   -14.250 1.00 37.15 ? 2025 HOH B O    1 
HETATM 1011 O  O    . HOH CA 7 . ? 7.957   7.911   -16.089 1.00 21.67 ? 2026 HOH B O    1 
HETATM 1012 O  O    . HOH CA 7 . ? 11.256  5.540   -10.513 0.50 13.19 ? 2027 HOH B O    1 
HETATM 1013 O  O    . HOH CA 7 . ? 8.861   10.523  -11.567 1.00 20.16 ? 2028 HOH B O    1 
HETATM 1014 O  O    . HOH CA 7 . ? -3.350  9.220   0.560   1.00 6.50  ? 2029 HOH B O    1 
HETATM 1015 O  O    . HOH CA 7 . ? -1.957  11.959  1.906   1.00 12.80 ? 2030 HOH B O    1 
HETATM 1016 O  O    . HOH CA 7 . ? -0.194  10.267  3.827   1.00 13.50 ? 2031 HOH B O    1 
HETATM 1017 O  O    . HOH CA 7 . ? 11.191  1.959   -7.948  1.00 7.93  ? 2032 HOH B O    1 
HETATM 1018 O  O    . HOH CA 7 . ? 11.584  4.209   -6.267  1.00 20.51 ? 2033 HOH B O    1 
HETATM 1019 O  O    . HOH CA 7 . ? 13.592  5.560   -6.125  1.00 33.66 ? 2034 HOH B O    1 
HETATM 1020 O  O    . HOH DA 7 . ? -11.327 10.947  -3.881  1.00 24.51 ? 2001 HOH C O    1 
HETATM 1021 O  O    . HOH DA 7 . ? -8.949  10.449  -0.460  1.00 34.74 ? 2002 HOH C O    1 
HETATM 1022 O  O    . HOH DA 7 . ? -7.753  13.020  -2.723  0.50 11.02 ? 2003 HOH C O    1 
HETATM 1023 O  O    . HOH DA 7 . ? -6.355  13.990  -4.735  1.00 7.12  ? 2004 HOH C O    1 
HETATM 1024 O  O    . HOH DA 7 . ? 0.071   10.320  -9.973  1.00 5.84  ? 2005 HOH C O    1 
HETATM 1025 O  O    . HOH DA 7 . ? -2.836  7.428   -11.282 0.50 14.25 ? 2006 HOH C O    1 
HETATM 1026 O  O    . HOH DA 7 . ? -2.103  7.714   -15.020 1.00 28.92 ? 2007 HOH C O    1 
HETATM 1027 O  O    . HOH DA 7 . ? -3.531  4.115   -14.077 1.00 28.24 ? 2008 HOH C O    1 
HETATM 1028 O  O    . HOH DA 7 . ? -7.183  8.996   0.785   1.00 18.68 ? 2009 HOH C O    1 
HETATM 1029 O  O    . HOH DA 7 . ? -1.644  5.801   -13.187 1.00 14.06 ? 2010 HOH C O    1 
HETATM 1030 O  O    . HOH DA 7 . ? -3.381  6.227   -11.067 0.50 16.30 ? 2011 HOH C O    1 
HETATM 1031 O  O    . HOH DA 7 . ? 1.234   -3.842  -3.374  1.00 5.27  ? 2012 HOH C O    1 
HETATM 1032 O  O    . HOH DA 7 . ? -3.443  -3.886  -9.077  1.00 10.39 ? 2013 HOH C O    1 
HETATM 1033 O  O    . HOH DA 7 . ? -0.663  -7.477  -6.852  1.00 10.29 ? 2014 HOH C O    1 
HETATM 1034 O  O    . HOH DA 7 . ? -4.069  -8.814  -5.602  1.00 23.63 ? 2015 HOH C O    1 
HETATM 1035 O  O    . HOH DA 7 . ? -7.591  -6.717  -7.091  1.00 24.27 ? 2016 HOH C O    1 
HETATM 1036 O  O    . HOH DA 7 . ? -7.241  -4.787  -8.785  1.00 22.94 ? 2017 HOH C O    1 
HETATM 1037 O  O    . HOH DA 7 . ? 5.739   9.284   -14.009 0.50 12.46 ? 2018 HOH C O    1 
HETATM 1038 O  O    . HOH DA 7 . ? 4.973   10.243  -13.917 0.50 5.32  ? 2019 HOH C O    1 
HETATM 1039 O  O    . HOH DA 7 . ? 1.482   9.554   -14.690 1.00 11.56 ? 2020 HOH C O    1 
HETATM 1040 O  O    . HOH DA 7 . ? -8.403  7.079   -8.407  0.50 9.04  ? 2021 HOH C O    1 
HETATM 1041 O  O    . HOH DA 7 . ? -7.516  7.383   -8.952  0.50 15.69 ? 2022 HOH C O    1 
HETATM 1042 O  O    . HOH EA 7 . ? 9.228   5.239   11.993  1.00 22.89 ? 2001 HOH D O    1 
HETATM 1043 O  O    . HOH EA 7 . ? 8.358   -0.867  13.905  1.00 26.55 ? 2002 HOH D O    1 
HETATM 1044 O  O    . HOH EA 7 . ? 5.811   1.008   14.476  1.00 8.65  ? 2003 HOH D O    1 
HETATM 1045 O  O    . HOH EA 7 . ? 4.484   5.381   14.199  1.00 21.31 ? 2004 HOH D O    1 
HETATM 1046 O  O    . HOH EA 7 . ? 3.873   7.326   7.825   1.00 20.88 ? 2005 HOH D O    1 
HETATM 1047 O  O    . HOH EA 7 . ? 6.542   -11.148 2.775   0.50 13.51 ? 2006 HOH D O    1 
HETATM 1048 O  O    . HOH EA 7 . ? 4.525   -12.768 13.642  1.00 20.97 ? 2007 HOH D O    1 
HETATM 1049 O  O    . HOH EA 7 . ? -0.173  -5.048  -1.206  1.00 4.97  ? 2008 HOH D O    1 
HETATM 1050 O  O    . HOH EA 7 . ? 5.109   -8.886  2.470   1.00 8.51  ? 2009 HOH D O    1 
HETATM 1051 O  O    . HOH EA 7 . ? 3.271   -10.369 -1.487  1.00 8.27  ? 2010 HOH D O    1 
HETATM 1052 O  O    . HOH EA 7 . ? 6.310   -8.881  -3.267  1.00 18.04 ? 2011 HOH D O    1 
HETATM 1053 O  O    . HOH EA 7 . ? 8.871   -8.381  1.622   1.00 32.81 ? 2012 HOH D O    1 
HETATM 1054 O  O    . HOH EA 7 . ? 9.412   -8.061  -0.640  1.00 34.69 ? 2013 HOH D O    1 
HETATM 1055 O  O    . HOH EA 7 . ? 0.783   -7.785  17.731  1.00 37.71 ? 2014 HOH D O    1 
HETATM 1056 O  O    . HOH EA 7 . ? 3.300   -6.750  17.423  1.00 42.80 ? 2015 HOH D O    1 
HETATM 1057 O  O    . HOH EA 7 . ? 5.405   -4.734  15.395  0.50 9.56  ? 2016 HOH D O    1 
HETATM 1058 O  O    . HOH EA 7 . ? 5.823   -5.444  14.403  0.50 15.41 ? 2017 HOH D O    1 
HETATM 1059 O  O    . HOH EA 7 . ? 3.103   -10.526 14.303  1.00 17.97 ? 2018 HOH D O    1 
HETATM 1060 O  O    . HOH EA 7 . ? -1.042  -11.963 -2.511  1.00 14.87 ? 2019 HOH D O    1 
HETATM 1061 O  O    . HOH EA 7 . ? 1.500   -10.263 -3.598  1.00 16.86 ? 2020 HOH D O    1 
HETATM 1062 O  O    . HOH EA 7 . ? 6.894   -1.785  11.827  1.00 10.36 ? 2021 HOH D O    1 
# 
loop_
_atom_site_anisotrop.id 
_atom_site_anisotrop.type_symbol 
_atom_site_anisotrop.pdbx_label_atom_id 
_atom_site_anisotrop.pdbx_label_alt_id 
_atom_site_anisotrop.pdbx_label_comp_id 
_atom_site_anisotrop.pdbx_label_asym_id 
_atom_site_anisotrop.pdbx_label_seq_id 
_atom_site_anisotrop.pdbx_PDB_ins_code 
_atom_site_anisotrop.U[1][1] 
_atom_site_anisotrop.U[2][2] 
_atom_site_anisotrop.U[3][3] 
_atom_site_anisotrop.U[1][2] 
_atom_site_anisotrop.U[1][3] 
_atom_site_anisotrop.U[2][3] 
_atom_site_anisotrop.pdbx_auth_seq_id 
_atom_site_anisotrop.pdbx_auth_comp_id 
_atom_site_anisotrop.pdbx_auth_asym_id 
_atom_site_anisotrop.pdbx_auth_atom_id 
1    N  N   . MLU A  1 ? 0.0477 0.0830 0.1313 -0.0060 0.0001  0.0063  1    MLU A N   
2    C  CN  . MLU A  1 ? 0.0740 0.0907 0.1888 0.0035  0.0134  0.0604  1    MLU A CN  
3    C  CA  . MLU A  1 ? 0.0394 0.0808 0.0950 -0.0051 -0.0064 0.0202  1    MLU A CA  
4    C  C   . MLU A  1 ? 0.0471 0.0729 0.0495 -0.0016 -0.0039 -0.0001 1    MLU A C   
5    O  O   . MLU A  1 ? 0.0630 0.1352 0.0802 0.0060  -0.0230 -0.0252 1    MLU A O   
6    C  CB  . MLU A  1 ? 0.0858 0.1659 0.1447 -0.0135 -0.0275 0.0793  1    MLU A CB  
7    C  CG  . MLU A  1 ? 0.1754 0.1196 0.1346 -0.0085 0.0169  0.0251  1    MLU A CG  
8    C  CD1 . MLU A  1 ? 0.3248 0.1838 0.1295 -0.0767 0.0126  0.0180  1    MLU A CD1 
9    C  CD2 . MLU A  1 ? 0.4504 0.1221 0.1537 -0.0826 -0.1560 0.0745  1    MLU A CD2 
24   N  N   . OMZ A  2 ? 0.0447 0.0390 0.0493 -0.0061 0.0026  0.0049  2    OMZ A N   
25   C  CA  . OMZ A  2 ? 0.0415 0.0325 0.0440 -0.0049 -0.0046 0.0058  2    OMZ A CA  
26   C  C   . OMZ A  2 ? 0.0437 0.0313 0.0394 -0.0048 -0.0036 0.0082  2    OMZ A C   
27   O  O   . OMZ A  2 ? 0.0468 0.0357 0.0603 0.0044  0.0093  0.0043  2    OMZ A O   
28   C  CB  . OMZ A  2 ? 0.0445 0.0310 0.0436 -0.0109 0.0014  0.0039  2    OMZ A CB  
29   O  OC  . OMZ A  2 ? 0.0568 0.0409 0.0514 -0.0193 0.0008  -0.0013 2    OMZ A OC  
30   C  CG  . OMZ A  2 ? 0.0500 0.0303 0.0372 -0.0091 0.0021  0.0059  2    OMZ A CG  
31   C  CD1 . OMZ A  2 ? 0.0470 0.0239 0.0358 -0.0022 0.0007  0.0015  2    OMZ A CD1 
32   C  CD2 . OMZ A  2 ? 0.0462 0.0372 0.0454 -0.0082 0.0040  0.0020  2    OMZ A CD2 
33   C  CE1 . OMZ A  2 ? 0.0504 0.0285 0.0339 -0.0074 -0.0018 0.0086  2    OMZ A CE1 
34   CL CL  . OMZ A  2 ? 0.0528 0.0461 0.0500 -0.0036 -0.0059 0.0002  2    OMZ A CL  
35   C  CE2 . OMZ A  2 ? 0.0517 0.0339 0.0450 -0.0085 0.0086  0.0042  2    OMZ A CE2 
36   C  CZ  . OMZ A  2 ? 0.0558 0.0292 0.0332 -0.0090 0.0048  0.0034  2    OMZ A CZ  
37   O  OH  . OMZ A  2 ? 0.0606 0.0303 0.0346 -0.0099 0.0016  0.0058  2    OMZ A OH  
45   N  N   . ASN A  3 ? 0.0356 0.0308 0.0348 -0.0042 0.0031  -0.0022 3    ASN A N   
46   C  CA  . ASN A  3 ? 0.0413 0.0273 0.0359 -0.0040 0.0031  -0.0027 3    ASN A CA  
47   C  C   . ASN A  3 ? 0.0398 0.0261 0.0279 -0.0020 0.0049  0.0008  3    ASN A C   
48   O  O   . ASN A  3 ? 0.0326 0.0356 0.0486 0.0004  0.0007  -0.0073 3    ASN A O   
49   C  CB  . ASN A  3 ? 0.0654 0.0339 0.0379 -0.0127 -0.0055 0.0034  3    ASN A CB  
50   C  CG  . ASN A  3 ? 0.0872 0.0456 0.0396 -0.0157 -0.0050 -0.0009 3    ASN A CG  
51   O  OD1 . ASN A  3 ? 0.1135 0.0492 0.0467 -0.0224 -0.0052 -0.0026 3    ASN A OD1 
52   N  ND2 . ASN A  3 ? 0.1303 0.0664 0.0358 -0.0416 -0.0089 0.0083  3    ASN A ND2 
59   N  N   . GHP A  4 ? 0.0321 0.0285 0.0299 -0.0026 -0.0001 -0.0007 4    GHP A N   
60   C  CA  . GHP A  4 ? 0.0361 0.0262 0.0282 -0.0079 0.0011  -0.0006 4    GHP A CA  
61   C  C   . GHP A  4 ? 0.0349 0.0294 0.0269 0.0001  0.0031  0.0012  4    GHP A C   
62   O  O   . GHP A  4 ? 0.0346 0.0320 0.0543 0.0001  0.0001  0.0015  4    GHP A O   
63   C  C1  . GHP A  4 ? 0.0353 0.0284 0.0267 -0.0006 0.0002  0.0009  4    GHP A C1  
64   C  C2  . GHP A  4 ? 0.0399 0.0290 0.0320 -0.0031 0.0033  -0.0001 4    GHP A C2  
65   C  C3  . GHP A  4 ? 0.0452 0.0281 0.0340 -0.0031 -0.0002 0.0025  4    GHP A C3  
66   C  C4  . GHP A  4 ? 0.0449 0.0360 0.0298 -0.0044 0.0028  0.0027  4    GHP A C4  
67   O  O4  . GHP A  4 ? 0.0485 0.0343 0.0298 -0.0054 0.0056  0.0032  4    GHP A O4  
68   C  C5  . GHP A  4 ? 0.0428 0.0299 0.0323 -0.0025 -0.0006 -0.0037 4    GHP A C5  
69   C  C6  . GHP A  4 ? 0.0413 0.0276 0.0340 -0.0038 0.0050  0.0006  4    GHP A C6  
74   N  N   . GHP A  5 ? 0.0330 0.0235 0.0266 -0.0003 0.0029  -0.0001 5    GHP A N   
75   C  CA  . GHP A  5 ? 0.0330 0.0271 0.0256 -0.0006 -0.0006 0.0029  5    GHP A CA  
76   C  C   . GHP A  5 ? 0.0387 0.0233 0.0225 -0.0009 -0.0005 0.0011  5    GHP A C   
77   O  O   . GHP A  5 ? 0.0314 0.0280 0.0327 0.0018  0.0000  -0.0019 5    GHP A O   
78   C  C1  . GHP A  5 ? 0.0327 0.0263 0.0306 -0.0005 -0.0005 0.0003  5    GHP A C1  
79   C  C2  . GHP A  5 ? 0.0369 0.0308 0.0304 0.0047  0.0024  0.0009  5    GHP A C2  
80   C  C3  . GHP A  5 ? 0.0389 0.0349 0.0279 0.0066  0.0079  0.0037  5    GHP A C3  
81   C  C4  . GHP A  5 ? 0.0348 0.0310 0.0253 -0.0015 -0.0021 0.0017  5    GHP A C4  
82   O  O4  . GHP A  5 ? 0.0397 0.0377 0.0364 0.0028  0.0030  0.0114  5    GHP A O4  
83   C  C5  . GHP A  5 ? 0.0283 0.0302 0.0339 -0.0029 -0.0043 -0.0005 5    GHP A C5  
84   C  C6  . GHP A  5 ? 0.0305 0.0269 0.0301 -0.0032 -0.0001 -0.0003 5    GHP A C6  
91   N  N   . OMY A  6 ? 0.0274 0.0319 0.0272 0.0000  0.0012  -0.0031 6    OMY A N   
92   C  CA  . OMY A  6 ? 0.0323 0.0288 0.0329 0.0041  -0.0023 -0.0012 6    OMY A CA  
93   O  OCZ . OMY A  6 ? 0.0624 0.0243 0.0287 -0.0032 -0.0002 -0.0012 6    OMY A OCZ 
94   C  CE2 . OMY A  6 ? 0.0457 0.0320 0.0262 -0.0018 -0.0004 0.0021  6    OMY A CE2 
95   C  CE1 . OMY A  6 ? 0.0463 0.0333 0.0354 -0.0089 0.0056  -0.0026 6    OMY A CE1 
96   C  CZ  . OMY A  6 ? 0.0507 0.0304 0.0273 -0.0009 0.0046  -0.0012 6    OMY A CZ  
97   C  CG  . OMY A  6 ? 0.0456 0.0291 0.0262 -0.0008 0.0035  -0.0031 6    OMY A CG  
98   C  CD2 . OMY A  6 ? 0.0395 0.0331 0.0326 -0.0031 0.0045  0.0004  6    OMY A CD2 
99   C  CD1 . OMY A  6 ? 0.0414 0.0371 0.0377 0.0014  0.0046  -0.0016 6    OMY A CD1 
100  C  CB  . OMY A  6 ? 0.0356 0.0256 0.0301 0.0012  0.0062  -0.0046 6    OMY A CB  
101  CL CL  . OMY A  6 ? 0.0554 0.0546 0.0765 -0.0155 0.0042  -0.0006 6    OMY A CL  
102  O  O   . OMY A  6 ? 0.0358 0.0386 0.0446 -0.0039 -0.0029 0.0039  6    OMY A O   
103  C  C   . OMY A  6 ? 0.0385 0.0310 0.0268 0.0022  0.0015  -0.0063 6    OMY A C   
104  O  ODE . OMY A  6 ? 0.0391 0.0304 0.0279 0.0002  0.0053  -0.0037 6    OMY A ODE 
111  N  N   . 3FG A  7 ? 0.0321 0.0343 0.0337 0.0017  -0.0002 -0.0031 7    3FG A N   
112  O  OD1 . 3FG A  7 ? 0.0395 0.0400 0.0423 0.0024  -0.0114 -0.0039 7    3FG A OD1 
113  C  CD1 . 3FG A  7 ? 0.0336 0.0293 0.0384 -0.0016 -0.0046 0.0055  7    3FG A CD1 
114  C  CG1 . 3FG A  7 ? 0.0344 0.0280 0.0342 -0.0021 0.0013  0.0055  7    3FG A CG1 
115  C  CZ  . 3FG A  7 ? 0.0337 0.0470 0.0450 -0.0003 -0.0070 0.0021  7    3FG A CZ  
116  C  CD2 . 3FG A  7 ? 0.0350 0.0527 0.0487 0.0089  -0.0015 0.0010  7    3FG A CD2 
117  O  OD2 . 3FG A  7 ? 0.0365 0.0767 0.0718 0.0194  -0.0078 -0.0026 7    3FG A OD2 
118  C  CG2 . 3FG A  7 ? 0.0391 0.0435 0.0434 0.0044  0.0030  0.0023  7    3FG A CG2 
119  C  CB  . 3FG A  7 ? 0.0312 0.0390 0.0379 0.0011  0.0024  0.0059  7    3FG A CB  
120  C  CA  . 3FG A  7 ? 0.0387 0.0366 0.0353 0.0010  -0.0030 0.0029  7    3FG A CA  
121  C  C   . 3FG A  7 ? 0.0488 0.0386 0.0461 0.0040  -0.0047 0.0031  7    3FG A C   
122  O  O   . 3FG A  7 ? 0.0958 0.0445 0.0452 0.0088  0.0011  -0.0056 7    3FG A O   
123  O  OXT . 3FG A  7 ? 0.0823 0.0399 0.0605 0.0023  -0.0002 0.0072  7    3FG A OXT 
130  N  N   . MLU B  1 ? 0.0612 0.1155 0.1207 0.0032  0.0025  -0.0215 1    MLU B N   
131  C  CN  . MLU B  1 ? 0.1381 0.3263 0.0891 -0.1085 0.0231  -0.0195 1    MLU B CN  
132  C  CA  . MLU B  1 ? 0.0448 0.1091 0.1028 0.0026  -0.0079 -0.0051 1    MLU B CA  
133  C  C   . MLU B  1 ? 0.0530 0.0838 0.0822 0.0076  0.0044  0.0070  1    MLU B C   
134  O  O   . MLU B  1 ? 0.0690 0.0795 0.1875 0.0132  -0.0268 0.0147  1    MLU B O   
135  C  CB  . MLU B  1 ? 0.1392 0.3946 0.0658 -0.0670 0.0186  0.0027  1    MLU B CB  
136  C  CG  . MLU B  1 ? 0.2288 0.5979 0.2129 -0.0221 0.0790  0.1206  1    MLU B CG  
137  C  CD1 . MLU B  1 ? 0.1807 0.2815 0.3424 0.0210  0.1284  0.1680  1    MLU B CD1 
138  C  CD2 . MLU B  1 ? 0.3978 0.9401 0.2419 0.1905  0.1376  0.2381  1    MLU B CD2 
153  N  N   . OMZ B  2 ? 0.0451 0.0592 0.0482 0.0084  0.0138  -0.0046 2    OMZ B N   
154  C  CA  . OMZ B  2 ? 0.0522 0.0523 0.0470 0.0053  0.0136  -0.0081 2    OMZ B CA  
155  C  C   . OMZ B  2 ? 0.0520 0.0375 0.0369 0.0038  0.0079  -0.0042 2    OMZ B C   
156  O  O   . OMZ B  2 ? 0.0594 0.0598 0.0413 0.0000  0.0082  -0.0167 2    OMZ B O   
157  C  CB  . OMZ B  2 ? 0.0539 0.0505 0.0434 0.0109  0.0159  -0.0024 2    OMZ B CB  
158  O  OC  . OMZ B  2 ? 0.0655 0.0643 0.0585 0.0217  0.0307  0.0074  2    OMZ B OC  
159  C  CG  . OMZ B  2 ? 0.0509 0.0550 0.0364 0.0056  0.0118  -0.0061 2    OMZ B CG  
160  C  CD1 . OMZ B  2 ? 0.0593 0.0448 0.0314 0.0020  0.0125  -0.0047 2    OMZ B CD1 
161  C  CD2 . OMZ B  2 ? 0.0484 0.0556 0.0396 -0.0006 0.0124  -0.0032 2    OMZ B CD2 
162  C  CE1 . OMZ B  2 ? 0.0551 0.0470 0.0268 0.0036  0.0161  -0.0025 2    OMZ B CE1 
163  CL CL  . OMZ B  2 ? 0.0566 0.0567 0.0509 0.0004  0.0052  -0.0058 2    OMZ B CL  
164  C  CE2 . OMZ B  2 ? 0.0587 0.0447 0.0367 -0.0013 0.0132  -0.0070 2    OMZ B CE2 
165  C  CZ  . OMZ B  2 ? 0.0531 0.0446 0.0227 0.0014  0.0127  -0.0014 2    OMZ B CZ  
166  O  OH  . OMZ B  2 ? 0.0627 0.0392 0.0297 0.0056  0.0160  -0.0017 2    OMZ B OH  
174  N  N   . ASN B  3 ? 0.0380 0.0419 0.0374 0.0038  0.0091  0.0000  3    ASN B N   
175  C  CA  . ASN B  3 ? 0.0393 0.0355 0.0362 0.0009  0.0104  -0.0071 3    ASN B CA  
176  C  C   . ASN B  3 ? 0.0405 0.0389 0.0263 0.0000  0.0058  -0.0037 3    ASN B C   
177  O  O   . ASN B  3 ? 0.0397 0.0412 0.0442 -0.0026 0.0009  -0.0106 3    ASN B O   
178  C  CB  . ASN B  3 ? 0.0700 0.0336 0.0375 0.0129  0.0190  0.0015  3    ASN B CB  
179  C  CG  . ASN B  3 ? 0.1068 0.0429 0.0540 0.0212  0.0384  0.0118  3    ASN B CG  
180  O  OD1 . ASN B  3 ? 0.2436 0.0516 0.0730 0.0532  0.0738  0.0153  3    ASN B OD1 
181  N  ND2 . ASN B  3 ? 0.1191 0.0499 0.0547 0.0249  0.0337  0.0179  3    ASN B ND2 
188  N  N   . GHP B  4 ? 0.0322 0.0309 0.0307 -0.0011 0.0056  -0.0021 4    GHP B N   
189  C  CA  . GHP B  4 ? 0.0348 0.0322 0.0276 0.0027  0.0066  -0.0010 4    GHP B CA  
190  C  C   . GHP B  4 ? 0.0331 0.0261 0.0326 -0.0007 0.0065  -0.0001 4    GHP B C   
191  O  O   . GHP B  4 ? 0.0332 0.0494 0.0389 -0.0037 0.0058  -0.0110 4    GHP B O   
192  C  C1  . GHP B  4 ? 0.0365 0.0357 0.0332 -0.0033 0.0032  0.0007  4    GHP B C1  
193  C  C2  . GHP B  4 ? 0.0354 0.0347 0.0331 0.0009  0.0058  -0.0088 4    GHP B C2  
194  C  C3  . GHP B  4 ? 0.0377 0.0448 0.0304 -0.0005 0.0078  -0.0062 4    GHP B C3  
195  C  C4  . GHP B  4 ? 0.0428 0.0364 0.0308 -0.0013 0.0043  -0.0022 4    GHP B C4  
196  O  O4  . GHP B  4 ? 0.0487 0.0447 0.0295 0.0014  0.0076  0.0035  4    GHP B O4  
197  C  C5  . GHP B  4 ? 0.0440 0.0334 0.0292 0.0015  0.0048  -0.0048 4    GHP B C5  
198  C  C6  . GHP B  4 ? 0.0420 0.0356 0.0322 0.0031  0.0086  -0.0036 4    GHP B C6  
203  N  N   . GHP B  5 ? 0.0310 0.0279 0.0282 -0.0025 0.0044  -0.0034 5    GHP B N   
204  C  CA  . GHP B  5 ? 0.0329 0.0267 0.0258 -0.0029 0.0018  -0.0045 5    GHP B CA  
205  C  C   . GHP B  5 ? 0.0343 0.0300 0.0228 0.0008  0.0015  -0.0026 5    GHP B C   
206  O  O   . GHP B  5 ? 0.0314 0.0278 0.0324 -0.0041 -0.0002 -0.0020 5    GHP B O   
207  C  C1  . GHP B  5 ? 0.0291 0.0227 0.0264 0.0022  0.0055  -0.0019 5    GHP B C1  
208  C  C2  . GHP B  5 ? 0.0402 0.0263 0.0305 -0.0047 0.0006  -0.0003 5    GHP B C2  
209  C  C3  . GHP B  5 ? 0.0436 0.0285 0.0299 -0.0063 0.0000  0.0036  5    GHP B C3  
210  C  C4  . GHP B  5 ? 0.0394 0.0247 0.0246 0.0030  0.0004  0.0003  5    GHP B C4  
211  O  O4  . GHP B  5 ? 0.0421 0.0376 0.0265 -0.0058 -0.0008 0.0045  5    GHP B O4  
212  C  C5  . GHP B  5 ? 0.0278 0.0273 0.0318 0.0028  -0.0031 -0.0023 5    GHP B C5  
213  C  C6  . GHP B  5 ? 0.0299 0.0242 0.0281 0.0055  0.0018  -0.0012 5    GHP B C6  
220  N  N   . OMY B  6 ? 0.0317 0.0254 0.0335 0.0009  -0.0017 -0.0013 6    OMY B N   
221  C  CA  . OMY B  6 ? 0.0356 0.0254 0.0333 -0.0015 -0.0006 -0.0005 6    OMY B CA  
222  O  OCZ . OMY B  6 ? 0.0614 0.0315 0.0301 0.0049  0.0097  -0.0001 6    OMY B OCZ 
223  C  CE2 . OMY B  6 ? 0.0424 0.0287 0.0321 -0.0039 0.0007  0.0011  6    OMY B CE2 
224  C  CE1 . OMY B  6 ? 0.0535 0.0387 0.0387 0.0007  0.0098  0.0044  6    OMY B CE1 
225  C  CZ  . OMY B  6 ? 0.0555 0.0281 0.0316 -0.0028 0.0076  0.0043  6    OMY B CZ  
226  C  CG  . OMY B  6 ? 0.0370 0.0237 0.0381 -0.0017 0.0063  0.0009  6    OMY B CG  
227  C  CD2 . OMY B  6 ? 0.0412 0.0272 0.0304 -0.0008 0.0029  0.0021  6    OMY B CD2 
228  C  CD1 . OMY B  6 ? 0.0396 0.0419 0.0363 -0.0022 0.0037  0.0011  6    OMY B CD1 
229  C  CB  . OMY B  6 ? 0.0366 0.0240 0.0337 0.0015  0.0002  -0.0002 6    OMY B CB  
230  CL CL  . OMY B  6 ? 0.0593 0.0949 0.0615 0.0031  0.0154  -0.0036 6    OMY B CL  
231  O  O   . OMY B  6 ? 0.0341 0.0466 0.0343 0.0008  0.0026  0.0013  6    OMY B O   
232  C  C   . OMY B  6 ? 0.0360 0.0218 0.0332 -0.0015 -0.0007 0.0006  6    OMY B C   
233  O  ODE . OMY B  6 ? 0.0436 0.0231 0.0332 -0.0018 0.0031  -0.0001 6    OMY B ODE 
240  N  N   . 3FG B  7 ? 0.0351 0.0358 0.0315 -0.0036 -0.0013 0.0039  7    3FG B N   
241  O  OD1 . 3FG B  7 ? 0.0339 0.0389 0.0472 0.0073  -0.0046 0.0004  7    3FG B OD1 
242  C  CD1 . 3FG B  7 ? 0.0331 0.0414 0.0330 0.0031  0.0006  0.0042  7    3FG B CD1 
243  C  CG1 . 3FG B  7 ? 0.0330 0.0315 0.0293 -0.0006 -0.0031 -0.0010 7    3FG B CG1 
244  C  CZ  . 3FG B  7 ? 0.0321 0.0491 0.0446 0.0027  -0.0094 -0.0020 7    3FG B CZ  
245  C  CD2 . 3FG B  7 ? 0.0354 0.0574 0.0534 -0.0064 -0.0119 -0.0037 7    3FG B CD2 
246  O  OD2 . 3FG B  7 ? 0.0508 0.0610 0.0960 -0.0073 -0.0296 -0.0125 7    3FG B OD2 
247  C  CG2 . 3FG B  7 ? 0.0460 0.0348 0.0500 -0.0054 -0.0081 0.0042  7    3FG B CG2 
248  C  CB  . 3FG B  7 ? 0.0365 0.0354 0.0325 -0.0028 -0.0034 -0.0010 7    3FG B CB  
249  C  CA  . 3FG B  7 ? 0.0388 0.0292 0.0334 -0.0016 -0.0044 0.0029  7    3FG B CA  
250  C  C   . 3FG B  7 ? 0.0487 0.0362 0.0336 -0.0008 -0.0047 0.0007  7    3FG B C   
251  O  O   . 3FG B  7 ? 0.0849 0.0316 0.0538 0.0029  0.0036  0.0019  7    3FG B O   
252  O  OXT . 3FG B  7 ? 0.0797 0.0410 0.0405 0.0027  0.0045  -0.0045 7    3FG B OXT 
259  N  N   . MLU C  1 ? 0.0643 0.1667 0.1582 0.0195  -0.0186 0.0042  1    MLU C N   
260  C  CN  . MLU C  1 ? 0.1407 0.3396 0.2240 0.0194  -0.0481 0.1613  1    MLU C CN  
261  C  CA  . MLU C  1 ? 0.0392 0.1240 0.1058 -0.0078 -0.0085 0.0188  1    MLU C CA  
262  C  C   . MLU C  1 ? 0.0408 0.0703 0.0881 0.0084  0.0120  0.0136  1    MLU C C   
263  O  O   . MLU C  1 ? 0.0644 0.0802 0.1136 0.0171  0.0345  0.0052  1    MLU C O   
264  C  CB  . MLU C  1 ? 0.0531 0.1204 0.1245 -0.0154 0.0155  0.0076  1    MLU C CB  
265  C  CG  . MLU C  1 ? 0.0790 0.0881 0.1029 -0.0235 0.0150  0.0151  1    MLU C CG  
266  C  CD1 . MLU C  1 ? 0.0841 0.1085 0.1518 -0.0159 0.0165  0.0006  1    MLU C CD1 
267  C  CD2 . MLU C  1 ? 0.1761 0.1221 0.1448 0.0044  0.0736  0.0196  1    MLU C CD2 
282  N  N   . OMZ C  2 ? 0.0398 0.0437 0.0618 0.0079  0.0073  0.0103  2    OMZ C N   
283  C  CA  . OMZ C  2 ? 0.0436 0.0334 0.0530 0.0073  0.0116  0.0042  2    OMZ C CA  
284  C  C   . OMZ C  2 ? 0.0429 0.0299 0.0366 0.0037  0.0095  0.0027  2    OMZ C C   
285  O  O   . OMZ C  2 ? 0.0613 0.0310 0.0540 -0.0037 -0.0001 0.0070  2    OMZ C O   
286  C  CB  . OMZ C  2 ? 0.0484 0.0313 0.0472 0.0105  0.0061  0.0078  2    OMZ C CB  
287  O  OC  . OMZ C  2 ? 0.0558 0.0505 0.0549 0.0203  0.0088  0.0146  2    OMZ C OC  
288  C  CG  . OMZ C  2 ? 0.0485 0.0301 0.0458 0.0112  0.0066  0.0096  2    OMZ C CG  
289  C  CD1 . OMZ C  2 ? 0.0446 0.0266 0.0416 -0.0002 0.0090  0.0067  2    OMZ C CD1 
290  C  CD2 . OMZ C  2 ? 0.0508 0.0475 0.0430 0.0073  0.0014  0.0070  2    OMZ C CD2 
291  C  CE1 . OMZ C  2 ? 0.0395 0.0296 0.0447 0.0025  0.0056  0.0105  2    OMZ C CE1 
292  CL CL  . OMZ C  2 ? 0.0469 0.0478 0.0585 -0.0002 0.0093  0.0025  2    OMZ C CL  
293  C  CE2 . OMZ C  2 ? 0.0565 0.0402 0.0368 0.0032  0.0021  0.0068  2    OMZ C CE2 
294  C  CZ  . OMZ C  2 ? 0.0542 0.0259 0.0371 0.0076  0.0167  0.0092  2    OMZ C CZ  
295  O  OH  . OMZ C  2 ? 0.0598 0.0307 0.0421 0.0104  0.0189  0.0089  2    OMZ C OH  
303  N  N   . ASN C  3 ? 0.0390 0.0345 0.0341 0.0058  0.0053  0.0013  3    ASN C N   
304  C  CA  . ASN C  3 ? 0.0377 0.0278 0.0331 0.0023  0.0044  0.0013  3    ASN C CA  
305  C  C   . ASN C  3 ? 0.0371 0.0281 0.0304 0.0009  0.0060  0.0032  3    ASN C C   
306  O  O   . ASN C  3 ? 0.0332 0.0363 0.0425 0.0010  0.0007  -0.0022 3    ASN C O   
307  C  CB  . ASN C  3 ? 0.0469 0.0315 0.0399 0.0045  0.0126  0.0098  3    ASN C CB  
308  C  CG  . ASN C  3 ? 0.0561 0.0436 0.0524 0.0119  0.0173  0.0076  3    ASN C CG  
309  O  OD1 . ASN C  3 ? 0.0804 0.0493 0.0638 0.0175  0.0303  0.0039  3    ASN C OD1 
310  N  ND2 . ASN C  3 ? 0.0792 0.0580 0.0524 0.0157  0.0368  0.0199  3    ASN C ND2 
317  N  N   . GHP C  4 ? 0.0295 0.0279 0.0309 0.0027  0.0042  0.0022  4    GHP C N   
318  C  CA  . GHP C  4 ? 0.0334 0.0244 0.0331 0.0046  0.0071  0.0022  4    GHP C CA  
319  C  C   . GHP C  4 ? 0.0351 0.0271 0.0248 -0.0038 0.0031  0.0021  4    GHP C C   
320  O  O   . GHP C  4 ? 0.0351 0.0348 0.0459 -0.0041 -0.0038 0.0035  4    GHP C O   
321  C  C1  . GHP C  4 ? 0.0304 0.0313 0.0301 -0.0038 0.0027  0.0018  4    GHP C C1  
322  C  C2  . GHP C  4 ? 0.0392 0.0305 0.0291 0.0030  0.0048  0.0005  4    GHP C C2  
323  C  C3  . GHP C  4 ? 0.0418 0.0297 0.0376 0.0008  0.0058  0.0028  4    GHP C C3  
324  C  C4  . GHP C  4 ? 0.0489 0.0295 0.0304 0.0019  0.0068  0.0033  4    GHP C C4  
325  O  O4  . GHP C  4 ? 0.0523 0.0319 0.0306 0.0016  0.0088  0.0032  4    GHP C O4  
326  C  C5  . GHP C  4 ? 0.0454 0.0277 0.0314 -0.0003 0.0049  -0.0003 4    GHP C C5  
327  C  C6  . GHP C  4 ? 0.0381 0.0277 0.0334 -0.0022 0.0049  0.0044  4    GHP C C6  
332  N  N   . GHP C  5 ? 0.0301 0.0254 0.0300 -0.0009 0.0014  0.0011  5    GHP C N   
333  C  CA  . GHP C  5 ? 0.0324 0.0253 0.0272 -0.0039 0.0047  -0.0035 5    GHP C CA  
334  C  C   . GHP C  5 ? 0.0345 0.0265 0.0266 -0.0039 0.0034  0.0054  5    GHP C C   
335  O  O   . GHP C  5 ? 0.0316 0.0290 0.0356 -0.0031 -0.0005 -0.0024 5    GHP C O   
336  C  C1  . GHP C  5 ? 0.0388 0.0222 0.0287 0.0007  0.0049  -0.0008 5    GHP C C1  
337  C  C2  . GHP C  5 ? 0.0376 0.0292 0.0311 -0.0023 0.0021  -0.0038 5    GHP C C2  
338  C  C3  . GHP C  5 ? 0.0424 0.0373 0.0267 -0.0033 -0.0025 0.0039  5    GHP C C3  
339  C  C4  . GHP C  5 ? 0.0373 0.0332 0.0299 -0.0086 0.0040  0.0006  5    GHP C C4  
340  O  O4  . GHP C  5 ? 0.0477 0.0422 0.0320 -0.0129 -0.0015 0.0095  5    GHP C O4  
341  C  C5  . GHP C  5 ? 0.0310 0.0367 0.0335 -0.0028 0.0031  0.0002  5    GHP C C5  
342  C  C6  . GHP C  5 ? 0.0268 0.0329 0.0311 -0.0021 0.0019  -0.0040 5    GHP C C6  
349  N  N   . OMY C  6 ? 0.0313 0.0298 0.0287 -0.0025 0.0037  -0.0026 6    OMY C N   
350  C  CA  . OMY C  6 ? 0.0343 0.0303 0.0316 -0.0085 0.0021  -0.0065 6    OMY C CA  
351  O  OCZ . OMY C  6 ? 0.0537 0.0272 0.0330 0.0005  0.0152  -0.0016 6    OMY C OCZ 
352  C  CE2 . OMY C  6 ? 0.0384 0.0310 0.0335 -0.0041 0.0094  -0.0038 6    OMY C CE2 
353  C  CE1 . OMY C  6 ? 0.0447 0.0381 0.0321 0.0034  0.0020  -0.0003 6    OMY C CE1 
354  C  CZ  . OMY C  6 ? 0.0511 0.0304 0.0248 -0.0047 0.0090  0.0007  6    OMY C CZ  
355  C  CG  . OMY C  6 ? 0.0418 0.0329 0.0282 -0.0033 0.0052  -0.0036 6    OMY C CG  
356  C  CD2 . OMY C  6 ? 0.0425 0.0311 0.0313 -0.0059 0.0009  -0.0013 6    OMY C CD2 
357  C  CD1 . OMY C  6 ? 0.0367 0.0402 0.0349 -0.0033 0.0023  0.0002  6    OMY C CD1 
358  C  CB  . OMY C  6 ? 0.0384 0.0297 0.0314 -0.0028 0.0022  -0.0027 6    OMY C CB  
359  CL CL  . OMY C  6 ? 0.0581 0.0506 0.0700 0.0076  -0.0061 0.0065  6    OMY C CL  
360  O  O   . OMY C  6 ? 0.0442 0.0412 0.0405 -0.0025 0.0039  0.0042  6    OMY C O   
361  C  C   . OMY C  6 ? 0.0463 0.0273 0.0271 -0.0022 0.0032  -0.0017 6    OMY C C   
362  O  ODE . OMY C  6 ? 0.0451 0.0278 0.0320 0.0006  0.0068  -0.0055 6    OMY C ODE 
369  N  N   . 3FG C  7 ? 0.0400 0.0367 0.0300 -0.0088 0.0034  0.0016  7    3FG C N   
370  O  OD1 . 3FG C  7 ? 0.0325 0.0639 0.0507 -0.0087 0.0083  -0.0024 7    3FG C OD1 
371  C  CD1 . 3FG C  7 ? 0.0375 0.0574 0.0413 -0.0154 0.0004  -0.0003 7    3FG C CD1 
372  C  CG1 . 3FG C  7 ? 0.0419 0.0440 0.0321 -0.0157 0.0034  0.0077  7    3FG C CG1 
373  C  CZ  . 3FG C  7 ? 0.0506 0.0900 0.0525 -0.0274 0.0084  -0.0133 7    3FG C CZ  
374  C  CD2 . 3FG C  7 ? 0.0507 0.0968 0.0757 -0.0419 0.0066  -0.0253 7    3FG C CD2 
375  O  OD2 . 3FG C  7 ? 0.0753 0.1651 0.1129 -0.0799 0.0186  -0.0587 7    3FG C OD2 
376  C  CG2 . 3FG C  7 ? 0.0627 0.0675 0.0468 -0.0318 0.0095  -0.0147 7    3FG C CG2 
377  C  CB  . 3FG C  7 ? 0.0489 0.0465 0.0344 -0.0191 0.0012  0.0000  7    3FG C CB  
378  C  CA  . 3FG C  7 ? 0.0510 0.0366 0.0353 -0.0139 0.0031  0.0051  7    3FG C CA  
379  C  C   . 3FG C  7 ? 0.0701 0.0426 0.0490 -0.0148 0.0125  -0.0029 7    3FG C C   
380  O  O   . 3FG C  7 ? 0.1104 0.0522 0.0553 -0.0205 0.0208  -0.0106 7    3FG C O   
381  O  OXT . 3FG C  7 ? 0.1073 0.0402 0.0575 -0.0175 0.0138  0.0058  7    3FG C OXT 
388  N  N   . MLU D  1 ? 0.0524 0.1360 0.0815 -0.0070 -0.0020 -0.0146 1    MLU D N   
389  C  CN  . MLU D  1 ? 0.0915 0.2159 0.1018 0.0230  -0.0056 0.0360  1    MLU D CN  
390  C  CA  . MLU D  1 ? 0.0644 0.1038 0.0748 -0.0114 0.0005  -0.0263 1    MLU D CA  
391  C  C   . MLU D  1 ? 0.0631 0.0842 0.0548 -0.0170 -0.0015 -0.0164 1    MLU D C   
392  O  O   . MLU D  1 ? 0.0723 0.0841 0.0936 -0.0224 0.0028  -0.0250 1    MLU D O   
393  C  CB  . MLU D  1 ? 0.0949 0.1247 0.0898 -0.0240 0.0174  -0.0060 1    MLU D CB  
394  C  CG  . MLU D  1 ? 0.1146 0.1102 0.0721 -0.0260 0.0101  -0.0058 1    MLU D CG  
395  C  CD1 . MLU D  1 ? 0.0844 0.1104 0.1154 -0.0181 0.0161  -0.0217 1    MLU D CD1 
396  C  CD2 . MLU D  1 ? 0.2497 0.1491 0.0924 -0.0887 0.0022  0.0109  1    MLU D CD2 
411  N  N   . OMZ D  2 ? 0.0523 0.0546 0.0425 -0.0107 -0.0054 -0.0106 2    OMZ D N   
412  C  CA  . OMZ D  2 ? 0.0598 0.0449 0.0346 -0.0086 -0.0023 -0.0079 2    OMZ D CA  
413  C  C   . OMZ D  2 ? 0.0484 0.0384 0.0344 -0.0049 0.0017  -0.0058 2    OMZ D C   
414  O  O   . OMZ D  2 ? 0.0606 0.0531 0.0402 0.0046  0.0017  -0.0141 2    OMZ D O   
415  C  CB  . OMZ D  2 ? 0.0685 0.0490 0.0295 -0.0068 -0.0004 -0.0077 2    OMZ D CB  
416  O  OC  . OMZ D  2 ? 0.0930 0.0633 0.0395 -0.0249 -0.0157 -0.0048 2    OMZ D OC  
417  C  CG  . OMZ D  2 ? 0.0634 0.0463 0.0264 -0.0033 0.0007  -0.0064 2    OMZ D CG  
418  C  CD1 . OMZ D  2 ? 0.0657 0.0452 0.0254 -0.0020 0.0051  -0.0064 2    OMZ D CD1 
419  C  CD2 . OMZ D  2 ? 0.0566 0.0529 0.0349 -0.0023 -0.0005 -0.0056 2    OMZ D CD2 
420  C  CE1 . OMZ D  2 ? 0.0589 0.0472 0.0248 -0.0024 0.0072  -0.0059 2    OMZ D CE1 
421  CL CL  . OMZ D  2 ? 0.0615 0.0589 0.0516 -0.0031 0.0052  -0.0060 2    OMZ D CL  
422  C  CE2 . OMZ D  2 ? 0.0672 0.0410 0.0340 -0.0018 -0.0021 -0.0017 2    OMZ D CE2 
423  C  CZ  . OMZ D  2 ? 0.0633 0.0435 0.0225 -0.0089 0.0048  0.0001  2    OMZ D CZ  
424  O  OH  . OMZ D  2 ? 0.0702 0.0394 0.0259 -0.0081 0.0020  -0.0024 2    OMZ D OH  
432  N  N   . ASN D  3 ? 0.0456 0.0352 0.0328 -0.0048 -0.0032 -0.0020 3    ASN D N   
433  C  CA  . ASN D  3 ? 0.0458 0.0279 0.0291 -0.0021 0.0003  -0.0033 3    ASN D CA  
434  C  C   . ASN D  3 ? 0.0391 0.0336 0.0220 -0.0007 0.0011  -0.0032 3    ASN D C   
435  O  O   . ASN D  3 ? 0.0447 0.0372 0.0428 0.0041  0.0001  -0.0071 3    ASN D O   
436  C  CB  . ASN D  3 ? 0.0596 0.0393 0.0298 -0.0106 0.0026  -0.0020 3    ASN D CB  
437  C  CG  . ASN D  3 ? 0.0923 0.0416 0.0359 -0.0201 0.0046  -0.0034 3    ASN D CG  
438  O  OD1 . ASN D  3 ? 0.1851 0.0457 0.0482 -0.0399 0.0229  -0.0111 3    ASN D OD1 
439  N  ND2 . ASN D  3 ? 0.0972 0.0404 0.0400 -0.0206 0.0065  0.0061  3    ASN D ND2 
446  N  N   . GHP D  4 ? 0.0376 0.0268 0.0288 -0.0040 0.0005  -0.0046 4    GHP D N   
447  C  CA  . GHP D  4 ? 0.0357 0.0308 0.0262 -0.0053 0.0028  -0.0020 4    GHP D CA  
448  C  C   . GHP D  4 ? 0.0342 0.0298 0.0283 -0.0029 0.0031  0.0008  4    GHP D C   
449  O  O   . GHP D  4 ? 0.0371 0.0430 0.0363 0.0040  -0.0057 -0.0074 4    GHP D O   
450  C  C1  . GHP D  4 ? 0.0322 0.0369 0.0246 -0.0003 0.0035  0.0004  4    GHP D C1  
451  C  C2  . GHP D  4 ? 0.0495 0.0292 0.0291 -0.0048 0.0055  -0.0067 4    GHP D C2  
452  C  C3  . GHP D  4 ? 0.0504 0.0414 0.0238 0.0010  0.0011  -0.0035 4    GHP D C3  
453  C  C4  . GHP D  4 ? 0.0490 0.0375 0.0291 -0.0006 0.0051  0.0027  4    GHP D C4  
454  O  O4  . GHP D  4 ? 0.0536 0.0417 0.0259 -0.0055 0.0017  0.0027  4    GHP D O4  
455  C  C5  . GHP D  4 ? 0.0510 0.0272 0.0325 -0.0071 0.0027  -0.0031 4    GHP D C5  
456  C  C6  . GHP D  4 ? 0.0429 0.0375 0.0267 -0.0074 0.0036  -0.0045 4    GHP D C6  
461  N  N   . GHP D  5 ? 0.0351 0.0231 0.0261 0.0043  0.0029  -0.0027 5    GHP D N   
462  C  CA  . GHP D  5 ? 0.0309 0.0242 0.0260 -0.0021 0.0037  -0.0059 5    GHP D CA  
463  C  C   . GHP D  5 ? 0.0361 0.0264 0.0244 -0.0049 0.0052  -0.0006 5    GHP D C   
464  O  O   . GHP D  5 ? 0.0306 0.0287 0.0346 0.0014  0.0038  -0.0026 5    GHP D O   
465  C  C1  . GHP D  5 ? 0.0293 0.0226 0.0243 -0.0037 0.0040  -0.0036 5    GHP D C1  
466  C  C2  . GHP D  5 ? 0.0353 0.0293 0.0307 -0.0035 0.0023  0.0007  5    GHP D C2  
467  C  C3  . GHP D  5 ? 0.0412 0.0340 0.0314 0.0007  0.0066  0.0064  5    GHP D C3  
468  C  C4  . GHP D  5 ? 0.0388 0.0281 0.0290 -0.0030 0.0072  0.0003  5    GHP D C4  
469  O  O4  . GHP D  5 ? 0.0446 0.0414 0.0318 0.0039  0.0108  0.0041  5    GHP D O4  
470  C  C5  . GHP D  5 ? 0.0307 0.0271 0.0376 -0.0052 0.0076  0.0005  5    GHP D C5  
471  C  C6  . GHP D  5 ? 0.0337 0.0268 0.0304 -0.0039 0.0012  0.0006  5    GHP D C6  
478  N  N   . OMY D  6 ? 0.0331 0.0232 0.0337 0.0011  0.0011  -0.0024 6    OMY D N   
479  C  CA  . OMY D  6 ? 0.0326 0.0243 0.0409 -0.0027 0.0021  -0.0019 6    OMY D CA  
480  O  OCZ . OMY D  6 ? 0.0611 0.0300 0.0289 -0.0068 0.0075  -0.0019 6    OMY D OCZ 
481  C  CE2 . OMY D  6 ? 0.0442 0.0246 0.0337 0.0003  0.0066  0.0012  6    OMY D CE2 
482  C  CE1 . OMY D  6 ? 0.0516 0.0366 0.0326 -0.0052 0.0014  0.0049  6    OMY D CE1 
483  C  CZ  . OMY D  6 ? 0.0509 0.0267 0.0278 -0.0019 0.0060  0.0022  6    OMY D CZ  
484  C  CG  . OMY D  6 ? 0.0432 0.0241 0.0329 -0.0001 0.0022  -0.0006 6    OMY D CG  
485  C  CD2 . OMY D  6 ? 0.0408 0.0248 0.0327 -0.0033 0.0055  -0.0021 6    OMY D CD2 
486  C  CD1 . OMY D  6 ? 0.0411 0.0340 0.0369 0.0030  0.0011  0.0044  6    OMY D CD1 
487  C  CB  . OMY D  6 ? 0.0357 0.0258 0.0350 0.0014  -0.0002 -0.0022 6    OMY D CB  
488  CL CL  . OMY D  6 ? 0.0656 0.0847 0.0475 -0.0050 -0.0070 -0.0040 6    OMY D CL  
489  O  O   . OMY D  6 ? 0.0471 0.0461 0.0335 -0.0040 0.0027  -0.0003 6    OMY D O   
490  C  C   . OMY D  6 ? 0.0421 0.0232 0.0361 0.0020  0.0040  -0.0031 6    OMY D C   
491  O  ODE . OMY D  6 ? 0.0456 0.0209 0.0362 -0.0017 0.0031  -0.0013 6    OMY D ODE 
498  N  N   . 3FG D  7 ? 0.0389 0.0313 0.0389 0.0011  0.0057  0.0022  7    3FG D N   
499  O  OD1 . 3FG D  7 ? 0.0335 0.0427 0.0617 -0.0057 0.0084  0.0050  7    3FG D OD1 
500  C  CD1 . 3FG D  7 ? 0.0383 0.0451 0.0584 0.0022  0.0129  0.0074  7    3FG D CD1 
501  C  CG1 . 3FG D  7 ? 0.0377 0.0364 0.0347 0.0044  0.0129  0.0074  7    3FG D CG1 
502  C  CZ  . 3FG D  7 ? 0.0362 0.0549 0.1235 0.0035  0.0233  0.0069  7    3FG D CZ  
503  C  CD2 . 3FG D  7 ? 0.0446 0.0577 0.1453 0.0131  0.0339  0.0140  7    3FG D CD2 
504  O  OD2 . 3FG D  7 ? 0.0577 0.0748 0.2603 0.0169  0.0714  -0.0001 7    3FG D OD2 
505  C  CG2 . 3FG D  7 ? 0.0553 0.0341 0.0931 0.0114  0.0265  0.0071  7    3FG D CG2 
506  C  CB  . 3FG D  7 ? 0.0411 0.0425 0.0487 0.0063  0.0186  0.0082  7    3FG D CB  
507  C  CA  . 3FG D  7 ? 0.0485 0.0323 0.0441 -0.0021 0.0108  0.0011  7    3FG D CA  
508  C  C   . 3FG D  7 ? 0.0610 0.0394 0.0494 0.0028  0.0181  -0.0007 7    3FG D C   
509  O  O   . 3FG D  7 ? 0.1031 0.0345 0.0569 -0.0016 0.0212  0.0010  7    3FG D O   
510  O  OXT . 3FG D  7 ? 0.1034 0.0445 0.0465 0.0099  0.0259  0.0019  7    3FG D OXT 
517  C  C2  . BGC E  . ? 0.0580 0.0276 0.0342 -0.0004 0.0047  -0.0055 8    BGC A C2  
518  C  C3  . BGC E  . ? 0.0633 0.0317 0.0364 0.0002  0.0035  -0.0034 8    BGC A C3  
519  C  C4  . BGC E  . ? 0.0637 0.0335 0.0416 0.0052  -0.0028 0.0028  8    BGC A C4  
520  C  C5  . BGC E  . ? 0.0602 0.0363 0.0433 -0.0002 0.0002  0.0122  8    BGC A C5  
521  C  C6  . BGC E  . ? 0.0661 0.0578 0.0406 0.0128  0.0142  0.0058  8    BGC A C6  
522  C  C1  . BGC E  . ? 0.0549 0.0235 0.0311 -0.0019 0.0015  -0.0004 8    BGC A C1  
523  O  O2  . BGC E  . ? 0.0684 0.0367 0.0353 0.0085  0.0008  -0.0087 8    BGC A O2  
524  O  O3  . BGC E  . ? 0.0876 0.0424 0.0328 0.0123  0.0017  -0.0001 8    BGC A O3  
525  O  O4  . BGC E  . ? 0.0710 0.0564 0.0584 0.0120  -0.0044 0.0051  8    BGC A O4  
526  O  O5  . BGC E  . ? 0.0670 0.0288 0.0316 0.0031  0.0070  0.0012  8    BGC A O5  
527  O  O6  . BGC E  . ? 0.1065 0.0427 0.0510 0.0146  0.0058  -0.0002 8    BGC A O6  
539  C  C1  . DVC F  . ? 0.0530 0.0380 0.0298 -0.0006 0.0004  -0.0094 9    DVC A C1  
540  C  C2  . DVC F  . ? 0.0574 0.0334 0.0383 0.0004  -0.0014 -0.0072 9    DVC A C2  
541  C  C3  . DVC F  . ? 0.0638 0.0350 0.0453 -0.0060 -0.0054 -0.0060 9    DVC A C3  
542  N  N3  . DVC F  . ? 0.0671 0.0462 0.0577 -0.0118 -0.0058 -0.0030 9    DVC A N3  
543  C  C4  . DVC F  . ? 0.0738 0.0391 0.0481 0.0003  -0.0062 -0.0101 9    DVC A C4  
544  O  O4  . DVC F  . ? 0.0920 0.0389 0.0688 0.0063  -0.0030 0.0000  9    DVC A O4  
545  C  C5  . DVC F  . ? 0.0575 0.0507 0.0571 0.0142  -0.0039 -0.0138 9    DVC A C5  
546  O  O5  . DVC F  . ? 0.0514 0.0550 0.0499 -0.0006 0.0081  -0.0164 9    DVC A O5  
547  C  C6  . DVC F  . ? 0.0683 0.0860 0.0898 0.0283  -0.0095 -0.0426 9    DVC A C6  
548  C  C3M . DVC F  . ? 0.0630 0.0428 0.0555 -0.0069 0.0047  0.0037  9    DVC A C3M 
549  O  O41 . DVC F  . ? 0.0828 0.0466 0.0497 0.0010  0.0026  -0.0206 9    DVC A O41 
562  N  N   . DAL G  . ? 0.1055 0.0425 0.0540 -0.0045 -0.0208 0.0124  11   DAL A N   
563  C  CA  . DAL G  . ? 0.0728 0.0331 0.0534 -0.0045 -0.0010 0.0062  11   DAL A CA  
564  C  CB  . DAL G  . ? 0.1169 0.0533 0.0554 -0.0171 0.0255  0.0084  11   DAL A CB  
565  C  C   . DAL G  . ? 0.0515 0.0463 0.0540 -0.0057 -0.0027 0.0061  11   DAL A C   
566  O  O   . DAL G  . ? 0.0734 0.0660 0.0782 -0.0143 -0.0155 0.0192  11   DAL A O   
571  N  N   . DAL H  . ? 0.0387 0.0360 0.0500 -0.0023 0.0046  0.0058  12   DAL A N   
572  C  CA  . DAL H  . ? 0.0444 0.0322 0.0588 0.0016  0.0102  0.0037  12   DAL A CA  
573  C  CB  . DAL H  . ? 0.0681 0.0516 0.0531 0.0040  0.0086  0.0074  12   DAL A CB  
574  C  C   . DAL H  . ? 0.0459 0.0330 0.0517 -0.0004 0.0050  0.0027  12   DAL A C   
575  O  O   . DAL H  . ? 0.0370 0.0447 0.0557 -0.0044 0.0035  -0.0069 12   DAL A O   
576  O  OXT . DAL H  . ? 0.0649 0.0375 0.0739 -0.0090 0.0197  0.0045  12   DAL A OXT 
582  C  C1  A CIT I  . ? 0.0310 0.0580 0.1537 0.0053  -0.0007 0.0459  1015 CIT A C1  
583  C  C1  B CIT I  . ? 0.0614 0.1310 0.0507 -0.0254 0.0120  -0.0440 1015 CIT A C1  
584  O  O1  A CIT I  . ? 0.0572 0.0574 0.2351 0.0095  0.0160  0.0404  1015 CIT A O1  
585  O  O1  B CIT I  . ? 0.0665 0.1685 0.0692 -0.0190 0.0063  -0.0483 1015 CIT A O1  
586  O  O2  A CIT I  . ? 0.0790 0.0714 0.1359 -0.0055 0.0342  0.0397  1015 CIT A O2  
587  O  O2  B CIT I  . ? 0.1190 0.1722 0.0902 -0.0560 0.0581  -0.0159 1015 CIT A O2  
588  C  C2  A CIT I  . ? 0.0399 0.0371 0.0705 0.0023  -0.0036 0.0109  1015 CIT A C2  
589  C  C2  B CIT I  . ? 0.0410 0.0639 0.0488 -0.0079 0.0061  -0.0038 1015 CIT A C2  
590  C  C3  A CIT I  . ? 0.0342 0.0480 0.0416 0.0045  -0.0021 0.0120  1015 CIT A C3  
591  C  C3  B CIT I  . ? 0.0404 0.0517 0.0575 -0.0005 -0.0036 0.0040  1015 CIT A C3  
592  O  O7  A CIT I  . ? 0.0413 0.0794 0.0378 0.0132  -0.0019 -0.0003 1015 CIT A O7  
593  O  O7  B CIT I  . ? 0.0488 0.0705 0.0699 -0.0166 -0.0133 0.0262  1015 CIT A O7  
594  C  C4  A CIT I  . ? 0.0224 0.0335 0.0493 -0.0055 -0.0032 0.0063  1015 CIT A C4  
595  C  C4  B CIT I  . ? 0.0314 0.0453 0.0571 0.0012  0.0016  -0.0081 1015 CIT A C4  
596  C  C5  A CIT I  . ? 0.0346 0.0857 0.0265 -0.0104 -0.0079 0.0072  1015 CIT A C5  
597  C  C5  B CIT I  . ? 0.0451 0.0486 0.0666 -0.0004 0.0070  0.0231  1015 CIT A C5  
598  O  O3  A CIT I  . ? 0.0286 0.0817 0.0431 0.0047  0.0014  -0.0075 1015 CIT A O3  
599  O  O3  B CIT I  . ? 0.0466 0.0317 0.0929 -0.0095 -0.0251 0.0139  1015 CIT A O3  
600  O  O4  A CIT I  . ? 0.0418 0.0942 0.0475 -0.0199 -0.0197 0.0292  1015 CIT A O4  
601  O  O4  B CIT I  . ? 0.0548 0.0448 0.0934 -0.0017 0.0100  0.0170  1015 CIT A O4  
602  C  C6  A CIT I  . ? 0.0307 0.0479 0.0608 -0.0014 0.0018  0.0195  1015 CIT A C6  
603  C  C6  B CIT I  . ? 0.0318 0.0676 0.0558 -0.0097 0.0148  0.0103  1015 CIT A C6  
604  O  O5  A CIT I  . ? 0.0188 0.0325 0.0729 -0.0033 -0.0059 0.0171  1015 CIT A O5  
605  O  O5  B CIT I  . ? 0.0361 0.0703 0.0404 -0.0116 0.0071  -0.0003 1015 CIT A O5  
606  O  O6  A CIT I  . ? 0.0221 0.0506 0.1042 -0.0156 -0.0116 -0.0212 1015 CIT A O6  
607  O  O6  B CIT I  . ? 0.0292 0.0745 0.0780 -0.0020 0.0042  0.0036  1015 CIT A O6  
618  C  C1  A CIT J  . ? 0.0491 0.0711 0.0751 -0.0035 -0.0060 0.0028  1016 CIT A C1  
619  C  C1  B CIT J  . ? 0.0671 0.0576 0.0574 0.0113  -0.0085 0.0096  1016 CIT A C1  
620  O  O1  A CIT J  . ? 0.0423 0.0929 0.0457 -0.0045 -0.0018 -0.0001 1016 CIT A O1  
621  O  O1  B CIT J  . ? 0.0630 0.0587 0.0579 0.0207  -0.0062 0.0025  1016 CIT A O1  
622  O  O2  A CIT J  . ? 0.1690 0.0529 0.2230 -0.0026 -0.0691 -0.0003 1016 CIT A O2  
623  O  O2  B CIT J  . ? 0.0599 0.0585 0.1117 0.0179  -0.0360 -0.0200 1016 CIT A O2  
624  C  C2  A CIT J  . ? 0.0284 0.0866 0.0694 -0.0028 -0.0074 0.0159  1016 CIT A C2  
625  C  C2  B CIT J  . ? 0.0717 0.0436 0.0640 -0.0096 -0.0028 0.0143  1016 CIT A C2  
626  C  C3  A CIT J  . ? 0.0441 0.0344 0.0720 -0.0075 0.0072  0.0155  1016 CIT A C3  
627  C  C3  B CIT J  . ? 0.0655 0.0949 0.1058 -0.0020 0.0075  0.0099  1016 CIT A C3  
628  O  O7  A CIT J  . ? 0.0601 0.0491 0.0732 -0.0074 -0.0004 0.0122  1016 CIT A O7  
629  O  O7  B CIT J  . ? 0.0859 0.1123 0.1126 -0.0318 -0.0048 0.0477  1016 CIT A O7  
630  C  C4  A CIT J  . ? 0.0460 0.0502 0.0829 0.0004  -0.0109 0.0065  1016 CIT A C4  
631  C  C4  B CIT J  . ? 0.0867 0.0777 0.1130 -0.0305 -0.0088 0.0000  1016 CIT A C4  
632  C  C5  A CIT J  . ? 0.0640 0.0591 0.0664 -0.0025 -0.0054 0.0179  1016 CIT A C5  
633  C  C5  B CIT J  . ? 0.0760 0.0968 0.1165 -0.0055 0.0064  -0.0202 1016 CIT A C5  
634  O  O3  A CIT J  . ? 0.0715 0.0584 0.1172 0.0114  -0.0018 0.0118  1016 CIT A O3  
635  O  O3  B CIT J  . ? 0.1317 0.1819 0.1557 -0.0200 -0.0438 -0.0422 1016 CIT A O3  
636  O  O4  A CIT J  . ? 0.0534 0.0960 0.1757 0.0064  0.0030  0.0622  1016 CIT A O4  
637  O  O4  B CIT J  . ? 0.0986 0.1687 0.1217 -0.0432 0.0200  0.0606  1016 CIT A O4  
638  C  C6  A CIT J  . ? 0.0787 0.0664 0.0667 0.0104  0.0112  0.0257  1016 CIT A C6  
639  C  C6  B CIT J  . ? 0.1025 0.0951 0.1447 -0.0178 -0.0158 -0.0040 1016 CIT A C6  
640  O  O5  A CIT J  . ? 0.1195 0.1047 0.0613 0.0360  0.0008  0.0152  1016 CIT A O5  
641  O  O5  B CIT J  . ? 0.1014 0.1664 0.1346 -0.0479 0.0275  -0.0721 1016 CIT A O5  
642  O  O6  A CIT J  . ? 0.0599 0.0451 0.0915 -0.0031 0.0018  0.0334  1016 CIT A O6  
643  O  O6  B CIT J  . ? 0.1828 0.1745 0.2899 0.0886  -0.0772 0.0472  1016 CIT A O6  
654  C  C1  . CIT K  . ? 0.0675 0.0976 0.0742 0.0126  -0.0014 -0.0081 1017 CIT A C1  
655  O  O1  . CIT K  . ? 0.0499 0.0965 0.0676 -0.0010 -0.0081 0.0228  1017 CIT A O1  
656  O  O2  . CIT K  . ? 0.1172 0.1606 0.1528 0.0400  -0.0614 -0.0733 1017 CIT A O2  
657  C  C2  . CIT K  . ? 0.0673 0.0973 0.0670 -0.0027 -0.0075 0.0085  1017 CIT A C2  
658  C  C3  . CIT K  . ? 0.0741 0.1000 0.0885 -0.0036 0.0188  -0.0105 1017 CIT A C3  
659  O  O7  . CIT K  . ? 0.1403 0.1242 0.0909 -0.0161 0.0136  -0.0250 1017 CIT A O7  
660  C  C4  A CIT K  . ? 0.0575 0.1456 0.1444 0.0217  0.0202  -0.0374 1017 CIT A C4  
662  C  C5  A CIT K  . ? 0.0924 0.1673 0.1555 -0.0203 0.0218  0.0248  1017 CIT A C5  
664  O  O3  A CIT K  . ? 0.0703 0.1581 0.0553 -0.0328 0.0102  -0.0020 1017 CIT A O3  
667  C  C6  . CIT K  . ? 0.0995 0.1262 0.0698 -0.0127 -0.0025 0.0000  1017 CIT A C6  
668  O  O5  . CIT K  . ? 0.2047 0.1354 0.0985 -0.0724 -0.0046 0.0052  1017 CIT A O5  
669  O  O6  . CIT K  . ? 0.0992 0.1418 0.1085 0.0035  -0.0245 -0.0081 1017 CIT A O6  
677  C  C1  A CIT L  . ? 0.0639 0.0668 0.0687 0.0079  0.0160  -0.0005 1018 CIT A C1  
678  C  C1  B CIT L  . ? 0.1530 0.1331 0.1092 -0.0145 -0.0453 -0.0087 1018 CIT A C1  
679  O  O1  A CIT L  . ? 0.0316 0.0640 0.0654 -0.0140 0.0096  0.0265  1018 CIT A O1  
680  O  O1  B CIT L  . ? 0.1447 0.1575 0.1688 -0.0398 -0.0332 0.0513  1018 CIT A O1  
681  O  O2  A CIT L  . ? 0.0667 0.0880 0.1805 -0.0262 0.0546  -0.0405 1018 CIT A O2  
682  C  C2  A CIT L  . ? 0.0393 0.0703 0.0659 -0.0065 0.0121  0.0092  1018 CIT A C2  
683  C  C2  B CIT L  . ? 0.1882 0.1919 0.2019 0.0024  -0.0289 -0.0204 1018 CIT A C2  
684  C  C3  A CIT L  . ? 0.0552 0.0883 0.0723 0.0130  0.0049  0.0072  1018 CIT A C3  
685  C  C3  B CIT L  . ? 0.1179 0.2144 0.1701 -0.0126 0.0010  -0.0012 1018 CIT A C3  
686  O  O7  A CIT L  . ? 0.0782 0.0671 0.0576 0.0147  0.0175  0.0120  1018 CIT A O7  
687  O  O7  B CIT L  . ? 0.3459 0.2998 0.1651 -0.1087 0.0046  -0.0090 1018 CIT A O7  
688  C  C4  A CIT L  . ? 0.0625 0.1009 0.0925 -0.0235 0.0007  -0.0118 1018 CIT A C4  
689  C  C4  B CIT L  . ? 0.0820 0.1656 0.1623 -0.0109 -0.0108 -0.0315 1018 CIT A C4  
690  C  C5  A CIT L  . ? 0.0591 0.2009 0.1274 -0.0006 0.0227  0.0194  1018 CIT A C5  
691  C  C5  B CIT L  . ? 0.0806 0.0888 0.1041 -0.0041 0.0218  0.0421  1018 CIT A C5  
692  O  O3  A CIT L  . ? 0.0828 0.2391 0.2051 0.0387  -0.0127 0.0170  1018 CIT A O3  
693  O  O3  B CIT L  . ? 0.0751 0.1734 0.0807 -0.0392 0.0219  0.0238  1018 CIT A O3  
694  O  O4  A CIT L  . ? 0.0993 0.2136 0.1604 -0.0547 -0.0042 -0.0330 1018 CIT A O4  
695  O  O4  B CIT L  . ? 0.1559 0.2507 0.0823 -0.0385 0.0531  -0.0173 1018 CIT A O4  
696  C  C6  A CIT L  . ? 0.0764 0.1025 0.0548 0.0080  -0.0013 -0.0072 1018 CIT A C6  
697  C  C6  B CIT L  . ? 0.1769 0.1757 0.1452 -0.0137 0.0143  0.0120  1018 CIT A C6  
698  O  O5  A CIT L  . ? 0.1049 0.0810 0.0940 0.0222  0.0158  0.0126  1018 CIT A O5  
699  O  O5  B CIT L  . ? 0.2090 0.1474 0.1839 -0.0980 -0.0420 -0.0003 1018 CIT A O5  
700  O  O6  A CIT L  . ? 0.0657 0.1086 0.0738 0.0186  0.0245  0.0151  1018 CIT A O6  
701  O  O6  B CIT L  . ? 0.3014 0.3475 0.1450 0.1172  0.0768  0.0976  1018 CIT A O6  
712  C  C1  . MPD M  . ? 0.1035 0.1035 0.1035 0.0000  0.0000  0.0000  1019 MPD A C1  
713  C  C2  . MPD M  . ? 0.0693 0.0693 0.0693 0.0000  0.0000  0.0000  1019 MPD A C2  
714  O  O2  . MPD M  . ? 0.0724 0.0724 0.0724 0.0000  0.0000  0.0000  1019 MPD A O2  
715  C  CM  . MPD M  . ? 0.0783 0.0783 0.0783 0.0000  0.0000  0.0000  1019 MPD A CM  
716  C  C3  . MPD M  . ? 0.1584 0.1584 0.1584 0.0000  0.0000  0.0000  1019 MPD A C3  
717  C  C2  . BGC N  . ? 0.0535 0.0535 0.0400 -0.0045 0.0127  0.0055  8    BGC B C2  
718  C  C3  . BGC N  . ? 0.0578 0.0699 0.0489 -0.0053 0.0221  0.0047  8    BGC B C3  
719  C  C4  . BGC N  . ? 0.0661 0.0802 0.0671 -0.0260 0.0099  0.0111  8    BGC B C4  
720  C  C5  . BGC N  . ? 0.0711 0.0683 0.0675 -0.0190 0.0017  0.0001  8    BGC B C5  
721  C  C6  . BGC N  . ? 0.0917 0.0758 0.0846 -0.0329 -0.0031 -0.0043 8    BGC B C6  
722  C  C1  . BGC N  . ? 0.0474 0.0491 0.0344 -0.0038 0.0084  0.0029  8    BGC B C1  
723  O  O2  . BGC N  . ? 0.0658 0.0582 0.0386 -0.0106 0.0192  0.0005  8    BGC B O2  
724  O  O3  . BGC N  . ? 0.0849 0.0984 0.0526 -0.0299 0.0264  0.0027  8    BGC B O3  
725  O  O4  . BGC N  . ? 0.0760 0.1202 0.1035 -0.0463 0.0146  0.0026  8    BGC B O4  
726  O  O5  . BGC N  . ? 0.0589 0.0539 0.0492 -0.0141 0.0058  -0.0028 8    BGC B O5  
727  O  O6  . BGC N  . ? 0.0907 0.0620 0.1109 -0.0246 0.0007  0.0017  8    BGC B O6  
739  C  C1  . DVC O  . ? 0.0520 0.0208 0.0374 -0.0011 -0.0014 0.0026  9    DVC B C1  
740  C  C2  . DVC O  . ? 0.0481 0.0303 0.0486 0.0032  -0.0010 -0.0022 9    DVC B C2  
741  C  C3  . DVC O  . ? 0.0588 0.0302 0.0493 0.0059  0.0132  -0.0015 9    DVC B C3  
742  N  N3  . DVC O  . ? 0.0546 0.0353 0.0739 0.0074  0.0195  0.0010  9    DVC B N3  
743  C  C4  . DVC O  . ? 0.0655 0.0324 0.0459 0.0039  0.0054  -0.0003 9    DVC B C4  
744  O  O4  . DVC O  . ? 0.0667 0.0284 0.0519 0.0035  0.0052  0.0009  9    DVC B O4  
745  C  C5  . DVC O  . ? 0.0680 0.0401 0.0496 0.0003  -0.0011 -0.0068 9    DVC B C5  
746  O  O5  . DVC O  . ? 0.0562 0.0296 0.0524 -0.0036 0.0053  -0.0037 9    DVC B O5  
747  C  C6  . DVC O  . ? 0.0614 0.0495 0.0839 0.0014  -0.0154 -0.0243 9    DVC B C6  
748  C  C3M . DVC O  . ? 0.0774 0.0421 0.0517 0.0090  0.0199  0.0052  9    DVC B C3M 
749  O  O41 . DVC O  . ? 0.0945 0.0377 0.0455 0.0075  0.0055  -0.0091 9    DVC B O41 
762  N  N   . DAL P  . ? 0.0893 0.0927 0.0376 0.0301  0.0048  0.0066  11   DAL B N   
763  C  CA  . DAL P  . ? 0.0694 0.0714 0.0359 0.0111  0.0115  0.0049  11   DAL B CA  
764  C  CB  . DAL P  . ? 0.1012 0.0619 0.0708 0.0029  0.0395  0.0059  11   DAL B CB  
765  C  C   . DAL P  . ? 0.0487 0.0611 0.0443 0.0068  0.0077  -0.0003 11   DAL B C   
766  O  O   . DAL P  . ? 0.0666 0.1116 0.0586 0.0235  0.0062  0.0095  11   DAL B O   
771  N  N   . DAL Q  . ? 0.0408 0.0568 0.0388 -0.0012 0.0100  -0.0055 12   DAL B N   
772  C  CA  . DAL Q  . ? 0.0398 0.0624 0.0418 -0.0112 0.0133  -0.0065 12   DAL B CA  
773  C  CB  . DAL Q  . ? 0.0670 0.0545 0.0503 -0.0059 0.0153  0.0034  12   DAL B CB  
774  C  C   . DAL Q  . ? 0.0392 0.0585 0.0439 -0.0039 0.0035  -0.0016 12   DAL B C   
775  O  O   . DAL Q  . ? 0.0395 0.0450 0.0568 -0.0030 0.0090  -0.0045 12   DAL B O   
776  O  OXT . DAL Q  . ? 0.0583 0.0738 0.0498 -0.0042 0.0150  -0.0143 12   DAL B OXT 
782  C  C1  . CIT R  . ? 0.0570 0.1135 0.2404 0.0029  -0.0330 0.0441  1015 CIT B C1  
783  O  O1  . CIT R  . ? 0.0570 0.1992 0.3404 0.0213  -0.0123 0.0874  1015 CIT B O1  
784  O  O2  . CIT R  . ? 0.1208 0.1903 0.3404 -0.0157 -0.1507 0.0047  1015 CIT B O2  
785  C  C2  . CIT R  . ? 0.0374 0.0713 0.1007 0.0141  0.0147  0.0084  1015 CIT B C2  
786  C  C3  . CIT R  . ? 0.0672 0.0564 0.0710 -0.0038 0.0139  -0.0130 1015 CIT B C3  
787  O  O7  . CIT R  . ? 0.1007 0.0616 0.0797 -0.0326 0.0050  0.0048  1015 CIT B O7  
788  C  C4  . CIT R  . ? 0.0412 0.0804 0.0922 -0.0091 0.0191  -0.0012 1015 CIT B C4  
789  C  C5  . CIT R  . ? 0.0729 0.0490 0.0898 -0.0145 0.0111  -0.0087 1015 CIT B C5  
790  O  O3  . CIT R  . ? 0.1572 0.1261 0.3808 -0.0884 0.1895  -0.1236 1015 CIT B O3  
791  O  O4  . CIT R  . ? 0.0095 0.0800 0.0277 -0.0020 0.0114  0.0123  1015 CIT B O4  
792  C  C6  . CIT R  . ? 0.0978 0.1031 0.0966 -0.0526 0.0405  -0.0271 1015 CIT B C6  
793  O  O5  . CIT R  . ? 0.2624 0.2491 0.0722 -0.1886 0.0428  -0.0497 1015 CIT B O5  
794  O  O6  . CIT R  . ? 0.0787 0.0802 0.1121 -0.0240 -0.0009 -0.0047 1015 CIT B O6  
800  C  C1  . MPD S  . ? 0.0740 0.0740 0.0740 0.0000  0.0000  0.0000  1016 MPD B C1  
801  C  C2  . MPD S  . ? 0.0424 0.0424 0.0424 0.0000  0.0000  0.0000  1016 MPD B C2  
802  O  O2  . MPD S  . ? 0.0467 0.0467 0.0467 0.0000  0.0000  0.0000  1016 MPD B O2  
803  C  CM  . MPD S  . ? 0.0401 0.0401 0.0401 0.0000  0.0000  0.0000  1016 MPD B CM  
804  C  C3  . MPD S  . ? 0.0968 0.0968 0.0968 0.0000  0.0000  0.0000  1016 MPD B C3  
805  C  C4  . MPD S  . ? 0.0944 0.0944 0.0944 0.0000  0.0000  0.0000  1016 MPD B C4  
806  O  O4  . MPD S  . ? 0.1458 0.1458 0.1458 0.0000  0.0000  0.0000  1016 MPD B O4  
807  C  C5  . MPD S  . ? 0.1646 0.1646 0.1646 0.0000  0.0000  0.0000  1016 MPD B C5  
808  C  C2  . BGC T  . ? 0.0594 0.0273 0.0334 -0.0016 0.0147  -0.0056 8    BGC C C2  
809  C  C3  . BGC T  . ? 0.0528 0.0367 0.0387 -0.0062 0.0093  -0.0055 8    BGC C C3  
810  C  C4  . BGC T  . ? 0.0567 0.0350 0.0439 -0.0070 0.0102  0.0007  8    BGC C C4  
811  C  C5  . BGC T  . ? 0.0608 0.0430 0.0405 -0.0140 0.0060  0.0063  8    BGC C C5  
812  C  C6  . BGC T  . ? 0.0747 0.0543 0.0403 -0.0138 0.0030  -0.0018 8    BGC C C6  
813  C  C1  . BGC T  . ? 0.0508 0.0308 0.0363 -0.0001 0.0092  -0.0001 8    BGC C C1  
814  O  O2  . BGC T  . ? 0.0694 0.0379 0.0364 -0.0090 0.0138  -0.0098 8    BGC C O2  
815  O  O3  . BGC T  . ? 0.0786 0.0460 0.0412 -0.0142 0.0220  -0.0032 8    BGC C O3  
816  O  O4  . BGC T  . ? 0.0632 0.0573 0.0566 -0.0163 0.0150  0.0024  8    BGC C O4  
817  O  O5  . BGC T  . ? 0.0605 0.0306 0.0338 -0.0051 0.0120  -0.0022 8    BGC C O5  
818  O  O6  . BGC T  . ? 0.1003 0.0365 0.0529 -0.0153 0.0204  -0.0086 8    BGC C O6  
830  C  C1  . DVC U  . ? 0.0529 0.0393 0.0333 -0.0033 0.0096  -0.0060 9    DVC C C1  
831  C  C2  . DVC U  . ? 0.0477 0.0407 0.0419 0.0033  0.0119  -0.0084 9    DVC C C2  
832  C  C3  . DVC U  . ? 0.0550 0.0415 0.0572 0.0075  0.0096  -0.0017 9    DVC C C3  
833  N  N3  . DVC U  . ? 0.0726 0.0505 0.0590 0.0161  0.0111  0.0019  9    DVC C N3  
834  C  C4  . DVC U  . ? 0.0594 0.0403 0.0603 -0.0034 0.0234  -0.0099 9    DVC C C4  
835  O  O4  . DVC U  . ? 0.0742 0.0496 0.0569 0.0063  0.0176  -0.0132 9    DVC C O4  
836  C  C5  . DVC U  . ? 0.0663 0.0395 0.0588 -0.0018 0.0112  -0.0210 9    DVC C C5  
837  O  O5  . DVC U  . ? 0.0561 0.0506 0.0405 -0.0017 0.0039  -0.0140 9    DVC C O5  
838  C  C6  . DVC U  . ? 0.0677 0.0766 0.0996 -0.0150 -0.0013 -0.0383 9    DVC C C6  
839  C  C3M . DVC U  . ? 0.0669 0.0483 0.0502 0.0013  0.0030  0.0041  9    DVC C C3M 
840  O  O41 . DVC U  . ? 0.0953 0.0402 0.0820 -0.0011 0.0286  0.0008  9    DVC C O41 
853  N  N   . DAL V  . ? 0.0731 0.0722 0.0843 -0.0274 0.0030  0.0232  11   DAL C N   
854  C  CA  . DAL V  . ? 0.0534 0.0454 0.0590 -0.0072 0.0110  0.0084  11   DAL C CA  
855  C  CB  . DAL V  . ? 0.0711 0.0590 0.0544 -0.0069 0.0056  0.0035  11   DAL C CB  
856  C  C   . DAL V  . ? 0.0392 0.0574 0.0681 -0.0048 0.0020  0.0064  11   DAL C C   
857  O  O   . DAL V  . ? 0.0516 0.0948 0.1310 0.0036  0.0194  0.0323  11   DAL C O   
862  N  N   . DAL W  . ? 0.0395 0.0453 0.0504 -0.0013 -0.0038 0.0036  12   DAL C N   
863  C  CA  . DAL W  . ? 0.0597 0.0491 0.0514 -0.0002 -0.0164 0.0093  12   DAL C CA  
864  C  CB  . DAL W  . ? 0.0963 0.0584 0.0515 -0.0022 -0.0027 0.0095  12   DAL C CB  
865  C  C   . DAL W  . ? 0.0452 0.0442 0.0526 -0.0047 -0.0004 0.0084  12   DAL C C   
866  O  O   . DAL W  . ? 0.0451 0.0525 0.0502 0.0044  -0.0076 -0.0015 12   DAL C O   
867  O  OXT . DAL W  . ? 0.0676 0.0482 0.0728 0.0092  -0.0146 0.0087  12   DAL C OXT 
873  C  C2  . BGC X  . ? 0.0568 0.0551 0.0357 -0.0041 -0.0035 0.0084  8    BGC D C2  
874  C  C3  . BGC X  . ? 0.0710 0.0715 0.0456 0.0029  -0.0120 0.0094  8    BGC D C3  
875  C  C4  . BGC X  . ? 0.0751 0.0826 0.0630 0.0197  -0.0007 0.0159  8    BGC D C4  
876  C  C5  . BGC X  . ? 0.0611 0.0787 0.0708 0.0154  -0.0024 0.0159  8    BGC D C5  
877  C  C6  . BGC X  . ? 0.0768 0.0764 0.0961 0.0221  0.0167  0.0110  8    BGC D C6  
878  C  C1  . BGC X  . ? 0.0493 0.0435 0.0403 -0.0022 0.0026  0.0009  8    BGC D C1  
879  O  O2  . BGC X  . ? 0.0740 0.0515 0.0299 0.0013  0.0024  0.0005  8    BGC D O2  
880  O  O3  . BGC X  . ? 0.0904 0.1035 0.0391 0.0229  -0.0040 0.0124  8    BGC D O3  
881  O  O4  . BGC X  . ? 0.0905 0.1529 0.0856 0.0558  -0.0198 0.0127  8    BGC D O4  
882  O  O5  . BGC X  . ? 0.0687 0.0507 0.0472 0.0093  0.0049  0.0032  8    BGC D O5  
883  O  O6  . BGC X  . ? 0.0814 0.0694 0.1104 0.0168  -0.0041 0.0109  8    BGC D O6  
895  C  C1  . DVC Y  . ? 0.0480 0.0220 0.0433 0.0011  0.0049  0.0026  9    DVC D C1  
896  C  C2  . DVC Y  . ? 0.0465 0.0306 0.0495 0.0005  0.0034  -0.0021 9    DVC D C2  
897  C  C3  . DVC Y  . ? 0.0554 0.0323 0.0461 -0.0019 0.0009  -0.0071 9    DVC D C3  
898  N  N3  . DVC Y  . ? 0.0637 0.0337 0.0613 -0.0022 -0.0081 -0.0088 9    DVC D N3  
899  C  C4  . DVC Y  . ? 0.0625 0.0287 0.0526 -0.0008 0.0120  -0.0029 9    DVC D C4  
900  O  O4  . DVC Y  . ? 0.0567 0.0314 0.0502 -0.0013 0.0072  0.0017  9    DVC D O4  
901  C  C5  . DVC Y  . ? 0.0549 0.0372 0.0649 0.0025  0.0052  -0.0065 9    DVC D C5  
902  O  O5  . DVC Y  . ? 0.0569 0.0290 0.0462 0.0042  0.0000  -0.0057 9    DVC D O5  
903  C  C6  . DVC Y  . ? 0.0575 0.0436 0.0951 0.0066  -0.0028 -0.0216 9    DVC D C6  
904  C  C3M . DVC Y  . ? 0.0807 0.0353 0.0464 -0.0070 -0.0002 -0.0022 9    DVC D C3M 
905  O  O41 . DVC Y  . ? 0.0874 0.0382 0.0516 -0.0054 0.0169  -0.0137 9    DVC D O41 
918  N  N   . DAL Z  . ? 0.0593 0.0779 0.0592 0.0060  0.0187  0.0090  11   DAL D N   
919  C  CA  . DAL Z  . ? 0.0499 0.0544 0.0421 -0.0077 0.0147  -0.0062 11   DAL D CA  
920  C  CB  . DAL Z  . ? 0.0641 0.0507 0.0509 0.0001  0.0056  0.0043  11   DAL D CB  
921  C  C   . DAL Z  . ? 0.0392 0.0563 0.0563 -0.0005 0.0018  -0.0025 11   DAL D C   
922  O  O   . DAL Z  . ? 0.0557 0.1022 0.0800 -0.0245 -0.0021 -0.0120 11   DAL D O   
927  N  N   . DAL AA . ? 0.0420 0.0428 0.0359 -0.0015 -0.0044 0.0010  12   DAL D N   
928  C  CA  . DAL AA . ? 0.0539 0.0555 0.0392 0.0101  -0.0101 -0.0081 12   DAL D CA  
929  C  CB  . DAL AA . ? 0.0980 0.0574 0.0384 0.0030  -0.0052 0.0050  12   DAL D CB  
930  C  C   . DAL AA . ? 0.0480 0.0543 0.0412 -0.0048 -0.0058 -0.0019 12   DAL D C   
931  O  O   . DAL AA . ? 0.0432 0.0477 0.0488 -0.0005 -0.0078 -0.0043 12   DAL D O   
932  O  OXT . DAL AA . ? 0.0771 0.0661 0.0537 0.0095  -0.0153 -0.0168 12   DAL D OXT 
938  O  O   . HOH BA . ? 0.2425 0.2414 0.2610 0.0110  -0.0560 -0.0189 2001 HOH A O   
939  O  O   . HOH BA . ? 0.4264 1.0282 0.7401 -0.2332 0.2932  0.1459  2002 HOH A O   
940  O  O   . HOH BA . ? 0.2313 0.3259 0.3977 -0.0188 -0.0627 -0.2042 2003 HOH A O   
941  O  O   . HOH BA . ? 0.8372 0.2968 0.5372 0.0161  -0.3226 -0.0946 2004 HOH A O   
942  O  O   . HOH BA . ? 0.3169 0.4143 0.2433 -0.0288 0.0265  -0.0909 2005 HOH A O   
943  O  O   . HOH BA . ? 0.1023 0.0747 0.0870 0.0051  0.0054  0.0221  2006 HOH A O   
944  O  O   . HOH BA . ? 0.1116 0.0746 0.1187 -0.0136 -0.0317 -0.0090 2007 HOH A O   
945  O  O   . HOH BA . ? 0.1131 0.0429 0.0581 -0.0127 -0.0114 0.0012  2008 HOH A O   
946  O  O   . HOH BA . ? 0.1930 0.6564 0.1768 -0.1085 0.0422  -0.1658 2009 HOH A O   
947  O  O   . HOH BA . ? 0.1897 0.0979 0.1292 -0.0050 0.0196  0.0048  2010 HOH A O   
948  O  O   . HOH BA . ? 0.2800 0.5507 0.3787 -0.2210 -0.1738 0.1973  2011 HOH A O   
949  O  O   . HOH BA . ? 0.0573 0.0556 0.0396 -0.0023 -0.0077 0.0043  2012 HOH A O   
950  O  O   . HOH BA . ? 0.1593 0.2501 0.2133 0.0041  -0.0538 -0.1297 2013 HOH A O   
951  O  O   . HOH BA . ? 0.1001 0.0761 0.0775 -0.0129 -0.0088 0.0167  2014 HOH A O   
952  O  O   . HOH BA . ? 0.1367 0.0987 0.1066 0.0121  -0.0006 -0.0007 2015 HOH A O   
953  O  O   . HOH BA . ? 0.4200 0.4939 0.4752 -0.0376 -0.2259 0.2772  2016 HOH A O   
954  O  O   . HOH BA . ? 0.1867 0.1121 0.2341 0.0045  0.0499  -0.0491 2017 HOH A O   
955  O  O   . HOH BA . ? 0.3289 0.2817 0.2496 -0.0246 -0.0545 -0.0388 2018 HOH A O   
956  O  O   . HOH BA . ? 0.1481 0.0867 0.2540 -0.0282 -0.0732 0.0502  2019 HOH A O   
957  O  O   . HOH BA . ? 0.0911 0.2474 0.1423 0.0337  -0.0288 -0.0926 2020 HOH A O   
958  O  O   . HOH BA . ? 0.3324 0.6090 0.4167 0.2313  0.0046  0.1706  2021 HOH A O   
959  O  O   . HOH BA . ? 0.0468 0.0512 0.0451 -0.0068 0.0070  0.0051  2022 HOH A O   
960  O  O   . HOH BA . ? 0.0421 0.0527 0.0487 -0.0025 0.0120  0.0047  2023 HOH A O   
961  O  O   . HOH BA . ? 0.0505 0.0671 0.0797 0.0019  0.0136  0.0182  2024 HOH A O   
962  O  O   . HOH BA . ? 0.1607 0.0912 0.0900 -0.0147 -0.0234 -0.0048 2025 HOH A O   
963  O  O   . HOH BA . ? 0.5231 0.1749 0.2044 0.1924  0.0655  0.0170  2026 HOH A O   
964  O  O   . HOH BA . ? 0.0706 0.0628 0.0919 -0.0050 0.0130  0.0171  2027 HOH A O   
965  O  O   . HOH BA . ? 0.2688 0.4459 0.7543 0.0337  -0.2017 0.0430  2028 HOH A O   
966  O  O   . HOH BA . ? 0.1596 0.2018 0.0958 0.0675  0.0210  0.0637  2029 HOH A O   
967  O  O   . HOH BA . ? 0.1314 0.0480 0.0423 -0.0144 0.0101  -0.0066 2030 HOH A O   
968  O  O   . HOH BA . ? 0.1798 0.1250 0.1229 -0.0648 0.0657  -0.0539 2031 HOH A O   
969  O  O   . HOH BA . ? 0.1045 0.0781 0.0688 -0.0089 0.0035  -0.0154 2032 HOH A O   
970  O  O   . HOH BA . ? 0.1767 0.1912 0.1459 -0.1023 -0.0215 0.0600  2033 HOH A O   
971  O  O   . HOH BA . ? 0.1249 0.2331 0.0836 -0.0817 0.0263  0.0114  2034 HOH A O   
972  O  O   . HOH BA . ? 0.1424 0.1971 0.1753 0.0737  0.0777  0.0551  2035 HOH A O   
973  O  O   . HOH BA . ? 0.1458 0.0968 0.1324 -0.0055 0.0067  0.0137  2036 HOH A O   
974  O  O   . HOH BA . ? 0.2021 0.2149 0.8596 0.0637  0.0788  -0.0368 2037 HOH A O   
975  O  O   . HOH BA . ? 0.2451 0.1871 0.3881 -0.0022 -0.1514 0.0934  2038 HOH A O   
976  O  O   . HOH BA . ? 0.2240 0.2566 0.2014 0.0189  0.0568  0.0434  2039 HOH A O   
977  O  O   . HOH BA . ? 0.7414 0.4716 0.4831 0.3293  -0.0445 -0.1028 2040 HOH A O   
978  O  O   . HOH BA . ? 0.3816 0.4768 0.2154 0.1861  -0.0104 0.0447  2041 HOH A O   
979  O  O   . HOH BA . ? 0.2790 0.5675 0.3798 -0.1127 0.0316  -0.2576 2042 HOH A O   
980  O  O   . HOH BA . ? 0.1945 0.5827 0.2334 0.0584  0.0440  -0.0471 2043 HOH A O   
981  O  O   . HOH BA . ? 0.1932 0.2440 0.2851 0.0720  0.0311  0.0261  2044 HOH A O   
982  O  O   . HOH BA . ? 0.2327 0.1869 0.1224 -0.1085 0.0850  -0.0494 2045 HOH A O   
983  O  O   . HOH BA . ? 0.2510 0.2756 0.6828 0.0342  0.0664  0.0056  2046 HOH A O   
984  O  O   . HOH BA . ? 0.1304 0.1169 0.1057 0.0105  0.0143  0.0008  2047 HOH A O   
985  O  O   . HOH BA . ? 0.2791 0.2631 0.3484 -0.1178 -0.0716 0.1103  2048 HOH A O   
986  O  O   . HOH CA . ? 0.2558 0.2585 0.4743 -0.0214 -0.1079 0.0915  2001 HOH B O   
987  O  O   . HOH CA . ? 0.2254 0.3092 0.7709 0.1459  -0.0790 -0.2081 2002 HOH B O   
988  O  O   . HOH CA . ? 0.1331 0.1470 0.2975 0.0536  -0.0132 -0.0100 2003 HOH B O   
989  O  O   . HOH CA . ? 0.1457 0.1597 0.1671 -0.0503 -0.0544 0.0209  2004 HOH B O   
990  O  O   . HOH CA . ? 0.1002 0.0812 0.0869 0.0136  0.0173  -0.0043 2005 HOH B O   
991  O  O   . HOH CA . ? 0.2264 0.4019 0.2704 0.0273  0.0038  -0.0833 2006 HOH B O   
992  O  O   . HOH CA . ? 0.0805 0.1132 0.1143 0.0024  -0.0192 0.0264  2007 HOH B O   
993  O  O   . HOH CA . ? 0.2423 0.1006 0.5395 0.0181  0.1954  -0.0690 2008 HOH B O   
994  O  O   . HOH CA . ? 0.0590 0.0563 0.0427 0.0063  -0.0017 0.0131  2009 HOH B O   
995  O  O   . HOH CA . ? 0.1332 0.0903 0.0897 0.0196  0.0059  0.0327  2010 HOH B O   
996  O  O   . HOH CA . ? 0.1813 0.0754 0.1704 0.0242  0.0490  -0.0006 2011 HOH B O   
997  O  O   . HOH CA . ? 0.1854 0.0885 0.3208 0.0389  0.1092  0.0223  2012 HOH B O   
998  O  O   . HOH CA . ? 0.1663 0.2438 0.1318 0.0226  -0.0359 0.0264  2013 HOH B O   
999  O  O   . HOH CA . ? 0.1149 0.1143 0.0758 0.0164  0.0067  0.0227  2014 HOH B O   
1000 O  O   . HOH CA . ? 0.2797 0.1518 0.2642 0.0755  -0.1082 -0.1089 2015 HOH B O   
1001 O  O   . HOH CA . ? 0.3105 0.5856 0.5529 -0.2625 0.1569  0.0099  2016 HOH B O   
1002 O  O   . HOH CA . ? 0.2759 0.6817 0.1761 -0.2321 -0.0040 -0.0589 2017 HOH B O   
1003 O  O   . HOH CA . ? 0.0562 0.0663 0.0657 -0.0159 0.0119  0.0007  2018 HOH B O   
1004 O  O   . HOH CA . ? 0.2146 0.0838 0.2182 0.0122  0.1297  0.0239  2019 HOH B O   
1005 O  O   . HOH CA . ? 0.3396 0.1518 0.1274 -0.0853 -0.0036 -0.0533 2020 HOH B O   
1006 O  O   . HOH CA . ? 0.1832 0.0819 0.0746 0.0627  -0.0108 -0.0092 2021 HOH B O   
1007 O  O   . HOH CA . ? 0.0826 0.1204 0.0859 -0.0233 0.0089  0.0145  2022 HOH B O   
1008 O  O   . HOH CA . ? 0.0521 0.0871 0.1113 0.0047  -0.0243 -0.0181 2023 HOH B O   
1009 O  O   . HOH CA . ? 0.2033 0.4486 0.5766 -0.0073 0.1292  -0.1663 2024 HOH B O   
1010 O  O   . HOH CA . ? 0.2965 0.7908 0.3240 -0.2328 0.0062  0.2978  2025 HOH B O   
1011 O  O   . HOH CA . ? 0.2358 0.1785 0.4093 -0.0172 0.0488  -0.0976 2026 HOH B O   
1012 O  O   . HOH CA . ? 0.1484 0.1089 0.2437 -0.0501 -0.0642 0.0465  2027 HOH B O   
1013 O  O   . HOH CA . ? 0.1611 0.1594 0.4453 0.0294  0.1396  0.0965  2028 HOH B O   
1014 O  O   . HOH CA . ? 0.0946 0.0678 0.0846 -0.0081 0.0097  0.0075  2029 HOH B O   
1015 O  O   . HOH CA . ? 0.1704 0.0784 0.2376 -0.0303 0.0942  -0.0411 2030 HOH B O   
1016 O  O   . HOH CA . ? 0.1935 0.1359 0.1838 0.0137  0.0222  -0.0163 2031 HOH B O   
1017 O  O   . HOH CA . ? 0.0868 0.1360 0.0787 -0.0152 0.0191  0.0197  2032 HOH B O   
1018 O  O   . HOH CA . ? 0.3163 0.2767 0.1862 -0.1359 0.0374  -0.0488 2033 HOH B O   
1019 O  O   . HOH CA . ? 0.4288 0.4061 0.4439 -0.0915 -0.0802 -0.1580 2034 HOH B O   
1020 O  O   . HOH DA . ? 0.1325 0.2180 0.5809 0.0331  0.0293  -0.0237 2001 HOH C O   
1021 O  O   . HOH DA . ? 0.5861 0.2793 0.4547 0.1501  -0.1590 0.0008  2002 HOH C O   
1022 O  O   . HOH DA . ? 0.1375 0.0910 0.1903 -0.0149 -0.0075 0.0334  2003 HOH C O   
1023 O  O   . HOH DA . ? 0.0805 0.0773 0.1129 0.0190  -0.0015 0.0004  2004 HOH C O   
1024 O  O   . HOH DA . ? 0.1025 0.0428 0.0768 0.0071  0.0311  0.0004  2005 HOH C O   
1025 O  O   . HOH DA . ? 0.1493 0.2525 0.1396 0.1002  -0.0760 -0.1161 2006 HOH C O   
1026 O  O   . HOH DA . ? 0.2589 0.5190 0.3211 0.0255  -0.0050 0.1371  2007 HOH C O   
1027 O  O   . HOH DA . ? 0.3707 0.2689 0.4336 0.0369  0.0840  -0.0963 2008 HOH C O   
1028 O  O   . HOH DA . ? 0.1362 0.2958 0.2777 0.0692  0.0242  -0.1428 2009 HOH C O   
1029 O  O   . HOH DA . ? 0.0812 0.2715 0.1815 0.0196  0.0068  -0.1091 2010 HOH C O   
1030 O  O   . HOH DA . ? 0.1432 0.2764 0.1998 -0.0298 0.0597  -0.0225 2011 HOH C O   
1031 O  O   . HOH DA . ? 0.0733 0.0643 0.0626 -0.0121 -0.0125 0.0170  2012 HOH C O   
1032 O  O   . HOH DA . ? 0.1544 0.1558 0.0847 0.0688  -0.0073 -0.0113 2013 HOH C O   
1033 O  O   . HOH DA . ? 0.1468 0.1095 0.1347 0.0101  0.0516  0.0098  2014 HOH C O   
1034 O  O   . HOH DA . ? 0.4001 0.1955 0.3022 -0.1366 0.0215  -0.1125 2015 HOH C O   
1035 O  O   . HOH DA . ? 0.2163 0.2757 0.4303 -0.0397 -0.0231 -0.2152 2016 HOH C O   
1036 O  O   . HOH DA . ? 0.2775 0.1922 0.4017 0.0066  -0.1290 -0.0444 2017 HOH C O   
1037 O  O   . HOH DA . ? 0.1999 0.1815 0.0920 -0.0867 0.0052  0.0115  2018 HOH C O   
1038 O  O   . HOH DA . ? 0.1114 0.0441 0.0467 0.0133  0.0331  -0.0044 2019 HOH C O   
1039 O  O   . HOH DA . ? 0.2225 0.1314 0.0853 0.0759  -0.0252 -0.0275 2020 HOH C O   
1040 O  O   . HOH DA . ? 0.1015 0.1242 0.1177 0.0025  -0.0443 0.0193  2021 HOH C O   
1041 O  O   . HOH DA . ? 0.2285 0.1841 0.1838 0.0646  -0.0832 0.0159  2022 HOH C O   
1042 O  O   . HOH EA . ? 0.1985 0.2493 0.4221 -0.0265 -0.1153 -0.1434 2001 HOH D O   
1043 O  O   . HOH EA . ? 0.4766 0.3355 0.1965 -0.0714 -0.1766 0.0100  2002 HOH D O   
1044 O  O   . HOH EA . ? 0.0874 0.1190 0.1224 -0.0213 0.0007  0.0243  2003 HOH D O   
1045 O  O   . HOH EA . ? 0.4629 0.1184 0.2284 -0.0213 -0.1428 -0.0636 2004 HOH D O   
1046 O  O   . HOH EA . ? 0.5510 0.0949 0.1476 -0.1037 -0.0054 -0.0207 2005 HOH D O   
1047 O  O   . HOH EA . ? 0.1212 0.1243 0.2680 0.0615  -0.0497 -0.0208 2006 HOH D O   
1048 O  O   . HOH EA . ? 0.1359 0.3894 0.2715 0.0202  0.0023  -0.0964 2007 HOH D O   
1049 O  O   . HOH EA . ? 0.0664 0.0687 0.0539 0.0105  -0.0006 0.0048  2008 HOH D O   
1050 O  O   . HOH EA . ? 0.1506 0.0641 0.1083 -0.0049 -0.0440 0.0045  2009 HOH D O   
1051 O  O   . HOH EA . ? 0.1295 0.0741 0.1107 -0.0360 0.0541  -0.0226 2010 HOH D O   
1052 O  O   . HOH EA . ? 0.2468 0.1805 0.2582 0.0764  0.1001  -0.0726 2011 HOH D O   
1053 O  O   . HOH EA . ? 0.2953 0.4265 0.5248 0.1644  -0.2105 -0.1811 2012 HOH D O   
1054 O  O   . HOH EA . ? 0.2931 0.1774 0.8475 0.0241  0.2474  -0.1755 2013 HOH D O   
1055 O  O   . HOH EA . ? 0.4229 0.5261 0.4837 0.2410  -0.1244 0.1669  2014 HOH D O   
1056 O  O   . HOH EA . ? 0.5249 0.4303 0.6709 -0.0577 -0.3234 0.3403  2015 HOH D O   
1057 O  O   . HOH EA . ? 0.1075 0.1505 0.1051 0.0328  0.0065  0.0077  2016 HOH D O   
1058 O  O   . HOH EA . ? 0.1429 0.1847 0.2581 0.0312  -0.0125 0.0279  2017 HOH D O   
1059 O  O   . HOH EA . ? 0.2710 0.1343 0.2774 -0.0401 -0.1586 0.0442  2018 HOH D O   
1060 O  O   . HOH EA . ? 0.2285 0.2354 0.1012 0.0229  -0.0637 -0.0634 2019 HOH D O   
1061 O  O   . HOH EA . ? 0.3255 0.1276 0.1877 0.0332  -0.0572 -0.0346 2020 HOH D O   
1062 O  O   . HOH EA . ? 0.1262 0.1680 0.0995 0.0083  -0.0344 0.0355  2021 HOH D O   
# 
_database_PDB_caveat.id     1 
_database_PDB_caveat.text   'MPD B 1016 HAS WRONG CHIRALITY AT ATOM C4' 
# 
loop_
_pdbx_poly_seq_scheme.asym_id 
_pdbx_poly_seq_scheme.entity_id 
_pdbx_poly_seq_scheme.seq_id 
_pdbx_poly_seq_scheme.mon_id 
_pdbx_poly_seq_scheme.ndb_seq_num 
_pdbx_poly_seq_scheme.pdb_seq_num 
_pdbx_poly_seq_scheme.auth_seq_num 
_pdbx_poly_seq_scheme.pdb_mon_id 
_pdbx_poly_seq_scheme.auth_mon_id 
_pdbx_poly_seq_scheme.pdb_strand_id 
_pdbx_poly_seq_scheme.pdb_ins_code 
_pdbx_poly_seq_scheme.hetero 
A 1 1 MLU 1 1 1 MLU MLU A . n 
A 1 2 OMZ 2 2 2 OMZ OMZ A . n 
A 1 3 ASN 3 3 3 ASN ASN A . n 
A 1 4 GHP 4 4 4 GHP GHP A . n 
A 1 5 GHP 5 5 5 GHP GHP A . n 
A 1 6 OMY 6 6 6 OMY OMY A . n 
A 1 7 3FG 7 7 7 3FG 3FG A . n 
B 1 1 MLU 1 1 1 MLU MLU B . n 
B 1 2 OMZ 2 2 2 OMZ OMZ B . n 
B 1 3 ASN 3 3 3 ASN ASN B . n 
B 1 4 GHP 4 4 4 GHP GHP B . n 
B 1 5 GHP 5 5 5 GHP GHP B . n 
B 1 6 OMY 6 6 6 OMY OMY B . n 
B 1 7 3FG 7 7 7 3FG 3FG B . n 
C 1 1 MLU 1 1 1 MLU MLU C . n 
C 1 2 OMZ 2 2 2 OMZ OMZ C . n 
C 1 3 ASN 3 3 3 ASN ASN C . n 
C 1 4 GHP 4 4 4 GHP GHP C . n 
C 1 5 GHP 5 5 5 GHP GHP C . n 
C 1 6 OMY 6 6 6 OMY OMY C . n 
C 1 7 3FG 7 7 7 3FG 3FG C . n 
D 1 1 MLU 1 1 1 MLU MLU D . n 
D 1 2 OMZ 2 2 2 OMZ OMZ D . n 
D 1 3 ASN 3 3 3 ASN ASN D . n 
D 1 4 GHP 4 4 4 GHP GHP D . n 
D 1 5 GHP 5 5 5 GHP GHP D . n 
D 1 6 OMY 6 6 6 OMY OMY D . n 
D 1 7 3FG 7 7 7 3FG 3FG D . n 
# 
loop_
_pdbx_nonpoly_scheme.asym_id 
_pdbx_nonpoly_scheme.entity_id 
_pdbx_nonpoly_scheme.mon_id 
_pdbx_nonpoly_scheme.ndb_seq_num 
_pdbx_nonpoly_scheme.pdb_seq_num 
_pdbx_nonpoly_scheme.auth_seq_num 
_pdbx_nonpoly_scheme.pdb_mon_id 
_pdbx_nonpoly_scheme.auth_mon_id 
_pdbx_nonpoly_scheme.pdb_strand_id 
_pdbx_nonpoly_scheme.pdb_ins_code 
E  2 BGC 1  8    8    BGC BGC A . 
F  3 DVC 1  9    9    DVC DVC A . 
G  4 DAL 1  11   11   DAL DAL A . 
H  4 DAL 1  12   12   DAL DAL A . 
I  5 CIT 1  1015 1015 CIT CIT A . 
J  5 CIT 1  1016 1016 CIT CIT A . 
K  5 CIT 1  1017 1017 CIT CIT A . 
L  5 CIT 1  1018 1018 CIT CIT A . 
M  6 MPD 1  1019 1019 MPD MPD A . 
N  2 BGC 1  8    8    BGC BGC B . 
O  3 DVC 1  9    9    DVC DVC B . 
P  4 DAL 1  11   11   DAL DAL B . 
Q  4 DAL 1  12   12   DAL DAL B . 
R  5 CIT 1  1015 1015 CIT CIT B . 
S  6 MPD 1  1016 1016 MPD MPD B . 
T  2 BGC 1  8    8    BGC BGC C . 
U  3 DVC 1  9    9    DVC DVC C . 
V  4 DAL 1  11   11   DAL DAL C . 
W  4 DAL 1  12   12   DAL DAL C . 
X  2 BGC 1  8    8    BGC BGC D . 
Y  3 DVC 1  9    9    DVC DVC D . 
Z  4 DAL 1  11   11   DAL DAL D . 
AA 4 DAL 1  12   12   DAL DAL D . 
BA 7 HOH 1  2001 2001 HOH HOH A . 
BA 7 HOH 2  2002 2002 HOH HOH A . 
BA 7 HOH 3  2003 2003 HOH HOH A . 
BA 7 HOH 4  2004 2004 HOH HOH A . 
BA 7 HOH 5  2005 2005 HOH HOH A . 
BA 7 HOH 6  2006 2006 HOH HOH A . 
BA 7 HOH 7  2007 2007 HOH HOH A . 
BA 7 HOH 8  2008 2008 HOH HOH A . 
BA 7 HOH 9  2009 2009 HOH HOH A . 
BA 7 HOH 10 2010 2010 HOH HOH A . 
BA 7 HOH 11 2011 2011 HOH HOH A . 
BA 7 HOH 12 2012 2012 HOH HOH A . 
BA 7 HOH 13 2013 2013 HOH HOH A . 
BA 7 HOH 14 2014 2014 HOH HOH A . 
BA 7 HOH 15 2015 2015 HOH HOH A . 
BA 7 HOH 16 2016 2016 HOH HOH A . 
BA 7 HOH 17 2017 2017 HOH HOH A . 
BA 7 HOH 18 2018 2018 HOH HOH A . 
BA 7 HOH 19 2019 2019 HOH HOH A . 
BA 7 HOH 20 2020 2020 HOH HOH A . 
BA 7 HOH 21 2021 2021 HOH HOH A . 
BA 7 HOH 22 2022 2022 HOH HOH A . 
BA 7 HOH 23 2023 2023 HOH HOH A . 
BA 7 HOH 24 2024 2024 HOH HOH A . 
BA 7 HOH 25 2025 2025 HOH HOH A . 
BA 7 HOH 26 2026 2026 HOH HOH A . 
BA 7 HOH 27 2027 2027 HOH HOH A . 
BA 7 HOH 28 2028 2028 HOH HOH A . 
BA 7 HOH 29 2029 2029 HOH HOH A . 
BA 7 HOH 30 2030 2030 HOH HOH A . 
BA 7 HOH 31 2031 2031 HOH HOH A . 
BA 7 HOH 32 2032 2032 HOH HOH A . 
BA 7 HOH 33 2033 2033 HOH HOH A . 
BA 7 HOH 34 2034 2034 HOH HOH A . 
BA 7 HOH 35 2035 2035 HOH HOH A . 
BA 7 HOH 36 2036 2036 HOH HOH A . 
BA 7 HOH 37 2037 2037 HOH HOH A . 
BA 7 HOH 38 2038 2038 HOH HOH A . 
BA 7 HOH 39 2039 2039 HOH HOH A . 
BA 7 HOH 40 2040 2040 HOH HOH A . 
BA 7 HOH 41 2041 2041 HOH HOH A . 
BA 7 HOH 42 2042 2042 HOH HOH A . 
BA 7 HOH 43 2043 2043 HOH HOH A . 
BA 7 HOH 44 2044 2044 HOH HOH A . 
BA 7 HOH 45 2045 2045 HOH HOH A . 
BA 7 HOH 46 2046 2046 HOH HOH A . 
BA 7 HOH 47 2047 2047 HOH HOH A . 
BA 7 HOH 48 2048 2048 HOH HOH A . 
CA 7 HOH 1  2001 2001 HOH HOH B . 
CA 7 HOH 2  2002 2002 HOH HOH B . 
CA 7 HOH 3  2003 2003 HOH HOH B . 
CA 7 HOH 4  2004 2004 HOH HOH B . 
CA 7 HOH 5  2005 2005 HOH HOH B . 
CA 7 HOH 6  2006 2006 HOH HOH B . 
CA 7 HOH 7  2007 2007 HOH HOH B . 
CA 7 HOH 8  2008 2008 HOH HOH B . 
CA 7 HOH 9  2009 2009 HOH HOH B . 
CA 7 HOH 10 2010 2010 HOH HOH B . 
CA 7 HOH 11 2011 2011 HOH HOH B . 
CA 7 HOH 12 2012 2012 HOH HOH B . 
CA 7 HOH 13 2013 2013 HOH HOH B . 
CA 7 HOH 14 2014 2014 HOH HOH B . 
CA 7 HOH 15 2015 2015 HOH HOH B . 
CA 7 HOH 16 2016 2016 HOH HOH B . 
CA 7 HOH 17 2017 2017 HOH HOH B . 
CA 7 HOH 18 2018 2018 HOH HOH B . 
CA 7 HOH 19 2019 2019 HOH HOH B . 
CA 7 HOH 20 2020 2020 HOH HOH B . 
CA 7 HOH 21 2021 2021 HOH HOH B . 
CA 7 HOH 22 2022 2022 HOH HOH B . 
CA 7 HOH 23 2023 2023 HOH HOH B . 
CA 7 HOH 24 2024 2024 HOH HOH B . 
CA 7 HOH 25 2025 2025 HOH HOH B . 
CA 7 HOH 26 2026 2026 HOH HOH B . 
CA 7 HOH 27 2027 2027 HOH HOH B . 
CA 7 HOH 28 2028 2028 HOH HOH B . 
CA 7 HOH 29 2029 2029 HOH HOH B . 
CA 7 HOH 30 2030 2030 HOH HOH B . 
CA 7 HOH 31 2031 2031 HOH HOH B . 
CA 7 HOH 32 2032 2032 HOH HOH B . 
CA 7 HOH 33 2033 2033 HOH HOH B . 
CA 7 HOH 34 2034 2034 HOH HOH B . 
DA 7 HOH 1  2001 2001 HOH HOH C . 
DA 7 HOH 2  2002 2002 HOH HOH C . 
DA 7 HOH 3  2003 2003 HOH HOH C . 
DA 7 HOH 4  2004 2004 HOH HOH C . 
DA 7 HOH 5  2005 2005 HOH HOH C . 
DA 7 HOH 6  2006 2006 HOH HOH C . 
DA 7 HOH 7  2007 2007 HOH HOH C . 
DA 7 HOH 8  2008 2008 HOH HOH C . 
DA 7 HOH 9  2009 2009 HOH HOH C . 
DA 7 HOH 10 2010 2010 HOH HOH C . 
DA 7 HOH 11 2011 2011 HOH HOH C . 
DA 7 HOH 12 2012 2012 HOH HOH C . 
DA 7 HOH 13 2013 2013 HOH HOH C . 
DA 7 HOH 14 2014 2014 HOH HOH C . 
DA 7 HOH 15 2015 2015 HOH HOH C . 
DA 7 HOH 16 2016 2016 HOH HOH C . 
DA 7 HOH 17 2017 2017 HOH HOH C . 
DA 7 HOH 18 2018 2018 HOH HOH C . 
DA 7 HOH 19 2019 2019 HOH HOH C . 
DA 7 HOH 20 2020 2020 HOH HOH C . 
DA 7 HOH 21 2021 2021 HOH HOH C . 
DA 7 HOH 22 2022 2022 HOH HOH C . 
EA 7 HOH 1  2001 2001 HOH HOH D . 
EA 7 HOH 2  2002 2002 HOH HOH D . 
EA 7 HOH 3  2003 2003 HOH HOH D . 
EA 7 HOH 4  2004 2004 HOH HOH D . 
EA 7 HOH 5  2005 2005 HOH HOH D . 
EA 7 HOH 6  2006 2006 HOH HOH D . 
EA 7 HOH 7  2007 2007 HOH HOH D . 
EA 7 HOH 8  2008 2008 HOH HOH D . 
EA 7 HOH 9  2009 2009 HOH HOH D . 
EA 7 HOH 10 2010 2010 HOH HOH D . 
EA 7 HOH 11 2011 2011 HOH HOH D . 
EA 7 HOH 12 2012 2012 HOH HOH D . 
EA 7 HOH 13 2013 2013 HOH HOH D . 
EA 7 HOH 14 2014 2014 HOH HOH D . 
EA 7 HOH 15 2015 2015 HOH HOH D . 
EA 7 HOH 16 2016 2016 HOH HOH D . 
EA 7 HOH 17 2017 2017 HOH HOH D . 
EA 7 HOH 18 2018 2018 HOH HOH D . 
EA 7 HOH 19 2019 2019 HOH HOH D . 
EA 7 HOH 20 2020 2020 HOH HOH D . 
EA 7 HOH 21 2021 2021 HOH HOH D . 
# 
_pdbx_molecule_features.prd_id    PRD_000484 
_pdbx_molecule_features.name      Balhimycin 
_pdbx_molecule_features.type      Glycopeptide 
_pdbx_molecule_features.class     'Antibiotic, Antimicrobial' 
_pdbx_molecule_features.details   
;BALHIMYCIN IS A TRICYCLIC HEPTAPEPTIDE
 GLYCOSYLATED BY D-GLUCOSE (RESIDUE 8) ON     
 RESIDUE 4 AND BY 4-OXO-VANCOSAMINE
 (RESIDUE 9) ON RESIDUE 6.
;
# 
loop_
_pdbx_molecule.instance_id 
_pdbx_molecule.prd_id 
_pdbx_molecule.asym_id 
1 PRD_000484 A 
1 PRD_000484 E 
1 PRD_000484 F 
2 PRD_000484 B 
2 PRD_000484 N 
2 PRD_000484 O 
3 PRD_000484 C 
3 PRD_000484 T 
3 PRD_000484 U 
4 PRD_000484 D 
4 PRD_000484 X 
4 PRD_000484 Y 
# 
loop_
_pdbx_struct_mod_residue.id 
_pdbx_struct_mod_residue.label_asym_id 
_pdbx_struct_mod_residue.label_comp_id 
_pdbx_struct_mod_residue.label_seq_id 
_pdbx_struct_mod_residue.auth_asym_id 
_pdbx_struct_mod_residue.auth_comp_id 
_pdbx_struct_mod_residue.auth_seq_id 
_pdbx_struct_mod_residue.PDB_ins_code 
_pdbx_struct_mod_residue.parent_comp_id 
_pdbx_struct_mod_residue.details 
1 A OMY 6 A OMY 6 ? TYR ? 
2 B OMY 6 B OMY 6 ? TYR ? 
3 C OMY 6 C OMY 6 ? TYR ? 
4 D OMY 6 D OMY 6 ? TYR ? 
# 
loop_
_pdbx_struct_assembly.id 
_pdbx_struct_assembly.details 
_pdbx_struct_assembly.method_details 
_pdbx_struct_assembly.oligomeric_details 
_pdbx_struct_assembly.oligomeric_count 
1 software_defined_assembly PISA dimeric 2 
2 software_defined_assembly PISA dimeric 2 
# 
loop_
_pdbx_struct_assembly_gen.assembly_id 
_pdbx_struct_assembly_gen.oper_expression 
_pdbx_struct_assembly_gen.asym_id_list 
1 1 A,D,E,F,G,H,I,J,K,L,M,X,Y,Z,AA,BA,EA 
2 1 B,C,N,O,P,Q,R,S,T,U,V,W,CA,DA        
# 
loop_
_pdbx_struct_assembly_prop.biol_id 
_pdbx_struct_assembly_prop.type 
_pdbx_struct_assembly_prop.value 
_pdbx_struct_assembly_prop.details 
1 'ABSA (A^2)' 1840  ? 
1 MORE         -10.4 ? 
1 'SSA (A^2)'  2470  ? 
2 'ABSA (A^2)' 1700  ? 
2 MORE         -10.6 ? 
2 'SSA (A^2)'  2350  ? 
# 
_pdbx_struct_oper_list.id                   1 
_pdbx_struct_oper_list.type                 'identity operation' 
_pdbx_struct_oper_list.name                 1_555 
_pdbx_struct_oper_list.symmetry_operation   x,y,z 
_pdbx_struct_oper_list.matrix[1][1]         1.0000000000 
_pdbx_struct_oper_list.matrix[1][2]         0.0000000000 
_pdbx_struct_oper_list.matrix[1][3]         0.0000000000 
_pdbx_struct_oper_list.vector[1]            0.0000000000 
_pdbx_struct_oper_list.matrix[2][1]         0.0000000000 
_pdbx_struct_oper_list.matrix[2][2]         1.0000000000 
_pdbx_struct_oper_list.matrix[2][3]         0.0000000000 
_pdbx_struct_oper_list.vector[2]            0.0000000000 
_pdbx_struct_oper_list.matrix[3][1]         0.0000000000 
_pdbx_struct_oper_list.matrix[3][2]         0.0000000000 
_pdbx_struct_oper_list.matrix[3][3]         1.0000000000 
_pdbx_struct_oper_list.vector[3]            0.0000000000 
# 
loop_
_pdbx_audit_revision_history.ordinal 
_pdbx_audit_revision_history.data_content_type 
_pdbx_audit_revision_history.major_revision 
_pdbx_audit_revision_history.minor_revision 
_pdbx_audit_revision_history.revision_date 
1  'Structure model' 1 0 2003-09-05 
2  'Structure model' 1 1 2011-07-13 
3  'Structure model' 1 2 2012-07-25 
4  'Structure model' 1 3 2012-12-12 
5  'Structure model' 1 4 2013-02-06 
6  'Structure model' 1 5 2013-03-06 
7  'Structure model' 2 0 2019-04-24 
8  'Structure model' 2 1 2019-07-10 
9  'Structure model' 2 2 2019-07-24 
10 'Structure model' 3 0 2020-07-29 
11 'Structure model' 4 0 2023-11-15 
# 
loop_
_pdbx_audit_revision_details.ordinal 
_pdbx_audit_revision_details.revision_ordinal 
_pdbx_audit_revision_details.data_content_type 
_pdbx_audit_revision_details.provider 
_pdbx_audit_revision_details.type 
_pdbx_audit_revision_details.description 
_pdbx_audit_revision_details.details 
1 1  'Structure model' repository 'Initial release' ?                          ? 
2 10 'Structure model' repository Remediation       'Carbohydrate remediation' ? 
# 
loop_
_pdbx_audit_revision_group.ordinal 
_pdbx_audit_revision_group.revision_ordinal 
_pdbx_audit_revision_group.data_content_type 
_pdbx_audit_revision_group.group 
1  2  'Structure model' 'Atomic model'              
2  2  'Structure model' 'Database references'       
3  2  'Structure model' 'Derived calculations'      
4  2  'Structure model' 'Structure summary'         
5  2  'Structure model' 'Version format compliance' 
6  3  'Structure model' 'Atomic model'              
7  3  'Structure model' 'Derived calculations'      
8  3  'Structure model' 'Non-polymer description'   
9  3  'Structure model' Other                       
10 4  'Structure model' Other                       
11 5  'Structure model' 'Atomic model'              
12 6  'Structure model' Other                       
13 7  'Structure model' 'Data collection'           
14 7  'Structure model' 'Derived calculations'      
15 7  'Structure model' Other                       
16 7  'Structure model' 'Polymer sequence'          
17 8  'Structure model' 'Data collection'           
18 9  'Structure model' 'Data collection'           
19 10 'Structure model' Advisory                    
20 10 'Structure model' 'Atomic model'              
21 10 'Structure model' 'Data collection'           
22 10 'Structure model' 'Derived calculations'      
23 10 'Structure model' Other                       
24 10 'Structure model' 'Structure summary'         
25 11 'Structure model' 'Atomic model'              
26 11 'Structure model' 'Data collection'           
27 11 'Structure model' 'Database references'       
28 11 'Structure model' 'Derived calculations'      
29 11 'Structure model' 'Structure summary'         
# 
loop_
_pdbx_audit_revision_category.ordinal 
_pdbx_audit_revision_category.revision_ordinal 
_pdbx_audit_revision_category.data_content_type 
_pdbx_audit_revision_category.category 
1  7  'Structure model' diffrn_source               
2  7  'Structure model' entity_poly                 
3  7  'Structure model' pdbx_database_proc          
4  7  'Structure model' pdbx_database_status        
5  7  'Structure model' pdbx_seq_map_depositor_info 
6  7  'Structure model' struct_conn                 
7  8  'Structure model' diffrn_source               
8  9  'Structure model' diffrn_source               
9  10 'Structure model' atom_site                   
10 10 'Structure model' chem_comp                   
11 10 'Structure model' database_PDB_caveat         
12 10 'Structure model' entity                      
13 10 'Structure model' pdbx_chem_comp_identifier   
14 10 'Structure model' pdbx_database_status        
15 10 'Structure model' pdbx_entity_nonpoly         
16 10 'Structure model' struct_conn                 
17 10 'Structure model' struct_site                 
18 10 'Structure model' struct_site_gen             
19 11 'Structure model' atom_site                   
20 11 'Structure model' chem_comp                   
21 11 'Structure model' chem_comp_atom              
22 11 'Structure model' chem_comp_bond              
23 11 'Structure model' database_2                  
24 11 'Structure model' struct_conn                 
# 
loop_
_pdbx_audit_revision_item.ordinal 
_pdbx_audit_revision_item.revision_ordinal 
_pdbx_audit_revision_item.data_content_type 
_pdbx_audit_revision_item.item 
1  7  'Structure model' '_diffrn_source.pdbx_synchrotron_site'         
2  7  'Structure model' '_entity_poly.pdbx_seq_one_letter_code_can'    
3  7  'Structure model' '_pdbx_database_status.recvd_author_approval'  
4  7  'Structure model' '_pdbx_seq_map_depositor_info.one_letter_code' 
5  7  'Structure model' '_struct_conn.pdbx_leaving_atom_flag'          
6  8  'Structure model' '_diffrn_source.pdbx_synchrotron_site'         
7  9  'Structure model' '_diffrn_source.pdbx_synchrotron_site'         
8  10 'Structure model' '_atom_site.B_iso_or_equiv'                    
9  10 'Structure model' '_atom_site.Cartn_x'                           
10 10 'Structure model' '_atom_site.Cartn_y'                           
11 10 'Structure model' '_atom_site.Cartn_z'                           
12 10 'Structure model' '_atom_site.auth_atom_id'                      
13 10 'Structure model' '_atom_site.label_atom_id'                     
14 10 'Structure model' '_chem_comp.name'                              
15 10 'Structure model' '_chem_comp.type'                              
16 10 'Structure model' '_entity.pdbx_description'                     
17 10 'Structure model' '_pdbx_database_status.status_code_sf'         
18 10 'Structure model' '_pdbx_entity_nonpoly.name'                    
19 10 'Structure model' '_struct_conn.pdbx_dist_value'                 
20 10 'Structure model' '_struct_conn.pdbx_leaving_atom_flag'          
21 10 'Structure model' '_struct_conn.ptnr1_label_atom_id'             
22 10 'Structure model' '_struct_conn.ptnr2_auth_comp_id'              
23 10 'Structure model' '_struct_conn.ptnr2_auth_seq_id'               
24 10 'Structure model' '_struct_conn.ptnr2_label_asym_id'             
25 10 'Structure model' '_struct_conn.ptnr2_label_atom_id'             
26 10 'Structure model' '_struct_conn.ptnr2_label_comp_id'             
27 10 'Structure model' '_struct_conn.ptnr2_label_seq_id'              
28 11 'Structure model' '_atom_site.auth_atom_id'                      
29 11 'Structure model' '_atom_site.label_atom_id'                     
30 11 'Structure model' '_chem_comp.pdbx_synonyms'                     
31 11 'Structure model' '_database_2.pdbx_DOI'                         
32 11 'Structure model' '_database_2.pdbx_database_accession'          
33 11 'Structure model' '_struct_conn.pdbx_leaving_atom_flag'          
# 
loop_
_software.name 
_software.classification 
_software.version 
_software.citation_id 
_software.pdbx_ordinal 
SHELXL-97 refinement       . ? 1 
DENZO     'data reduction' . ? 2 
SCALEPACK 'data scaling'   . ? 3 
SHELX     phasing          . ? 4 
# 
_pdbx_entry_details.entry_id                 1HHU 
_pdbx_entry_details.compound_details         
;BALHIMYCIN IS A TRICYCLIC GLYCOPEPTIDE. THE SCAFFOLD IS
A HEPTAPEPTIDE WITH THE CONFIGURATION D-D-L-D-D-L-L. IT IS
FURTHER GLYCOSYLATED BY TWO MONOSACCHARIDES: A D-GLUCOSE
AND A 4-OXO-VANCOSAMINE.
HERE, BALHIMYCIN IS REPRESENTED GROUPING TOGETHER THE
SEQUENCE (SEQRES) AND TWO LIGANDS (HET) DVC AND BGC

 GROUP: 1
  NAME: BALHIMYCIN
  CHAIN: A, B, C, D
  COMPONENT_1: PEPTIDE LIKE SEQUENCE RESIDUES 1 TO 7
  COMPONENT_2: SUGAR RESIDUES 8 AND 9
  DESCRIPTION: BALHIMYCIN IS A TRICYCLIC HEPTAPEPTIDE
               GLYCOSYLATED BY D-GLUCOSE (RESIDUE 8) ON
               RESIDUE 4 AND BY 4-OXO-VANCOSAMINE
               (RESIDUE 9) ON RESIDUE 6.
;
_pdbx_entry_details.source_details           ? 
_pdbx_entry_details.nonpolymer_details       ? 
_pdbx_entry_details.sequence_details         ? 
_pdbx_entry_details.has_ligand_of_interest   ? 
# 
_pdbx_validate_chiral.id              1 
_pdbx_validate_chiral.PDB_model_num   1 
_pdbx_validate_chiral.auth_atom_id    C4 
_pdbx_validate_chiral.label_alt_id    ? 
_pdbx_validate_chiral.auth_asym_id    B 
_pdbx_validate_chiral.auth_comp_id    MPD 
_pdbx_validate_chiral.auth_seq_id     1016 
_pdbx_validate_chiral.PDB_ins_code    ? 
_pdbx_validate_chiral.details         'WRONG HAND' 
_pdbx_validate_chiral.omega           . 
# 
_pdbx_distant_solvent_atoms.id                                1 
_pdbx_distant_solvent_atoms.PDB_model_num                     1 
_pdbx_distant_solvent_atoms.auth_atom_id                      O 
_pdbx_distant_solvent_atoms.label_alt_id                      ? 
_pdbx_distant_solvent_atoms.auth_asym_id                      A 
_pdbx_distant_solvent_atoms.auth_comp_id                      HOH 
_pdbx_distant_solvent_atoms.auth_seq_id                       2002 
_pdbx_distant_solvent_atoms.PDB_ins_code                      ? 
_pdbx_distant_solvent_atoms.neighbor_macromolecule_distance   . 
_pdbx_distant_solvent_atoms.neighbor_ligand_distance          6.13 
# 
loop_
_pdbx_unobs_or_zero_occ_atoms.id 
_pdbx_unobs_or_zero_occ_atoms.PDB_model_num 
_pdbx_unobs_or_zero_occ_atoms.polymer_flag 
_pdbx_unobs_or_zero_occ_atoms.occupancy_flag 
_pdbx_unobs_or_zero_occ_atoms.auth_asym_id 
_pdbx_unobs_or_zero_occ_atoms.auth_comp_id 
_pdbx_unobs_or_zero_occ_atoms.auth_seq_id 
_pdbx_unobs_or_zero_occ_atoms.PDB_ins_code 
_pdbx_unobs_or_zero_occ_atoms.auth_atom_id 
_pdbx_unobs_or_zero_occ_atoms.label_alt_id 
_pdbx_unobs_or_zero_occ_atoms.label_asym_id 
_pdbx_unobs_or_zero_occ_atoms.label_comp_id 
_pdbx_unobs_or_zero_occ_atoms.label_seq_id 
_pdbx_unobs_or_zero_occ_atoms.label_atom_id 
1 1 N 1 A MPD 1019 ? C4 ? M MPD 1 C4 
2 1 N 1 A MPD 1019 ? O4 ? M MPD 1 O4 
3 1 N 1 A MPD 1019 ? C5 ? M MPD 1 C5 
# 
loop_
_chem_comp_atom.comp_id 
_chem_comp_atom.atom_id 
_chem_comp_atom.type_symbol 
_chem_comp_atom.pdbx_aromatic_flag 
_chem_comp_atom.pdbx_stereo_config 
_chem_comp_atom.pdbx_ordinal 
3FG N    N  N N 1   
3FG OD1  O  N N 2   
3FG CD1  C  Y N 3   
3FG CG1  C  Y N 4   
3FG CZ   C  Y N 5   
3FG CD2  C  Y N 6   
3FG OD2  O  N N 7   
3FG CG2  C  Y N 8   
3FG CB   C  Y N 9   
3FG CA   C  N S 10  
3FG C    C  N N 11  
3FG O    O  N N 12  
3FG OXT  O  N N 13  
3FG H    H  N N 14  
3FG H2   H  N N 15  
3FG HA   H  N N 16  
3FG HD1  H  N N 17  
3FG HG1  H  N N 18  
3FG HZ   H  N N 19  
3FG HD2  H  N N 20  
3FG HG2  H  N N 21  
3FG HXT  H  N N 22  
ASN N    N  N N 23  
ASN CA   C  N S 24  
ASN C    C  N N 25  
ASN O    O  N N 26  
ASN CB   C  N N 27  
ASN CG   C  N N 28  
ASN OD1  O  N N 29  
ASN ND2  N  N N 30  
ASN OXT  O  N N 31  
ASN H    H  N N 32  
ASN H2   H  N N 33  
ASN HA   H  N N 34  
ASN HB2  H  N N 35  
ASN HB3  H  N N 36  
ASN HD21 H  N N 37  
ASN HD22 H  N N 38  
ASN HXT  H  N N 39  
BGC C2   C  N R 40  
BGC C3   C  N S 41  
BGC C4   C  N S 42  
BGC C5   C  N R 43  
BGC C6   C  N N 44  
BGC C1   C  N R 45  
BGC O1   O  N N 46  
BGC O2   O  N N 47  
BGC O3   O  N N 48  
BGC O4   O  N N 49  
BGC O5   O  N N 50  
BGC O6   O  N N 51  
BGC H2   H  N N 52  
BGC H3   H  N N 53  
BGC H4   H  N N 54  
BGC H5   H  N N 55  
BGC H61  H  N N 56  
BGC H62  H  N N 57  
BGC H1   H  N N 58  
BGC HO1  H  N N 59  
BGC HO2  H  N N 60  
BGC HO3  H  N N 61  
BGC HO4  H  N N 62  
BGC HO6  H  N N 63  
CIT C1   C  N N 64  
CIT O1   O  N N 65  
CIT O2   O  N N 66  
CIT C2   C  N N 67  
CIT C3   C  N N 68  
CIT O7   O  N N 69  
CIT C4   C  N N 70  
CIT C5   C  N N 71  
CIT O3   O  N N 72  
CIT O4   O  N N 73  
CIT C6   C  N N 74  
CIT O5   O  N N 75  
CIT O6   O  N N 76  
CIT HO2  H  N N 77  
CIT H21  H  N N 78  
CIT H22  H  N N 79  
CIT HO7  H  N N 80  
CIT H41  H  N N 81  
CIT H42  H  N N 82  
CIT HO4  H  N N 83  
CIT HO6  H  N N 84  
DAL N    N  N N 85  
DAL CA   C  N R 86  
DAL CB   C  N N 87  
DAL C    C  N N 88  
DAL O    O  N N 89  
DAL OXT  O  N N 90  
DAL H    H  N N 91  
DAL H2   H  N N 92  
DAL HA   H  N N 93  
DAL HB1  H  N N 94  
DAL HB2  H  N N 95  
DAL HB3  H  N N 96  
DAL HXT  H  N N 97  
DVC C1   C  N R 98  
DVC O1   O  N N 99  
DVC C2   C  N N 100 
DVC C3   C  N S 101 
DVC N3   N  N N 102 
DVC C4   C  N N 103 
DVC O4   O  N N 104 
DVC C5   C  N S 105 
DVC O5   O  N N 106 
DVC C6   C  N N 107 
DVC C3M  C  N N 108 
DVC O41  O  N N 109 
DVC H1   H  N N 110 
DVC HO1  H  N N 111 
DVC H2   H  N N 112 
DVC H2A  H  N N 113 
DVC HN3  H  N N 114 
DVC HN3A H  N N 115 
DVC HO4  H  N N 116 
DVC H5   H  N N 117 
DVC H6   H  N N 118 
DVC H6A  H  N N 119 
DVC H6B  H  N N 120 
DVC H3M  H  N N 121 
DVC H3MA H  N N 122 
DVC H3MB H  N N 123 
DVC HO41 H  N N 124 
GHP N    N  N N 125 
GHP CA   C  N R 126 
GHP C    C  N N 127 
GHP O    O  N N 128 
GHP OXT  O  N N 129 
GHP C1   C  Y N 130 
GHP C2   C  Y N 131 
GHP C3   C  Y N 132 
GHP C4   C  Y N 133 
GHP O4   O  N N 134 
GHP C5   C  Y N 135 
GHP C6   C  Y N 136 
GHP H    H  N N 137 
GHP H2   H  N N 138 
GHP HA   H  N N 139 
GHP HXT  H  N N 140 
GHP HC2  H  N N 141 
GHP H3   H  N N 142 
GHP HO4  H  N N 143 
GHP H5   H  N N 144 
GHP H6   H  N N 145 
HOH O    O  N N 146 
HOH H1   H  N N 147 
HOH H2   H  N N 148 
MLU N    N  N N 149 
MLU CN   C  N N 150 
MLU CA   C  N R 151 
MLU C    C  N N 152 
MLU O    O  N N 153 
MLU CB   C  N N 154 
MLU CG   C  N N 155 
MLU CD1  C  N N 156 
MLU CD2  C  N N 157 
MLU OXT  O  N N 158 
MLU H    H  N N 159 
MLU HCN1 H  N N 160 
MLU HCN2 H  N N 161 
MLU HCN3 H  N N 162 
MLU HA   H  N N 163 
MLU HB2  H  N N 164 
MLU HB3  H  N N 165 
MLU HXT  H  N N 166 
MLU HG   H  N N 167 
MLU HD11 H  N N 168 
MLU HD12 H  N N 169 
MLU HD13 H  N N 170 
MLU HD21 H  N N 171 
MLU HD22 H  N N 172 
MLU HD23 H  N N 173 
MPD C1   C  N N 174 
MPD C2   C  N N 175 
MPD O2   O  N N 176 
MPD CM   C  N N 177 
MPD C3   C  N N 178 
MPD C4   C  N S 179 
MPD O4   O  N N 180 
MPD C5   C  N N 181 
MPD H11  H  N N 182 
MPD H12  H  N N 183 
MPD H13  H  N N 184 
MPD HO2  H  N N 185 
MPD HM1  H  N N 186 
MPD HM2  H  N N 187 
MPD HM3  H  N N 188 
MPD H31  H  N N 189 
MPD H32  H  N N 190 
MPD H4   H  N N 191 
MPD HO4  H  N N 192 
MPD H51  H  N N 193 
MPD H52  H  N N 194 
MPD H53  H  N N 195 
OMY N    N  N N 196 
OMY CA   C  N S 197 
OMY OCZ  O  N N 198 
OMY CE2  C  Y N 199 
OMY CE1  C  Y N 200 
OMY CZ   C  Y N 201 
OMY CG   C  Y N 202 
OMY CD2  C  Y N 203 
OMY CD1  C  Y N 204 
OMY CB   C  N R 205 
OMY CL   CL N N 206 
OMY O    O  N N 207 
OMY C    C  N N 208 
OMY ODE  O  N N 209 
OMY OXT  O  N N 210 
OMY H    H  N N 211 
OMY H2   H  N N 212 
OMY HA   H  N N 213 
OMY HCZ  H  N N 214 
OMY HE2  H  N N 215 
OMY HD2  H  N N 216 
OMY HD1  H  N N 217 
OMY HB   H  N N 218 
OMY HXT  H  N N 219 
OMY HDE  H  N N 220 
OMZ N    N  N N 221 
OMZ CA   C  N R 222 
OMZ C    C  N N 223 
OMZ O    O  N N 224 
OMZ OXT  O  N N 225 
OMZ CB   C  N R 226 
OMZ OC   O  N N 227 
OMZ CG   C  Y N 228 
OMZ CD1  C  Y N 229 
OMZ CD2  C  Y N 230 
OMZ CE1  C  Y N 231 
OMZ CL   CL N N 232 
OMZ CE2  C  Y N 233 
OMZ CZ   C  Y N 234 
OMZ OH   O  N N 235 
OMZ H    H  N N 236 
OMZ H2   H  N N 237 
OMZ HA   H  N N 238 
OMZ HB   H  N N 239 
OMZ HXT  H  N N 240 
OMZ HC   H  N N 241 
OMZ HD1  H  N N 242 
OMZ HD2  H  N N 243 
OMZ HE2  H  N N 244 
OMZ HH   H  N N 245 
# 
loop_
_chem_comp_bond.comp_id 
_chem_comp_bond.atom_id_1 
_chem_comp_bond.atom_id_2 
_chem_comp_bond.value_order 
_chem_comp_bond.pdbx_aromatic_flag 
_chem_comp_bond.pdbx_stereo_config 
_chem_comp_bond.pdbx_ordinal 
3FG N   CA   sing N N 1   
3FG OD1 CD1  sing N N 2   
3FG CD1 CG1  sing Y N 3   
3FG CD1 CZ   doub Y N 4   
3FG CG1 CB   doub Y N 5   
3FG CZ  CD2  sing Y N 6   
3FG CD2 OD2  sing N N 7   
3FG CD2 CG2  doub Y N 8   
3FG CG2 CB   sing Y N 9   
3FG CB  CA   sing N N 10  
3FG CA  C    sing N N 11  
3FG C   O    doub N N 12  
3FG C   OXT  sing N N 13  
3FG N   H    sing N N 14  
3FG N   H2   sing N N 15  
3FG CA  HA   sing N N 16  
3FG OD1 HD1  sing N N 17  
3FG CG1 HG1  sing N N 18  
3FG CZ  HZ   sing N N 19  
3FG OD2 HD2  sing N N 20  
3FG CG2 HG2  sing N N 21  
3FG OXT HXT  sing N N 22  
ASN N   CA   sing N N 23  
ASN N   H    sing N N 24  
ASN N   H2   sing N N 25  
ASN CA  C    sing N N 26  
ASN CA  CB   sing N N 27  
ASN CA  HA   sing N N 28  
ASN C   O    doub N N 29  
ASN C   OXT  sing N N 30  
ASN CB  CG   sing N N 31  
ASN CB  HB2  sing N N 32  
ASN CB  HB3  sing N N 33  
ASN CG  OD1  doub N N 34  
ASN CG  ND2  sing N N 35  
ASN ND2 HD21 sing N N 36  
ASN ND2 HD22 sing N N 37  
ASN OXT HXT  sing N N 38  
BGC C2  C3   sing N N 39  
BGC C2  C1   sing N N 40  
BGC C2  O2   sing N N 41  
BGC C2  H2   sing N N 42  
BGC C3  C4   sing N N 43  
BGC C3  O3   sing N N 44  
BGC C3  H3   sing N N 45  
BGC C4  C5   sing N N 46  
BGC C4  O4   sing N N 47  
BGC C4  H4   sing N N 48  
BGC C5  C6   sing N N 49  
BGC C5  O5   sing N N 50  
BGC C5  H5   sing N N 51  
BGC C6  O6   sing N N 52  
BGC C6  H61  sing N N 53  
BGC C6  H62  sing N N 54  
BGC C1  O1   sing N N 55  
BGC C1  O5   sing N N 56  
BGC C1  H1   sing N N 57  
BGC O1  HO1  sing N N 58  
BGC O2  HO2  sing N N 59  
BGC O3  HO3  sing N N 60  
BGC O4  HO4  sing N N 61  
BGC O6  HO6  sing N N 62  
CIT C1  O1   doub N N 63  
CIT C1  O2   sing N N 64  
CIT C1  C2   sing N N 65  
CIT O2  HO2  sing N N 66  
CIT C2  C3   sing N N 67  
CIT C2  H21  sing N N 68  
CIT C2  H22  sing N N 69  
CIT C3  O7   sing N N 70  
CIT C3  C4   sing N N 71  
CIT C3  C6   sing N N 72  
CIT O7  HO7  sing N N 73  
CIT C4  C5   sing N N 74  
CIT C4  H41  sing N N 75  
CIT C4  H42  sing N N 76  
CIT C5  O3   doub N N 77  
CIT C5  O4   sing N N 78  
CIT O4  HO4  sing N N 79  
CIT C6  O5   doub N N 80  
CIT C6  O6   sing N N 81  
CIT O6  HO6  sing N N 82  
DAL N   CA   sing N N 83  
DAL N   H    sing N N 84  
DAL N   H2   sing N N 85  
DAL CA  CB   sing N N 86  
DAL CA  C    sing N N 87  
DAL CA  HA   sing N N 88  
DAL CB  HB1  sing N N 89  
DAL CB  HB2  sing N N 90  
DAL CB  HB3  sing N N 91  
DAL C   O    doub N N 92  
DAL C   OXT  sing N N 93  
DAL OXT HXT  sing N N 94  
DVC O5  C1   sing N N 95  
DVC C2  C1   sing N N 96  
DVC C1  O1   sing N N 97  
DVC C1  H1   sing N N 98  
DVC O1  HO1  sing N N 99  
DVC C3  C2   sing N N 100 
DVC C2  H2   sing N N 101 
DVC C2  H2A  sing N N 102 
DVC C4  C3   sing N N 103 
DVC N3  C3   sing N N 104 
DVC C3  C3M  sing N N 105 
DVC N3  HN3  sing N N 106 
DVC N3  HN3A sing N N 107 
DVC O41 C4   sing N N 108 
DVC O4  C4   sing N N 109 
DVC C4  C5   sing N N 110 
DVC O4  HO4  sing N N 111 
DVC C6  C5   sing N N 112 
DVC C5  O5   sing N N 113 
DVC C5  H5   sing N N 114 
DVC C6  H6   sing N N 115 
DVC C6  H6A  sing N N 116 
DVC C6  H6B  sing N N 117 
DVC C3M H3M  sing N N 118 
DVC C3M H3MA sing N N 119 
DVC C3M H3MB sing N N 120 
DVC O41 HO41 sing N N 121 
GHP N   CA   sing N N 122 
GHP N   H    sing N N 123 
GHP N   H2   sing N N 124 
GHP CA  C    sing N N 125 
GHP CA  C1   sing N N 126 
GHP CA  HA   sing N N 127 
GHP C   O    doub N N 128 
GHP C   OXT  sing N N 129 
GHP OXT HXT  sing N N 130 
GHP C1  C2   doub Y N 131 
GHP C1  C6   sing Y N 132 
GHP C2  C3   sing Y N 133 
GHP C2  HC2  sing N N 134 
GHP C3  C4   doub Y N 135 
GHP C3  H3   sing N N 136 
GHP C4  O4   sing N N 137 
GHP C4  C5   sing Y N 138 
GHP O4  HO4  sing N N 139 
GHP C5  C6   doub Y N 140 
GHP C5  H5   sing N N 141 
GHP C6  H6   sing N N 142 
HOH O   H1   sing N N 143 
HOH O   H2   sing N N 144 
MLU N   CN   sing N N 145 
MLU N   CA   sing N N 146 
MLU CA  C    sing N N 147 
MLU CA  CB   sing N N 148 
MLU C   O    doub N N 149 
MLU C   OXT  sing N N 150 
MLU CB  CG   sing N N 151 
MLU CG  CD1  sing N N 152 
MLU CG  CD2  sing N N 153 
MLU N   H    sing N N 154 
MLU CN  HCN1 sing N N 155 
MLU CN  HCN2 sing N N 156 
MLU CN  HCN3 sing N N 157 
MLU CA  HA   sing N N 158 
MLU CB  HB2  sing N N 159 
MLU CB  HB3  sing N N 160 
MLU OXT HXT  sing N N 161 
MLU CG  HG   sing N N 162 
MLU CD1 HD11 sing N N 163 
MLU CD1 HD12 sing N N 164 
MLU CD1 HD13 sing N N 165 
MLU CD2 HD21 sing N N 166 
MLU CD2 HD22 sing N N 167 
MLU CD2 HD23 sing N N 168 
MPD C1  C2   sing N N 169 
MPD C1  H11  sing N N 170 
MPD C1  H12  sing N N 171 
MPD C1  H13  sing N N 172 
MPD C2  O2   sing N N 173 
MPD C2  CM   sing N N 174 
MPD C2  C3   sing N N 175 
MPD O2  HO2  sing N N 176 
MPD CM  HM1  sing N N 177 
MPD CM  HM2  sing N N 178 
MPD CM  HM3  sing N N 179 
MPD C3  C4   sing N N 180 
MPD C3  H31  sing N N 181 
MPD C3  H32  sing N N 182 
MPD C4  O4   sing N N 183 
MPD C4  C5   sing N N 184 
MPD C4  H4   sing N N 185 
MPD O4  HO4  sing N N 186 
MPD C5  H51  sing N N 187 
MPD C5  H52  sing N N 188 
MPD C5  H53  sing N N 189 
OMY N   CA   sing N N 190 
OMY OCZ CZ   sing N N 191 
OMY CZ  CE2  sing Y N 192 
OMY CZ  CE1  doub Y N 193 
OMY CE2 CD2  doub Y N 194 
OMY CD2 CG   sing Y N 195 
OMY CG  CD1  doub Y N 196 
OMY CG  CB   sing N N 197 
OMY CD1 CE1  sing Y N 198 
OMY CE1 CL   sing N N 199 
OMY C   O    doub N N 200 
OMY C   CA   sing N N 201 
OMY C   OXT  sing N N 202 
OMY CA  CB   sing N N 203 
OMY CB  ODE  sing N N 204 
OMY N   H    sing N N 205 
OMY N   H2   sing N N 206 
OMY CA  HA   sing N N 207 
OMY OCZ HCZ  sing N N 208 
OMY CE2 HE2  sing N N 209 
OMY CD2 HD2  sing N N 210 
OMY CD1 HD1  sing N N 211 
OMY CB  HB   sing N N 212 
OMY OXT HXT  sing N N 213 
OMY ODE HDE  sing N N 214 
OMZ N   CA   sing N N 215 
OMZ CA  C    sing N N 216 
OMZ CA  CB   sing N N 217 
OMZ C   O    doub N N 218 
OMZ C   OXT  sing N N 219 
OMZ CL  CE1  sing N N 220 
OMZ CB  OC   sing N N 221 
OMZ CB  CG   sing N N 222 
OMZ CG  CD1  doub Y N 223 
OMZ CG  CD2  sing Y N 224 
OMZ CD1 CE1  sing Y N 225 
OMZ CD2 CE2  doub Y N 226 
OMZ CE1 CZ   doub Y N 227 
OMZ CE2 CZ   sing Y N 228 
OMZ CZ  OH   sing N N 229 
OMZ N   H    sing N N 230 
OMZ N   H2   sing N N 231 
OMZ CA  HA   sing N N 232 
OMZ CB  HB   sing N N 233 
OMZ OXT HXT  sing N N 234 
OMZ OC  HC   sing N N 235 
OMZ CD1 HD1  sing N N 236 
OMZ CD2 HD2  sing N N 237 
OMZ CE2 HE2  sing N N 238 
OMZ OH  HH   sing N N 239 
# 
loop_
_pdbx_chem_comp_identifier.comp_id 
_pdbx_chem_comp_identifier.type 
_pdbx_chem_comp_identifier.program 
_pdbx_chem_comp_identifier.program_version 
_pdbx_chem_comp_identifier.identifier 
BGC 'CONDENSED IUPAC CARBOHYDRATE SYMBOL' GMML     1.0 DGlcpb            
BGC 'COMMON NAME'                         GMML     1.0 b-D-glucopyranose 
BGC 'IUPAC CARBOHYDRATE SYMBOL'           PDB-CARE 1.0 b-D-Glcp          
BGC 'SNFG CARBOHYDRATE SYMBOL'            GMML     1.0 Glc               
# 
loop_
_pdbx_entity_nonpoly.entity_id 
_pdbx_entity_nonpoly.name 
_pdbx_entity_nonpoly.comp_id 
2 beta-D-glucopyranose                                 BGC 
3 '(2R,4S,6S)-4-azanyl-4,6-dimethyl-oxane-2,5,5-triol' DVC 
4 D-ALANINE                                            DAL 
5 'CITRIC ACID'                                        CIT 
6 '(4S)-2-METHYL-2,4-PENTANEDIOL'                      MPD 
7 water                                                HOH 
# 
